data_2M5V
#
_entry.id   2M5V
#
_entity_poly.entity_id   1
_entity_poly.type   'polypeptide(L)'
_entity_poly.pdbx_seq_one_letter_code
;GAMAMAKARKPREALLWALSDLEENDFKKLKFYLRDMTLSEGQPPLARGELEGLIPVDLAELLISKYGEKEAVKVVLKGL
KVMNLLELVDQLSHICLHDYRE
;
_entity_poly.pdbx_strand_id   A
#
# COMPACT_ATOMS: atom_id res chain seq x y z
N GLY A 1 21.19 2.19 -9.26
CA GLY A 1 22.62 2.02 -9.09
C GLY A 1 23.36 3.34 -9.10
N ALA A 2 24.31 3.50 -8.18
CA ALA A 2 25.09 4.72 -8.09
C ALA A 2 24.21 5.92 -7.74
N MET A 3 24.83 6.97 -7.20
CA MET A 3 24.10 8.16 -6.82
C MET A 3 23.12 7.87 -5.69
N ALA A 4 22.29 8.86 -5.35
CA ALA A 4 21.32 8.71 -4.29
C ALA A 4 21.99 8.49 -2.94
N MET A 5 21.95 9.50 -2.08
CA MET A 5 22.55 9.42 -0.76
C MET A 5 21.49 9.40 0.33
N ALA A 6 20.85 8.25 0.52
CA ALA A 6 19.81 8.11 1.54
C ALA A 6 20.06 6.89 2.42
N LYS A 7 20.08 7.12 3.73
CA LYS A 7 20.31 6.04 4.68
C LYS A 7 19.18 5.00 4.62
N ALA A 8 19.31 3.95 5.42
CA ALA A 8 18.30 2.90 5.46
C ALA A 8 16.98 3.43 6.00
N ARG A 9 15.88 2.89 5.49
CA ARG A 9 14.55 3.32 5.92
C ARG A 9 13.75 2.13 6.46
N LYS A 10 12.52 2.40 6.85
CA LYS A 10 11.65 1.35 7.39
C LYS A 10 10.63 0.90 6.34
N PRO A 11 10.58 -0.41 6.10
CA PRO A 11 9.65 -1.00 5.13
C PRO A 11 8.20 -0.93 5.58
N ARG A 12 7.95 -1.39 6.80
CA ARG A 12 6.59 -1.37 7.36
C ARG A 12 6.02 0.04 7.35
N GLU A 13 6.82 1.01 7.81
CA GLU A 13 6.38 2.40 7.86
C GLU A 13 6.18 2.95 6.45
N ALA A 14 6.79 2.31 5.47
CA ALA A 14 6.68 2.72 4.08
C ALA A 14 5.28 2.45 3.54
N LEU A 15 4.68 1.35 3.97
CA LEU A 15 3.34 0.98 3.54
C LEU A 15 2.29 1.91 4.14
N LEU A 16 2.51 2.29 5.40
CA LEU A 16 1.57 3.18 6.10
C LEU A 16 1.61 4.58 5.50
N TRP A 17 2.82 5.06 5.22
CA TRP A 17 3.00 6.40 4.65
C TRP A 17 2.58 6.41 3.18
N ALA A 18 2.80 5.29 2.49
CA ALA A 18 2.45 5.17 1.09
C ALA A 18 0.94 5.07 0.90
N LEU A 19 0.35 4.05 1.52
CA LEU A 19 -1.09 3.82 1.42
C LEU A 19 -1.86 5.08 1.80
N SER A 20 -1.24 5.93 2.62
CA SER A 20 -1.88 7.16 3.07
C SER A 20 -1.56 8.30 2.10
N ASP A 21 -0.51 8.12 1.31
CA ASP A 21 -0.09 9.14 0.34
C ASP A 21 -1.10 9.23 -0.81
N LEU A 22 -2.02 8.26 -0.86
CA LEU A 22 -3.03 8.24 -1.92
C LEU A 22 -4.42 8.50 -1.34
N GLU A 23 -5.31 8.97 -2.20
CA GLU A 23 -6.68 9.28 -1.78
C GLU A 23 -7.44 8.00 -1.44
N GLU A 24 -8.37 8.10 -0.49
CA GLU A 24 -9.16 6.95 -0.07
C GLU A 24 -9.91 6.35 -1.26
N ASN A 25 -10.30 7.20 -2.19
CA ASN A 25 -11.03 6.76 -3.38
C ASN A 25 -10.10 6.04 -4.35
N ASP A 26 -8.83 5.90 -3.96
CA ASP A 26 -7.84 5.22 -4.79
C ASP A 26 -7.44 3.88 -4.18
N PHE A 27 -6.95 3.93 -2.94
CA PHE A 27 -6.53 2.71 -2.25
C PHE A 27 -7.69 1.73 -2.11
N LYS A 28 -8.89 2.25 -1.91
CA LYS A 28 -10.07 1.43 -1.76
C LYS A 28 -10.42 0.74 -3.08
N LYS A 29 -10.32 1.49 -4.18
CA LYS A 29 -10.62 0.95 -5.51
C LYS A 29 -9.79 -0.30 -5.79
N LEU A 30 -8.50 -0.24 -5.46
CA LEU A 30 -7.61 -1.36 -5.67
C LEU A 30 -7.91 -2.50 -4.70
N LYS A 31 -7.93 -2.18 -3.41
CA LYS A 31 -8.21 -3.17 -2.38
C LYS A 31 -9.58 -3.81 -2.60
N PHE A 32 -10.47 -3.07 -3.25
CA PHE A 32 -11.82 -3.57 -3.52
C PHE A 32 -11.78 -4.75 -4.48
N TYR A 33 -11.00 -4.61 -5.56
CA TYR A 33 -10.89 -5.66 -6.56
C TYR A 33 -9.65 -6.52 -6.29
N LEU A 34 -8.49 -5.88 -6.21
CA LEU A 34 -7.24 -6.58 -5.94
C LEU A 34 -7.36 -7.46 -4.71
N ARG A 35 -7.68 -6.85 -3.57
CA ARG A 35 -7.82 -7.59 -2.33
C ARG A 35 -8.93 -8.63 -2.43
N ASP A 36 -10.04 -8.25 -3.06
CA ASP A 36 -11.17 -9.15 -3.23
C ASP A 36 -10.71 -10.52 -3.74
N MET A 37 -9.88 -10.50 -4.77
CA MET A 37 -9.36 -11.74 -5.36
C MET A 37 -8.07 -12.16 -4.67
N THR A 38 -7.02 -11.36 -4.83
CA THR A 38 -5.73 -11.66 -4.22
C THR A 38 -5.90 -12.13 -2.79
N LEU A 39 -6.74 -11.44 -2.03
CA LEU A 39 -6.98 -11.78 -0.63
C LEU A 39 -8.38 -12.38 -0.47
N SER A 40 -8.68 -12.82 0.76
CA SER A 40 -9.97 -13.41 1.06
C SER A 40 -10.71 -12.61 2.13
N GLU A 41 -11.27 -11.47 1.72
CA GLU A 41 -11.99 -10.60 2.65
C GLU A 41 -11.18 -10.35 3.91
N GLY A 42 -11.84 -9.86 4.95
CA GLY A 42 -11.16 -9.57 6.20
C GLY A 42 -11.31 -8.13 6.63
N GLN A 43 -12.20 -7.41 5.97
CA GLN A 43 -12.43 -6.00 6.28
C GLN A 43 -13.88 -5.63 6.03
N PRO A 44 -14.28 -4.43 6.50
CA PRO A 44 -15.65 -3.92 6.34
C PRO A 44 -15.97 -3.56 4.89
N PRO A 45 -17.25 -3.27 4.62
CA PRO A 45 -17.71 -2.91 3.29
C PRO A 45 -17.20 -1.54 2.85
N LEU A 46 -17.78 -1.01 1.78
CA LEU A 46 -17.40 0.30 1.26
C LEU A 46 -17.30 1.32 2.39
N ALA A 47 -16.12 1.92 2.53
CA ALA A 47 -15.90 2.92 3.57
C ALA A 47 -14.72 3.81 3.23
N ARG A 48 -15.00 5.01 2.75
CA ARG A 48 -13.96 5.96 2.39
C ARG A 48 -13.26 6.51 3.62
N GLY A 49 -13.88 6.31 4.79
CA GLY A 49 -13.30 6.79 6.03
C GLY A 49 -12.22 5.86 6.56
N GLU A 50 -12.08 4.70 5.93
CA GLU A 50 -11.08 3.72 6.35
C GLU A 50 -9.68 4.29 6.22
N LEU A 51 -9.51 5.24 5.30
CA LEU A 51 -8.21 5.87 5.10
C LEU A 51 -8.23 7.32 5.56
N GLU A 52 -9.30 8.03 5.24
CA GLU A 52 -9.43 9.44 5.62
C GLU A 52 -9.71 9.56 7.11
N GLY A 53 -10.78 8.89 7.56
CA GLY A 53 -11.14 8.94 8.97
C GLY A 53 -10.14 8.22 9.85
N LEU A 54 -9.94 6.93 9.59
CA LEU A 54 -9.01 6.12 10.36
C LEU A 54 -7.56 6.45 10.00
N ILE A 55 -6.64 5.60 10.44
CA ILE A 55 -5.22 5.80 10.16
C ILE A 55 -4.65 4.61 9.40
N PRO A 56 -3.50 4.84 8.73
CA PRO A 56 -2.82 3.80 7.95
C PRO A 56 -2.21 2.73 8.85
N VAL A 57 -1.61 3.15 9.96
CA VAL A 57 -0.99 2.21 10.89
C VAL A 57 -2.02 1.28 11.50
N ASP A 58 -3.29 1.67 11.42
CA ASP A 58 -4.37 0.87 11.97
C ASP A 58 -4.93 -0.07 10.92
N LEU A 59 -5.26 0.48 9.75
CA LEU A 59 -5.82 -0.32 8.66
C LEU A 59 -4.76 -1.22 8.06
N ALA A 60 -3.51 -0.75 8.03
CA ALA A 60 -2.40 -1.53 7.48
C ALA A 60 -2.07 -2.71 8.39
N GLU A 61 -1.95 -2.45 9.69
CA GLU A 61 -1.64 -3.50 10.64
C GLU A 61 -2.65 -4.63 10.57
N LEU A 62 -3.90 -4.29 10.28
CA LEU A 62 -4.97 -5.27 10.19
C LEU A 62 -4.85 -6.06 8.87
N LEU A 63 -4.51 -5.35 7.80
CA LEU A 63 -4.37 -5.99 6.49
C LEU A 63 -3.23 -7.00 6.49
N ILE A 64 -2.08 -6.57 6.99
CA ILE A 64 -0.91 -7.44 7.05
C ILE A 64 -1.19 -8.69 7.88
N SER A 65 -2.03 -8.54 8.90
CA SER A 65 -2.38 -9.66 9.77
C SER A 65 -3.45 -10.55 9.10
N LYS A 66 -4.26 -9.93 8.25
CA LYS A 66 -5.31 -10.65 7.55
C LYS A 66 -4.75 -11.85 6.79
N TYR A 67 -3.92 -11.58 5.80
CA TYR A 67 -3.31 -12.64 5.00
C TYR A 67 -1.80 -12.68 5.22
N GLY A 68 -1.18 -11.51 5.32
CA GLY A 68 0.26 -11.44 5.52
C GLY A 68 0.83 -10.08 5.19
N GLU A 69 1.86 -9.67 5.93
CA GLU A 69 2.49 -8.37 5.71
C GLU A 69 3.19 -8.34 4.36
N LYS A 70 3.55 -9.51 3.86
CA LYS A 70 4.24 -9.62 2.57
C LYS A 70 3.31 -9.17 1.44
N GLU A 71 2.44 -10.07 1.00
CA GLU A 71 1.51 -9.77 -0.08
C GLU A 71 0.76 -8.46 0.20
N ALA A 72 0.59 -8.15 1.47
CA ALA A 72 -0.11 -6.94 1.88
C ALA A 72 0.43 -5.72 1.12
N VAL A 73 1.70 -5.40 1.35
CA VAL A 73 2.32 -4.26 0.69
C VAL A 73 2.22 -4.37 -0.82
N LYS A 74 2.44 -5.59 -1.33
CA LYS A 74 2.37 -5.84 -2.77
C LYS A 74 0.98 -5.52 -3.31
N VAL A 75 -0.04 -5.86 -2.53
CA VAL A 75 -1.43 -5.61 -2.93
C VAL A 75 -1.69 -4.13 -3.13
N VAL A 76 -0.88 -3.30 -2.47
CA VAL A 76 -1.02 -1.86 -2.56
C VAL A 76 -0.40 -1.33 -3.84
N LEU A 77 0.86 -1.70 -4.09
CA LEU A 77 1.57 -1.27 -5.28
C LEU A 77 0.99 -1.93 -6.53
N LYS A 78 0.86 -3.24 -6.50
CA LYS A 78 0.31 -3.99 -7.63
C LYS A 78 -0.98 -3.34 -8.13
N GLY A 79 -1.85 -2.99 -7.21
CA GLY A 79 -3.11 -2.37 -7.58
C GLY A 79 -2.97 -0.88 -7.84
N LEU A 80 -1.93 -0.28 -7.27
CA LEU A 80 -1.68 1.15 -7.45
C LEU A 80 -1.14 1.43 -8.84
N LYS A 81 -0.43 0.47 -9.41
CA LYS A 81 0.14 0.62 -10.74
C LYS A 81 -0.93 1.02 -11.75
N VAL A 82 -1.95 0.18 -11.88
CA VAL A 82 -3.05 0.44 -12.81
C VAL A 82 -3.72 1.78 -12.50
N MET A 83 -3.34 2.38 -11.37
CA MET A 83 -3.91 3.65 -10.97
C MET A 83 -2.99 4.81 -11.35
N ASN A 84 -1.75 4.48 -11.71
CA ASN A 84 -0.77 5.48 -12.09
C ASN A 84 -0.25 6.23 -10.87
N LEU A 85 -0.17 5.53 -9.74
CA LEU A 85 0.32 6.12 -8.50
C LEU A 85 1.82 5.90 -8.34
N LEU A 86 2.52 5.79 -9.46
CA LEU A 86 3.96 5.57 -9.44
C LEU A 86 4.68 6.74 -8.77
N GLU A 87 3.95 7.82 -8.55
CA GLU A 87 4.51 9.02 -7.91
C GLU A 87 5.22 8.65 -6.61
N LEU A 88 4.42 8.38 -5.58
CA LEU A 88 4.97 8.02 -4.26
C LEU A 88 5.43 6.56 -4.26
N VAL A 89 4.77 5.73 -5.04
CA VAL A 89 5.11 4.31 -5.12
C VAL A 89 6.56 4.13 -5.55
N ASP A 90 7.10 5.12 -6.25
CA ASP A 90 8.48 5.07 -6.72
C ASP A 90 9.40 4.53 -5.62
N GLN A 91 9.35 5.15 -4.46
CA GLN A 91 10.18 4.74 -3.32
C GLN A 91 9.59 3.51 -2.65
N LEU A 92 8.37 3.64 -2.14
CA LEU A 92 7.70 2.54 -1.46
C LEU A 92 8.07 1.20 -2.09
N SER A 93 7.97 1.13 -3.41
CA SER A 93 8.29 -0.09 -4.14
C SER A 93 9.75 -0.47 -3.95
N HIS A 94 10.63 0.51 -4.18
CA HIS A 94 12.07 0.29 -4.03
C HIS A 94 12.45 0.11 -2.57
N ILE A 95 11.46 0.19 -1.69
CA ILE A 95 11.69 0.03 -0.26
C ILE A 95 11.05 -1.24 0.26
N CYS A 96 10.14 -1.81 -0.53
CA CYS A 96 9.45 -3.03 -0.15
C CYS A 96 9.85 -4.19 -1.06
N LEU A 97 10.91 -3.98 -1.84
CA LEU A 97 11.39 -5.01 -2.77
C LEU A 97 10.37 -5.24 -3.88
N HIS A 98 10.32 -4.31 -4.83
CA HIS A 98 9.40 -4.43 -5.95
C HIS A 98 9.68 -5.69 -6.76
N ASP A 99 10.91 -6.18 -6.68
CA ASP A 99 11.30 -7.38 -7.41
C ASP A 99 10.38 -8.54 -7.07
N TYR A 100 9.71 -8.46 -5.92
CA TYR A 100 8.79 -9.50 -5.49
C TYR A 100 7.54 -9.52 -6.36
N ARG A 101 7.21 -8.37 -6.92
CA ARG A 101 6.03 -8.25 -7.78
C ARG A 101 6.42 -7.87 -9.20
N GLU A 102 5.66 -8.36 -10.17
CA GLU A 102 5.92 -8.07 -11.58
C GLU A 102 5.49 -6.66 -11.94
N GLY A 1 -3.11 18.54 1.79
CA GLY A 1 -2.71 17.90 0.56
C GLY A 1 -1.28 17.40 0.60
N ALA A 2 -1.05 16.25 -0.03
CA ALA A 2 0.29 15.66 -0.07
C ALA A 2 1.02 16.04 -1.35
N MET A 3 2.35 16.16 -1.26
CA MET A 3 3.16 16.51 -2.43
C MET A 3 4.32 15.54 -2.59
N ALA A 4 5.32 15.67 -1.73
CA ALA A 4 6.50 14.80 -1.79
C ALA A 4 7.39 15.01 -0.57
N MET A 5 7.97 13.93 -0.07
CA MET A 5 8.85 14.00 1.09
C MET A 5 9.44 12.62 1.41
N ALA A 6 10.77 12.58 1.54
CA ALA A 6 11.46 11.33 1.84
C ALA A 6 12.96 11.55 1.96
N LYS A 7 13.52 11.16 3.10
CA LYS A 7 14.95 11.31 3.36
C LYS A 7 15.55 10.04 3.91
N ALA A 8 14.79 8.95 3.83
CA ALA A 8 15.25 7.66 4.33
C ALA A 8 14.95 6.55 3.32
N ARG A 9 15.32 5.32 3.67
CA ARG A 9 15.10 4.18 2.81
C ARG A 9 14.81 2.92 3.62
N LYS A 10 13.60 2.85 4.17
CA LYS A 10 13.18 1.70 4.97
C LYS A 10 12.05 0.93 4.29
N PRO A 11 11.98 -0.37 4.56
CA PRO A 11 10.95 -1.24 3.98
C PRO A 11 9.56 -0.94 4.55
N ARG A 12 9.40 -1.14 5.85
CA ARG A 12 8.12 -0.88 6.51
C ARG A 12 7.63 0.54 6.22
N GLU A 13 8.53 1.51 6.36
CA GLU A 13 8.19 2.90 6.12
C GLU A 13 7.85 3.14 4.64
N ALA A 14 8.29 2.21 3.79
CA ALA A 14 8.04 2.31 2.36
C ALA A 14 6.56 2.13 2.04
N LEU A 15 5.95 1.13 2.68
CA LEU A 15 4.53 0.84 2.48
C LEU A 15 3.67 1.94 3.07
N LEU A 16 4.09 2.48 4.21
CA LEU A 16 3.35 3.54 4.88
C LEU A 16 3.38 4.83 4.06
N TRP A 17 4.56 5.19 3.57
CA TRP A 17 4.71 6.40 2.77
C TRP A 17 4.12 6.20 1.37
N ALA A 18 4.19 4.98 0.87
CA ALA A 18 3.66 4.67 -0.45
C ALA A 18 2.14 4.63 -0.43
N LEU A 19 1.58 3.72 0.37
CA LEU A 19 0.13 3.57 0.47
C LEU A 19 -0.53 4.93 0.74
N SER A 20 0.21 5.82 1.38
CA SER A 20 -0.31 7.15 1.70
C SER A 20 -0.01 8.13 0.57
N ASP A 21 0.99 7.80 -0.25
CA ASP A 21 1.38 8.65 -1.37
C ASP A 21 0.30 8.65 -2.44
N LEU A 22 -0.61 7.70 -2.36
CA LEU A 22 -1.70 7.59 -3.33
C LEU A 22 -3.03 8.00 -2.72
N GLU A 23 -3.91 8.56 -3.54
CA GLU A 23 -5.22 8.99 -3.06
C GLU A 23 -5.99 7.82 -2.44
N GLU A 24 -6.93 8.14 -1.55
CA GLU A 24 -7.73 7.12 -0.89
C GLU A 24 -8.60 6.37 -1.90
N ASN A 25 -9.06 7.09 -2.92
CA ASN A 25 -9.90 6.50 -3.96
C ASN A 25 -9.08 5.61 -4.89
N ASP A 26 -7.80 5.45 -4.56
CA ASP A 26 -6.91 4.62 -5.36
C ASP A 26 -6.49 3.37 -4.61
N PHE A 27 -5.92 3.55 -3.43
CA PHE A 27 -5.49 2.44 -2.60
C PHE A 27 -6.65 1.51 -2.28
N LYS A 28 -7.80 2.10 -1.96
CA LYS A 28 -8.99 1.32 -1.63
C LYS A 28 -9.44 0.49 -2.83
N LYS A 29 -9.42 1.09 -4.01
CA LYS A 29 -9.83 0.42 -5.23
C LYS A 29 -9.04 -0.88 -5.42
N LEU A 30 -7.76 -0.85 -5.06
CA LEU A 30 -6.90 -2.01 -5.19
C LEU A 30 -7.20 -3.03 -4.09
N LYS A 31 -7.15 -2.59 -2.85
CA LYS A 31 -7.41 -3.45 -1.71
C LYS A 31 -8.81 -4.06 -1.80
N PHE A 32 -9.71 -3.37 -2.48
CA PHE A 32 -11.08 -3.83 -2.65
C PHE A 32 -11.12 -5.07 -3.55
N TYR A 33 -10.42 -5.00 -4.67
CA TYR A 33 -10.38 -6.11 -5.61
C TYR A 33 -9.15 -6.99 -5.37
N LEU A 34 -7.97 -6.37 -5.40
CA LEU A 34 -6.72 -7.09 -5.19
C LEU A 34 -6.77 -7.90 -3.89
N ARG A 35 -7.04 -7.22 -2.78
CA ARG A 35 -7.12 -7.88 -1.48
C ARG A 35 -8.28 -8.86 -1.44
N ASP A 36 -9.35 -8.54 -2.17
CA ASP A 36 -10.52 -9.40 -2.22
C ASP A 36 -10.13 -10.84 -2.53
N MET A 37 -9.35 -11.03 -3.59
CA MET A 37 -8.91 -12.36 -3.99
C MET A 37 -7.61 -12.74 -3.29
N THR A 38 -6.54 -12.00 -3.59
CA THR A 38 -5.25 -12.27 -2.99
C THR A 38 -5.37 -12.48 -1.49
N LEU A 39 -6.27 -11.74 -0.86
CA LEU A 39 -6.49 -11.85 0.58
C LEU A 39 -7.96 -12.13 0.89
N SER A 40 -8.28 -12.20 2.17
CA SER A 40 -9.65 -12.47 2.60
C SER A 40 -10.37 -11.17 2.96
N GLU A 41 -11.68 -11.26 3.17
CA GLU A 41 -12.48 -10.10 3.53
C GLU A 41 -12.12 -9.59 4.91
N GLY A 42 -12.89 -8.61 5.40
CA GLY A 42 -12.63 -8.06 6.72
C GLY A 42 -12.45 -6.56 6.69
N GLN A 43 -11.81 -6.05 5.64
CA GLN A 43 -11.58 -4.62 5.49
C GLN A 43 -12.90 -3.87 5.38
N PRO A 44 -12.90 -2.60 5.80
CA PRO A 44 -14.08 -1.74 5.74
C PRO A 44 -14.47 -1.36 4.32
N PRO A 45 -15.74 -0.95 4.13
CA PRO A 45 -16.25 -0.56 2.82
C PRO A 45 -15.64 0.76 2.32
N LEU A 46 -16.11 1.22 1.17
CA LEU A 46 -15.62 2.46 0.60
C LEU A 46 -15.73 3.61 1.60
N ALA A 47 -14.58 4.19 1.95
CA ALA A 47 -14.56 5.30 2.89
C ALA A 47 -13.32 6.18 2.66
N ARG A 48 -13.56 7.47 2.48
CA ARG A 48 -12.48 8.42 2.24
C ARG A 48 -11.69 8.68 3.53
N GLY A 49 -12.33 8.40 4.66
CA GLY A 49 -11.68 8.61 5.94
C GLY A 49 -10.71 7.49 6.29
N GLU A 50 -10.63 6.49 5.42
CA GLU A 50 -9.73 5.36 5.64
C GLU A 50 -8.28 5.77 5.49
N LEU A 51 -7.97 6.41 4.36
CA LEU A 51 -6.61 6.86 4.08
C LEU A 51 -6.39 8.28 4.59
N GLU A 52 -7.30 9.18 4.23
CA GLU A 52 -7.22 10.57 4.65
C GLU A 52 -7.56 10.71 6.14
N GLY A 53 -8.74 10.23 6.51
CA GLY A 53 -9.16 10.30 7.89
C GLY A 53 -8.14 9.70 8.85
N LEU A 54 -7.83 8.43 8.65
CA LEU A 54 -6.87 7.75 9.51
C LEU A 54 -5.44 7.95 9.00
N ILE A 55 -4.52 7.12 9.48
CA ILE A 55 -3.13 7.21 9.07
C ILE A 55 -2.64 5.89 8.48
N PRO A 56 -1.53 5.94 7.73
CA PRO A 56 -0.94 4.77 7.10
C PRO A 56 -0.32 3.80 8.11
N VAL A 57 0.34 4.37 9.12
CA VAL A 57 0.97 3.56 10.16
C VAL A 57 -0.06 2.77 10.95
N ASP A 58 -1.31 3.21 10.89
CA ASP A 58 -2.40 2.54 11.60
C ASP A 58 -3.08 1.52 10.70
N LEU A 59 -3.62 1.99 9.59
CA LEU A 59 -4.31 1.10 8.64
C LEU A 59 -3.37 0.00 8.15
N ALA A 60 -2.10 0.33 8.01
CA ALA A 60 -1.10 -0.63 7.55
C ALA A 60 -0.97 -1.78 8.55
N GLU A 61 -0.89 -1.45 9.83
CA GLU A 61 -0.76 -2.46 10.87
C GLU A 61 -1.90 -3.48 10.79
N LEU A 62 -3.07 -3.01 10.38
CA LEU A 62 -4.24 -3.88 10.26
C LEU A 62 -4.11 -4.81 9.06
N LEU A 63 -3.71 -4.24 7.92
CA LEU A 63 -3.54 -5.01 6.71
C LEU A 63 -2.51 -6.12 6.89
N ILE A 64 -1.34 -5.76 7.40
CA ILE A 64 -0.27 -6.71 7.63
C ILE A 64 -0.73 -7.83 8.57
N SER A 65 -1.64 -7.49 9.48
CA SER A 65 -2.16 -8.47 10.43
C SER A 65 -3.19 -9.37 9.77
N LYS A 66 -3.82 -8.88 8.70
CA LYS A 66 -4.82 -9.64 7.99
C LYS A 66 -4.31 -11.05 7.66
N TYR A 67 -3.28 -11.13 6.84
CA TYR A 67 -2.70 -12.41 6.46
C TYR A 67 -1.18 -12.40 6.66
N GLY A 68 -0.55 -11.28 6.34
CA GLY A 68 0.89 -11.17 6.49
C GLY A 68 1.42 -9.84 6.02
N GLU A 69 2.46 -9.34 6.68
CA GLU A 69 3.07 -8.06 6.31
C GLU A 69 3.73 -8.14 4.95
N LYS A 70 4.23 -9.33 4.60
CA LYS A 70 4.89 -9.54 3.32
C LYS A 70 3.95 -9.24 2.16
N GLU A 71 3.03 -10.16 1.89
CA GLU A 71 2.07 -9.99 0.80
C GLU A 71 1.39 -8.62 0.89
N ALA A 72 1.31 -8.09 2.11
CA ALA A 72 0.68 -6.79 2.32
C ALA A 72 1.23 -5.75 1.35
N VAL A 73 2.52 -5.47 1.46
CA VAL A 73 3.17 -4.49 0.59
C VAL A 73 3.04 -4.88 -0.87
N LYS A 74 3.06 -6.19 -1.12
CA LYS A 74 2.94 -6.70 -2.49
C LYS A 74 1.55 -6.42 -3.06
N VAL A 75 0.53 -6.56 -2.22
CA VAL A 75 -0.84 -6.32 -2.64
C VAL A 75 -1.06 -4.86 -3.00
N VAL A 76 -0.16 -4.00 -2.53
CA VAL A 76 -0.25 -2.56 -2.81
C VAL A 76 0.30 -2.24 -4.19
N LEU A 77 1.51 -2.72 -4.47
CA LEU A 77 2.15 -2.47 -5.75
C LEU A 77 1.44 -3.24 -6.87
N LYS A 78 1.17 -4.51 -6.61
CA LYS A 78 0.49 -5.36 -7.59
C LYS A 78 -0.79 -4.68 -8.10
N GLY A 79 -1.62 -4.24 -7.17
CA GLY A 79 -2.87 -3.59 -7.55
C GLY A 79 -2.65 -2.17 -8.02
N LEU A 80 -1.51 -1.59 -7.65
CA LEU A 80 -1.18 -0.22 -8.03
C LEU A 80 -0.79 -0.15 -9.50
N LYS A 81 -0.21 -1.24 -10.01
CA LYS A 81 0.21 -1.29 -11.41
C LYS A 81 -0.94 -0.92 -12.34
N VAL A 82 -2.05 -1.65 -12.24
CA VAL A 82 -3.22 -1.39 -13.07
C VAL A 82 -3.74 0.03 -12.85
N MET A 83 -3.15 0.73 -11.89
CA MET A 83 -3.56 2.10 -11.58
C MET A 83 -2.56 3.11 -12.18
N ASN A 84 -1.44 2.60 -12.67
CA ASN A 84 -0.41 3.46 -13.26
C ASN A 84 0.25 4.33 -12.19
N LEU A 85 0.29 3.83 -10.96
CA LEU A 85 0.89 4.57 -9.86
C LEU A 85 2.39 4.31 -9.78
N LEU A 86 3.00 4.01 -10.93
CA LEU A 86 4.43 3.73 -10.98
C LEU A 86 5.23 4.93 -10.48
N GLU A 87 4.56 6.07 -10.33
CA GLU A 87 5.22 7.28 -9.87
C GLU A 87 5.99 7.02 -8.58
N LEU A 88 5.27 6.89 -7.47
CA LEU A 88 5.88 6.64 -6.17
C LEU A 88 6.30 5.17 -6.05
N VAL A 89 5.56 4.30 -6.72
CA VAL A 89 5.86 2.87 -6.68
C VAL A 89 7.29 2.59 -7.12
N ASP A 90 7.84 3.49 -7.94
CA ASP A 90 9.20 3.34 -8.43
C ASP A 90 10.13 2.87 -7.32
N GLN A 91 10.14 3.59 -6.21
CA GLN A 91 10.98 3.22 -5.07
C GLN A 91 10.37 2.09 -4.27
N LEU A 92 9.17 2.31 -3.75
CA LEU A 92 8.48 1.29 -2.97
C LEU A 92 8.77 -0.11 -3.51
N SER A 93 8.56 -0.30 -4.80
CA SER A 93 8.80 -1.58 -5.43
C SER A 93 10.26 -1.98 -5.32
N HIS A 94 11.16 -1.05 -5.61
CA HIS A 94 12.58 -1.30 -5.53
C HIS A 94 13.04 -1.42 -4.09
N ILE A 95 12.10 -1.26 -3.16
CA ILE A 95 12.41 -1.36 -1.74
C ILE A 95 11.91 -2.68 -1.16
N CYS A 96 10.77 -3.16 -1.67
CA CYS A 96 10.19 -4.41 -1.20
C CYS A 96 10.35 -5.51 -2.25
N LEU A 97 11.35 -5.35 -3.12
CA LEU A 97 11.60 -6.33 -4.17
C LEU A 97 10.46 -6.34 -5.19
N HIS A 98 10.71 -5.79 -6.37
CA HIS A 98 9.71 -5.74 -7.42
C HIS A 98 9.71 -7.03 -8.23
N ASP A 99 10.87 -7.68 -8.30
CA ASP A 99 11.02 -8.92 -9.04
C ASP A 99 10.09 -10.00 -8.47
N TYR A 100 9.63 -9.78 -7.25
CA TYR A 100 8.74 -10.74 -6.59
C TYR A 100 7.36 -10.74 -7.24
N ARG A 101 7.08 -9.72 -8.04
CA ARG A 101 5.80 -9.61 -8.72
C ARG A 101 6.01 -9.26 -10.20
N GLU A 102 5.24 -9.92 -11.06
CA GLU A 102 5.34 -9.70 -12.50
C GLU A 102 4.99 -8.25 -12.84
N GLY A 1 11.93 8.56 -12.15
CA GLY A 1 12.99 7.56 -12.21
C GLY A 1 13.27 6.94 -10.85
N ALA A 2 14.02 5.84 -10.85
CA ALA A 2 14.38 5.16 -9.61
C ALA A 2 15.75 4.50 -9.72
N MET A 3 16.58 4.72 -8.71
CA MET A 3 17.92 4.15 -8.69
C MET A 3 17.99 2.94 -7.76
N ALA A 4 19.16 2.32 -7.69
CA ALA A 4 19.35 1.15 -6.85
C ALA A 4 20.07 1.52 -5.55
N MET A 5 19.35 2.13 -4.63
CA MET A 5 19.91 2.54 -3.35
C MET A 5 19.24 1.81 -2.20
N ALA A 6 19.99 1.62 -1.11
CA ALA A 6 19.46 0.93 0.07
C ALA A 6 19.28 1.90 1.23
N LYS A 7 18.17 1.76 1.94
CA LYS A 7 17.88 2.62 3.09
C LYS A 7 16.62 2.15 3.81
N ALA A 8 16.71 0.96 4.42
CA ALA A 8 15.58 0.41 5.16
C ALA A 8 15.58 0.87 6.61
N ARG A 9 14.89 1.97 6.88
CA ARG A 9 14.82 2.52 8.23
C ARG A 9 13.57 2.03 8.94
N LYS A 10 12.42 2.60 8.59
CA LYS A 10 11.15 2.22 9.20
C LYS A 10 10.18 1.71 8.14
N PRO A 11 10.19 0.39 7.91
CA PRO A 11 9.31 -0.25 6.93
C PRO A 11 7.85 -0.26 7.37
N ARG A 12 7.60 -0.82 8.55
CA ARG A 12 6.26 -0.88 9.09
C ARG A 12 5.59 0.49 9.08
N GLU A 13 6.32 1.49 9.60
CA GLU A 13 5.80 2.85 9.66
C GLU A 13 5.68 3.44 8.25
N ALA A 14 6.39 2.86 7.30
CA ALA A 14 6.36 3.32 5.92
C ALA A 14 5.02 3.03 5.27
N LEU A 15 4.50 1.83 5.51
CA LEU A 15 3.22 1.41 4.95
C LEU A 15 2.08 2.25 5.51
N LEU A 16 2.16 2.56 6.80
CA LEU A 16 1.14 3.37 7.46
C LEU A 16 1.16 4.81 6.94
N TRP A 17 2.36 5.36 6.82
CA TRP A 17 2.52 6.73 6.33
C TRP A 17 2.25 6.82 4.84
N ALA A 18 2.59 5.74 4.13
CA ALA A 18 2.39 5.70 2.68
C ALA A 18 0.92 5.53 2.33
N LEU A 19 0.32 4.45 2.82
CA LEU A 19 -1.08 4.17 2.57
C LEU A 19 -1.96 5.36 2.94
N SER A 20 -1.47 6.18 3.88
CA SER A 20 -2.20 7.35 4.32
C SER A 20 -1.86 8.57 3.47
N ASP A 21 -0.73 8.48 2.75
CA ASP A 21 -0.30 9.57 1.89
C ASP A 21 -1.11 9.61 0.60
N LEU A 22 -2.08 8.70 0.48
CA LEU A 22 -2.93 8.63 -0.70
C LEU A 22 -4.40 8.77 -0.31
N GLU A 23 -5.23 9.14 -1.29
CA GLU A 23 -6.66 9.32 -1.05
C GLU A 23 -7.34 7.96 -0.89
N GLU A 24 -8.43 7.95 -0.12
CA GLU A 24 -9.17 6.72 0.12
C GLU A 24 -9.69 6.13 -1.19
N ASN A 25 -9.99 7.00 -2.14
CA ASN A 25 -10.50 6.57 -3.44
C ASN A 25 -9.38 5.98 -4.29
N ASP A 26 -8.20 5.83 -3.69
CA ASP A 26 -7.05 5.28 -4.39
C ASP A 26 -6.65 3.93 -3.80
N PHE A 27 -6.40 3.92 -2.48
CA PHE A 27 -6.00 2.70 -1.80
C PHE A 27 -7.06 1.62 -1.95
N LYS A 28 -8.31 1.98 -1.63
CA LYS A 28 -9.42 1.04 -1.72
C LYS A 28 -9.50 0.44 -3.12
N LYS A 29 -9.34 1.29 -4.14
CA LYS A 29 -9.40 0.83 -5.52
C LYS A 29 -8.42 -0.31 -5.77
N LEU A 30 -7.29 -0.28 -5.06
CA LEU A 30 -6.27 -1.31 -5.19
C LEU A 30 -6.69 -2.58 -4.46
N LYS A 31 -7.01 -2.44 -3.18
CA LYS A 31 -7.43 -3.57 -2.36
C LYS A 31 -8.68 -4.22 -2.93
N PHE A 32 -9.48 -3.43 -3.65
CA PHE A 32 -10.72 -3.93 -4.24
C PHE A 32 -10.41 -4.93 -5.35
N TYR A 33 -9.50 -4.57 -6.24
CA TYR A 33 -9.12 -5.43 -7.35
C TYR A 33 -7.90 -6.27 -7.00
N LEU A 34 -6.83 -5.61 -6.59
CA LEU A 34 -5.59 -6.29 -6.22
C LEU A 34 -5.86 -7.37 -5.18
N ARG A 35 -6.39 -6.95 -4.03
CA ARG A 35 -6.70 -7.88 -2.95
C ARG A 35 -7.70 -8.94 -3.40
N ASP A 36 -8.54 -8.57 -4.37
CA ASP A 36 -9.54 -9.49 -4.90
C ASP A 36 -8.89 -10.73 -5.50
N MET A 37 -7.99 -10.50 -6.46
CA MET A 37 -7.29 -11.60 -7.12
C MET A 37 -6.00 -11.95 -6.38
N THR A 38 -5.06 -11.01 -6.38
CA THR A 38 -3.78 -11.22 -5.71
C THR A 38 -3.98 -11.82 -4.32
N LEU A 39 -5.08 -11.45 -3.67
CA LEU A 39 -5.38 -11.96 -2.34
C LEU A 39 -6.82 -12.46 -2.26
N SER A 40 -7.27 -12.79 -1.05
CA SER A 40 -8.62 -13.28 -0.85
C SER A 40 -9.56 -12.16 -0.42
N GLU A 41 -10.84 -12.48 -0.27
CA GLU A 41 -11.83 -11.49 0.13
C GLU A 41 -11.85 -11.33 1.66
N GLY A 42 -12.79 -10.53 2.15
CA GLY A 42 -12.89 -10.31 3.57
C GLY A 42 -12.85 -8.83 3.94
N GLN A 43 -12.31 -8.02 3.03
CA GLN A 43 -12.21 -6.59 3.26
C GLN A 43 -13.58 -5.93 3.23
N PRO A 44 -13.71 -4.79 3.92
CA PRO A 44 -14.96 -4.03 3.98
C PRO A 44 -15.32 -3.38 2.65
N PRO A 45 -16.56 -2.88 2.54
CA PRO A 45 -17.05 -2.23 1.34
C PRO A 45 -16.38 -0.87 1.10
N LEU A 46 -16.65 -0.28 -0.07
CA LEU A 46 -16.08 1.02 -0.40
C LEU A 46 -16.67 2.13 0.46
N ALA A 47 -15.84 2.71 1.31
CA ALA A 47 -16.27 3.79 2.19
C ALA A 47 -15.17 4.80 2.42
N ARG A 48 -15.50 6.08 2.32
CA ARG A 48 -14.52 7.14 2.52
C ARG A 48 -14.01 7.15 3.95
N GLY A 49 -14.79 6.58 4.86
CA GLY A 49 -14.40 6.54 6.25
C GLY A 49 -13.42 5.42 6.54
N GLU A 50 -13.09 4.63 5.52
CA GLU A 50 -12.16 3.52 5.68
C GLU A 50 -10.74 4.03 5.89
N LEU A 51 -10.32 4.96 5.04
CA LEU A 51 -8.98 5.53 5.14
C LEU A 51 -9.00 6.84 5.91
N GLU A 52 -9.91 7.73 5.53
CA GLU A 52 -10.04 9.03 6.19
C GLU A 52 -10.59 8.87 7.60
N GLY A 53 -11.74 8.21 7.71
CA GLY A 53 -12.36 8.00 9.01
C GLY A 53 -11.45 7.26 9.97
N LEU A 54 -11.03 6.05 9.58
CA LEU A 54 -10.16 5.24 10.41
C LEU A 54 -8.71 5.69 10.28
N ILE A 55 -7.79 4.87 10.81
CA ILE A 55 -6.37 5.19 10.75
C ILE A 55 -5.60 4.12 9.99
N PRO A 56 -4.39 4.47 9.53
CA PRO A 56 -3.54 3.54 8.78
C PRO A 56 -2.97 2.44 9.67
N VAL A 57 -2.56 2.81 10.88
CA VAL A 57 -2.00 1.84 11.82
C VAL A 57 -3.03 0.78 12.20
N ASP A 58 -4.30 1.10 11.96
CA ASP A 58 -5.38 0.17 12.28
C ASP A 58 -5.73 -0.69 11.07
N LEU A 59 -6.12 -0.03 9.98
CA LEU A 59 -6.49 -0.73 8.75
C LEU A 59 -5.33 -1.57 8.25
N ALA A 60 -4.11 -1.07 8.42
CA ALA A 60 -2.92 -1.79 7.98
C ALA A 60 -2.78 -3.13 8.70
N GLU A 61 -2.93 -3.10 10.03
CA GLU A 61 -2.81 -4.31 10.84
C GLU A 61 -3.77 -5.38 10.33
N LEU A 62 -4.92 -4.96 9.82
CA LEU A 62 -5.92 -5.88 9.30
C LEU A 62 -5.48 -6.48 7.97
N LEU A 63 -4.97 -5.63 7.09
CA LEU A 63 -4.51 -6.07 5.78
C LEU A 63 -3.39 -7.09 5.91
N ILE A 64 -2.36 -6.74 6.70
CA ILE A 64 -1.24 -7.63 6.91
C ILE A 64 -1.70 -8.99 7.44
N SER A 65 -2.79 -8.99 8.19
CA SER A 65 -3.34 -10.21 8.75
C SER A 65 -4.10 -11.02 7.69
N LYS A 66 -4.55 -10.32 6.66
CA LYS A 66 -5.29 -10.96 5.58
C LYS A 66 -4.57 -12.22 5.09
N TYR A 67 -3.38 -12.03 4.54
CA TYR A 67 -2.59 -13.15 4.03
C TYR A 67 -1.13 -13.01 4.46
N GLY A 68 -0.61 -11.80 4.42
CA GLY A 68 0.77 -11.56 4.79
C GLY A 68 1.12 -10.08 4.77
N GLU A 69 1.97 -9.67 5.71
CA GLU A 69 2.40 -8.28 5.80
C GLU A 69 3.26 -7.89 4.61
N LYS A 70 4.00 -8.87 4.08
CA LYS A 70 4.88 -8.63 2.94
C LYS A 70 4.08 -8.14 1.74
N GLU A 71 3.34 -9.05 1.11
CA GLU A 71 2.53 -8.71 -0.06
C GLU A 71 1.65 -7.51 0.23
N ALA A 72 1.31 -7.31 1.50
CA ALA A 72 0.47 -6.19 1.91
C ALA A 72 0.99 -4.88 1.32
N VAL A 73 2.20 -4.50 1.71
CA VAL A 73 2.81 -3.27 1.23
C VAL A 73 2.91 -3.27 -0.29
N LYS A 74 3.27 -4.42 -0.86
CA LYS A 74 3.40 -4.56 -2.30
C LYS A 74 2.07 -4.29 -3.00
N VAL A 75 0.98 -4.79 -2.42
CA VAL A 75 -0.34 -4.60 -2.98
C VAL A 75 -0.71 -3.12 -3.02
N VAL A 76 -0.06 -2.32 -2.18
CA VAL A 76 -0.32 -0.89 -2.13
C VAL A 76 0.39 -0.16 -3.26
N LEU A 77 1.70 -0.40 -3.38
CA LEU A 77 2.50 0.23 -4.43
C LEU A 77 2.12 -0.30 -5.81
N LYS A 78 2.02 -1.62 -5.92
CA LYS A 78 1.66 -2.25 -7.18
C LYS A 78 0.39 -1.63 -7.76
N GLY A 79 -0.59 -1.37 -6.90
CA GLY A 79 -1.83 -0.78 -7.35
C GLY A 79 -1.76 0.74 -7.40
N LEU A 80 -0.75 1.31 -6.76
CA LEU A 80 -0.58 2.76 -6.74
C LEU A 80 -0.06 3.27 -8.09
N LYS A 81 0.70 2.42 -8.78
CA LYS A 81 1.25 2.78 -10.09
C LYS A 81 0.16 3.27 -11.02
N VAL A 82 -0.88 2.47 -11.20
CA VAL A 82 -2.00 2.84 -12.07
C VAL A 82 -2.68 4.10 -11.57
N MET A 83 -2.24 4.60 -10.42
CA MET A 83 -2.81 5.81 -9.84
C MET A 83 -1.85 6.98 -9.99
N ASN A 84 -0.64 6.70 -10.45
CA ASN A 84 0.37 7.73 -10.63
C ASN A 84 0.82 8.30 -9.29
N LEU A 85 0.86 7.44 -8.29
CA LEU A 85 1.28 7.85 -6.95
C LEU A 85 2.77 7.64 -6.75
N LEU A 86 3.52 7.72 -7.85
CA LEU A 86 4.98 7.54 -7.80
C LEU A 86 5.61 8.54 -6.85
N GLU A 87 4.87 9.60 -6.53
CA GLU A 87 5.37 10.63 -5.63
C GLU A 87 5.85 10.03 -4.31
N LEU A 88 4.92 9.80 -3.40
CA LEU A 88 5.25 9.22 -2.10
C LEU A 88 5.80 7.81 -2.26
N VAL A 89 5.40 7.14 -3.34
CA VAL A 89 5.87 5.78 -3.61
C VAL A 89 7.38 5.74 -3.77
N ASP A 90 7.95 6.83 -4.25
CA ASP A 90 9.39 6.91 -4.46
C ASP A 90 10.15 6.28 -3.29
N GLN A 91 9.82 6.73 -2.08
CA GLN A 91 10.47 6.22 -0.88
C GLN A 91 9.89 4.86 -0.50
N LEU A 92 8.60 4.84 -0.19
CA LEU A 92 7.92 3.61 0.19
C LEU A 92 8.50 2.41 -0.55
N SER A 93 8.54 2.51 -1.87
CA SER A 93 9.07 1.43 -2.69
C SER A 93 10.55 1.18 -2.38
N HIS A 94 11.31 2.26 -2.23
CA HIS A 94 12.73 2.14 -1.92
C HIS A 94 12.94 1.71 -0.47
N ILE A 95 11.84 1.54 0.26
CA ILE A 95 11.90 1.12 1.65
C ILE A 95 11.48 -0.34 1.81
N CYS A 96 10.55 -0.77 0.98
CA CYS A 96 10.06 -2.14 1.02
C CYS A 96 10.63 -2.96 -0.13
N LEU A 97 11.58 -2.38 -0.86
CA LEU A 97 12.20 -3.06 -1.98
C LEU A 97 11.18 -3.30 -3.10
N HIS A 98 11.42 -2.67 -4.25
CA HIS A 98 10.53 -2.81 -5.39
C HIS A 98 10.84 -4.10 -6.16
N ASP A 99 12.07 -4.59 -6.03
CA ASP A 99 12.48 -5.81 -6.71
C ASP A 99 11.54 -6.96 -6.38
N TYR A 100 10.86 -6.86 -5.24
CA TYR A 100 9.92 -7.89 -4.81
C TYR A 100 8.67 -7.88 -5.68
N ARG A 101 8.36 -6.73 -6.26
CA ARG A 101 7.18 -6.59 -7.12
C ARG A 101 7.58 -6.68 -8.59
N GLU A 102 8.44 -7.62 -8.91
CA GLU A 102 8.89 -7.81 -10.28
C GLU A 102 9.37 -6.48 -10.88
N GLY A 1 24.85 -1.72 -13.02
CA GLY A 1 25.70 -1.96 -11.87
C GLY A 1 24.97 -1.79 -10.56
N ALA A 2 25.03 -0.59 -10.00
CA ALA A 2 24.36 -0.30 -8.73
C ALA A 2 24.95 -1.11 -7.59
N MET A 3 24.81 -0.62 -6.37
CA MET A 3 25.33 -1.31 -5.20
C MET A 3 24.38 -1.16 -4.01
N ALA A 4 23.10 -0.95 -4.31
CA ALA A 4 22.09 -0.80 -3.27
C ALA A 4 21.17 -2.02 -3.21
N MET A 5 21.77 -3.19 -3.02
CA MET A 5 21.01 -4.43 -2.93
C MET A 5 20.35 -4.57 -1.57
N ALA A 6 20.78 -3.76 -0.62
CA ALA A 6 20.23 -3.79 0.72
C ALA A 6 19.93 -5.22 1.17
N LYS A 7 18.99 -5.37 2.09
CA LYS A 7 18.62 -6.68 2.59
C LYS A 7 17.15 -6.72 2.99
N ALA A 8 16.75 -5.80 3.86
CA ALA A 8 15.37 -5.73 4.32
C ALA A 8 15.13 -4.47 5.16
N ARG A 9 14.43 -3.50 4.58
CA ARG A 9 14.14 -2.25 5.27
C ARG A 9 12.91 -2.39 6.17
N LYS A 10 12.57 -1.32 6.86
CA LYS A 10 11.42 -1.33 7.75
C LYS A 10 10.67 0.01 7.69
N PRO A 11 10.29 0.41 6.48
CA PRO A 11 9.56 1.68 6.26
C PRO A 11 8.14 1.63 6.79
N ARG A 12 8.01 1.79 8.10
CA ARG A 12 6.70 1.77 8.75
C ARG A 12 5.95 3.07 8.52
N GLU A 13 6.63 4.19 8.78
CA GLU A 13 6.04 5.51 8.60
C GLU A 13 5.89 5.84 7.11
N ALA A 14 6.63 5.12 6.28
CA ALA A 14 6.59 5.34 4.83
C ALA A 14 5.28 4.84 4.24
N LEU A 15 4.90 3.62 4.60
CA LEU A 15 3.66 3.02 4.11
C LEU A 15 2.45 3.83 4.55
N LEU A 16 2.53 4.42 5.74
CA LEU A 16 1.44 5.23 6.28
C LEU A 16 1.36 6.57 5.56
N TRP A 17 2.51 7.15 5.26
CA TRP A 17 2.57 8.44 4.59
C TRP A 17 2.23 8.28 3.11
N ALA A 18 2.59 7.15 2.53
CA ALA A 18 2.31 6.88 1.13
C ALA A 18 0.83 6.58 0.91
N LEU A 19 0.33 5.55 1.57
CA LEU A 19 -1.07 5.16 1.44
C LEU A 19 -1.99 6.33 1.75
N SER A 20 -1.48 7.29 2.52
CA SER A 20 -2.26 8.47 2.90
C SER A 20 -2.05 9.60 1.89
N ASP A 21 -0.98 9.50 1.11
CA ASP A 21 -0.67 10.50 0.10
C ASP A 21 -1.67 10.43 -1.06
N LEU A 22 -2.39 9.32 -1.15
CA LEU A 22 -3.37 9.13 -2.21
C LEU A 22 -4.79 9.27 -1.67
N GLU A 23 -5.73 9.56 -2.56
CA GLU A 23 -7.13 9.72 -2.16
C GLU A 23 -7.76 8.36 -1.83
N GLU A 24 -8.79 8.39 -1.00
CA GLU A 24 -9.48 7.16 -0.60
C GLU A 24 -10.09 6.46 -1.81
N ASN A 25 -10.51 7.25 -2.79
CA ASN A 25 -11.12 6.70 -4.00
C ASN A 25 -10.06 6.08 -4.91
N ASP A 26 -8.82 6.06 -4.43
CA ASP A 26 -7.71 5.49 -5.19
C ASP A 26 -7.18 4.23 -4.52
N PHE A 27 -6.79 4.36 -3.25
CA PHE A 27 -6.25 3.24 -2.50
C PHE A 27 -7.30 2.14 -2.36
N LYS A 28 -8.55 2.54 -2.18
CA LYS A 28 -9.65 1.58 -2.03
C LYS A 28 -9.82 0.75 -3.30
N LYS A 29 -9.80 1.42 -4.45
CA LYS A 29 -9.95 0.74 -5.73
C LYS A 29 -8.94 -0.39 -5.87
N LEU A 30 -7.74 -0.17 -5.37
CA LEU A 30 -6.68 -1.18 -5.44
C LEU A 30 -6.98 -2.34 -4.50
N LYS A 31 -7.21 -2.02 -3.23
CA LYS A 31 -7.51 -3.05 -2.23
C LYS A 31 -8.68 -3.92 -2.68
N PHE A 32 -9.56 -3.34 -3.51
CA PHE A 32 -10.71 -4.07 -4.00
C PHE A 32 -10.29 -5.19 -4.95
N TYR A 33 -9.40 -4.87 -5.88
CA TYR A 33 -8.92 -5.85 -6.85
C TYR A 33 -7.60 -6.47 -6.38
N LEU A 34 -6.62 -5.62 -6.10
CA LEU A 34 -5.31 -6.08 -5.65
C LEU A 34 -5.45 -7.01 -4.44
N ARG A 35 -6.06 -6.49 -3.38
CA ARG A 35 -6.26 -7.28 -2.16
C ARG A 35 -7.14 -8.50 -2.44
N ASP A 36 -8.13 -8.32 -3.29
CA ASP A 36 -9.04 -9.41 -3.64
C ASP A 36 -8.26 -10.66 -4.02
N MET A 37 -7.32 -10.52 -4.94
CA MET A 37 -6.50 -11.64 -5.39
C MET A 37 -5.27 -11.80 -4.50
N THR A 38 -4.39 -10.81 -4.54
CA THR A 38 -3.16 -10.85 -3.75
C THR A 38 -3.45 -11.30 -2.32
N LEU A 39 -4.34 -10.58 -1.64
CA LEU A 39 -4.69 -10.93 -0.26
C LEU A 39 -5.88 -11.87 -0.23
N SER A 40 -6.16 -12.43 0.95
CA SER A 40 -7.27 -13.36 1.11
C SER A 40 -8.43 -12.69 1.86
N GLU A 41 -9.33 -13.51 2.39
CA GLU A 41 -10.48 -13.00 3.13
C GLU A 41 -10.13 -12.78 4.59
N GLY A 42 -10.96 -12.01 5.29
CA GLY A 42 -10.73 -11.73 6.69
C GLY A 42 -10.51 -10.25 6.95
N GLN A 43 -11.17 -9.41 6.17
CA GLN A 43 -11.05 -7.96 6.32
C GLN A 43 -12.40 -7.28 6.20
N PRO A 44 -12.47 -6.02 6.65
CA PRO A 44 -13.71 -5.23 6.60
C PRO A 44 -14.10 -4.85 5.17
N PRO A 45 -15.31 -4.31 5.01
CA PRO A 45 -15.83 -3.89 3.71
C PRO A 45 -15.10 -2.66 3.16
N LEU A 46 -15.67 -2.06 2.12
CA LEU A 46 -15.07 -0.87 1.51
C LEU A 46 -15.77 0.40 1.98
N ALA A 47 -14.98 1.35 2.47
CA ALA A 47 -15.53 2.61 2.95
C ALA A 47 -14.62 3.78 2.59
N ARG A 48 -15.21 4.90 2.20
CA ARG A 48 -14.44 6.09 1.83
C ARG A 48 -13.83 6.74 3.06
N GLY A 49 -14.47 6.55 4.22
CA GLY A 49 -13.97 7.13 5.45
C GLY A 49 -12.85 6.32 6.06
N GLU A 50 -12.52 5.20 5.43
CA GLU A 50 -11.46 4.33 5.92
C GLU A 50 -10.09 4.99 5.74
N LEU A 51 -10.02 5.97 4.85
CA LEU A 51 -8.78 6.68 4.58
C LEU A 51 -8.90 8.15 4.96
N GLU A 52 -10.03 8.76 4.59
CA GLU A 52 -10.27 10.17 4.89
C GLU A 52 -10.57 10.35 6.37
N GLY A 53 -11.57 9.64 6.87
CA GLY A 53 -11.94 9.74 8.27
C GLY A 53 -10.92 9.10 9.19
N LEU A 54 -10.66 7.81 8.99
CA LEU A 54 -9.71 7.08 9.81
C LEU A 54 -8.28 7.57 9.54
N ILE A 55 -7.31 6.85 10.10
CA ILE A 55 -5.90 7.20 9.91
C ILE A 55 -5.13 6.06 9.27
N PRO A 56 -3.97 6.39 8.67
CA PRO A 56 -3.11 5.40 8.01
C PRO A 56 -2.44 4.46 9.01
N VAL A 57 -1.99 5.02 10.12
CA VAL A 57 -1.34 4.23 11.16
C VAL A 57 -2.28 3.19 11.75
N ASP A 58 -3.58 3.41 11.57
CA ASP A 58 -4.59 2.49 12.08
C ASP A 58 -4.98 1.47 11.02
N LEU A 59 -5.48 1.96 9.89
CA LEU A 59 -5.89 1.10 8.80
C LEU A 59 -4.73 0.21 8.34
N ALA A 60 -3.53 0.75 8.39
CA ALA A 60 -2.33 0.02 7.98
C ALA A 60 -2.10 -1.20 8.88
N GLU A 61 -2.24 -0.99 10.19
CA GLU A 61 -2.05 -2.06 11.16
C GLU A 61 -2.95 -3.25 10.84
N LEU A 62 -4.15 -2.95 10.34
CA LEU A 62 -5.12 -3.99 10.00
C LEU A 62 -4.69 -4.72 8.74
N LEU A 63 -4.26 -3.97 7.73
CA LEU A 63 -3.83 -4.55 6.46
C LEU A 63 -2.65 -5.49 6.67
N ILE A 64 -1.62 -5.00 7.35
CA ILE A 64 -0.43 -5.79 7.62
C ILE A 64 -0.78 -7.07 8.35
N SER A 65 -1.84 -7.03 9.16
CA SER A 65 -2.28 -8.18 9.93
C SER A 65 -3.03 -9.17 9.03
N LYS A 66 -3.57 -8.66 7.93
CA LYS A 66 -4.31 -9.49 6.99
C LYS A 66 -3.53 -10.75 6.64
N TYR A 67 -2.38 -10.57 6.00
CA TYR A 67 -1.53 -11.70 5.61
C TYR A 67 -0.08 -11.42 5.96
N GLY A 68 0.36 -10.18 5.74
CA GLY A 68 1.73 -9.81 6.02
C GLY A 68 2.00 -8.34 5.77
N GLU A 69 2.85 -7.75 6.59
CA GLU A 69 3.19 -6.34 6.45
C GLU A 69 3.98 -6.09 5.18
N LYS A 70 4.76 -7.08 4.77
CA LYS A 70 5.57 -6.99 3.55
C LYS A 70 4.69 -6.71 2.34
N GLU A 71 3.99 -7.75 1.88
CA GLU A 71 3.11 -7.61 0.72
C GLU A 71 2.16 -6.42 0.88
N ALA A 72 1.87 -6.07 2.14
CA ALA A 72 0.99 -4.95 2.42
C ALA A 72 1.39 -3.71 1.63
N VAL A 73 2.59 -3.20 1.91
CA VAL A 73 3.09 -2.02 1.23
C VAL A 73 3.14 -2.24 -0.28
N LYS A 74 3.45 -3.47 -0.69
CA LYS A 74 3.52 -3.81 -2.10
C LYS A 74 2.15 -3.71 -2.77
N VAL A 75 1.13 -4.20 -2.07
CA VAL A 75 -0.24 -4.16 -2.59
C VAL A 75 -0.68 -2.73 -2.85
N VAL A 76 -0.01 -1.78 -2.21
CA VAL A 76 -0.35 -0.36 -2.36
C VAL A 76 0.27 0.20 -3.64
N LEU A 77 1.56 -0.01 -3.82
CA LEU A 77 2.27 0.47 -5.00
C LEU A 77 1.85 -0.30 -6.24
N LYS A 78 1.77 -1.62 -6.11
CA LYS A 78 1.38 -2.47 -7.23
C LYS A 78 0.05 -2.01 -7.82
N GLY A 79 -0.91 -1.71 -6.96
CA GLY A 79 -2.21 -1.27 -7.42
C GLY A 79 -2.25 0.23 -7.69
N LEU A 80 -1.27 0.94 -7.15
CA LEU A 80 -1.19 2.39 -7.32
C LEU A 80 -0.76 2.74 -8.74
N LYS A 81 0.03 1.86 -9.34
CA LYS A 81 0.52 2.07 -10.70
C LYS A 81 -0.63 2.37 -11.65
N VAL A 82 -1.60 1.46 -11.71
CA VAL A 82 -2.76 1.64 -12.58
C VAL A 82 -3.53 2.90 -12.22
N MET A 83 -3.12 3.56 -11.14
CA MET A 83 -3.76 4.78 -10.70
C MET A 83 -2.92 6.01 -11.02
N ASN A 84 -1.72 5.76 -11.56
CA ASN A 84 -0.81 6.84 -11.92
C ASN A 84 -0.37 7.61 -10.68
N LEU A 85 0.08 6.88 -9.66
CA LEU A 85 0.53 7.49 -8.42
C LEU A 85 2.04 7.34 -8.26
N LEU A 86 2.74 7.26 -9.38
CA LEU A 86 4.20 7.11 -9.36
C LEU A 86 4.86 8.31 -8.68
N GLU A 87 4.09 9.38 -8.51
CA GLU A 87 4.60 10.59 -7.88
C GLU A 87 5.24 10.28 -6.53
N LEU A 88 4.40 10.11 -5.50
CA LEU A 88 4.89 9.81 -4.17
C LEU A 88 5.45 8.40 -4.10
N VAL A 89 4.95 7.52 -4.96
CA VAL A 89 5.41 6.14 -5.00
C VAL A 89 6.89 6.06 -5.31
N ASP A 90 7.39 7.04 -6.07
CA ASP A 90 8.80 7.08 -6.43
C ASP A 90 9.68 6.66 -5.26
N GLN A 91 9.47 7.30 -4.10
CA GLN A 91 10.24 7.00 -2.91
C GLN A 91 9.75 5.71 -2.25
N LEU A 92 8.47 5.71 -1.86
CA LEU A 92 7.88 4.55 -1.22
C LEU A 92 8.42 3.25 -1.81
N SER A 93 8.35 3.14 -3.13
CA SER A 93 8.84 1.95 -3.83
C SER A 93 10.35 1.82 -3.68
N HIS A 94 11.04 2.96 -3.71
CA HIS A 94 12.49 2.97 -3.58
C HIS A 94 12.91 2.58 -2.17
N ILE A 95 11.94 2.31 -1.31
CA ILE A 95 12.21 1.93 0.06
C ILE A 95 11.72 0.52 0.35
N CYS A 96 10.70 0.10 -0.39
CA CYS A 96 10.13 -1.24 -0.22
C CYS A 96 10.66 -2.19 -1.27
N LEU A 97 11.69 -1.77 -1.99
CA LEU A 97 12.30 -2.59 -3.02
C LEU A 97 11.31 -2.85 -4.16
N HIS A 98 11.36 -2.00 -5.18
CA HIS A 98 10.47 -2.14 -6.34
C HIS A 98 10.81 -3.39 -7.14
N ASP A 99 12.06 -3.83 -7.04
CA ASP A 99 12.51 -5.02 -7.76
C ASP A 99 11.64 -6.22 -7.43
N TYR A 100 10.96 -6.15 -6.29
CA TYR A 100 10.08 -7.24 -5.86
C TYR A 100 8.86 -7.35 -6.75
N ARG A 101 8.47 -6.23 -7.36
CA ARG A 101 7.31 -6.19 -8.25
C ARG A 101 7.74 -6.28 -9.71
N GLU A 102 6.93 -6.95 -10.51
CA GLU A 102 7.22 -7.11 -11.94
C GLU A 102 6.87 -5.83 -12.70
N GLY A 1 0.08 13.88 -7.30
CA GLY A 1 1.18 14.80 -7.47
C GLY A 1 2.45 14.31 -6.82
N ALA A 2 2.83 14.94 -5.70
CA ALA A 2 4.05 14.57 -4.99
C ALA A 2 5.29 14.88 -5.81
N MET A 3 6.26 15.53 -5.17
CA MET A 3 7.51 15.88 -5.84
C MET A 3 8.67 15.91 -4.86
N ALA A 4 9.06 14.74 -4.38
CA ALA A 4 10.16 14.62 -3.43
C ALA A 4 10.56 13.17 -3.21
N MET A 5 11.77 12.96 -2.71
CA MET A 5 12.26 11.61 -2.45
C MET A 5 12.85 11.51 -1.05
N ALA A 6 13.37 10.34 -0.71
CA ALA A 6 13.96 10.11 0.60
C ALA A 6 14.71 8.78 0.65
N LYS A 7 15.85 8.77 1.33
CA LYS A 7 16.65 7.55 1.44
C LYS A 7 16.34 6.82 2.75
N ALA A 8 16.14 5.50 2.64
CA ALA A 8 15.83 4.68 3.80
C ALA A 8 15.78 3.21 3.43
N ARG A 9 15.97 2.34 4.43
CA ARG A 9 15.95 0.91 4.21
C ARG A 9 14.78 0.27 4.95
N LYS A 10 14.29 0.96 5.97
CA LYS A 10 13.17 0.46 6.76
C LYS A 10 12.03 -0.03 5.87
N PRO A 11 11.77 -1.35 5.90
CA PRO A 11 10.71 -1.97 5.10
C PRO A 11 9.32 -1.58 5.58
N ARG A 12 9.05 -1.85 6.85
CA ARG A 12 7.76 -1.53 7.44
C ARG A 12 7.39 -0.07 7.21
N GLU A 13 8.34 0.82 7.50
CA GLU A 13 8.13 2.25 7.32
C GLU A 13 8.02 2.61 5.84
N ALA A 14 8.51 1.72 4.99
CA ALA A 14 8.47 1.93 3.55
C ALA A 14 7.04 1.84 3.02
N LEU A 15 6.27 0.92 3.60
CA LEU A 15 4.88 0.72 3.18
C LEU A 15 4.01 1.88 3.63
N LEU A 16 4.28 2.40 4.83
CA LEU A 16 3.52 3.50 5.38
C LEU A 16 3.79 4.79 4.60
N TRP A 17 5.05 5.02 4.27
CA TRP A 17 5.45 6.21 3.52
C TRP A 17 5.06 6.09 2.06
N ALA A 18 5.09 4.86 1.54
CA ALA A 18 4.73 4.62 0.15
C ALA A 18 3.22 4.71 -0.06
N LEU A 19 2.47 3.88 0.64
CA LEU A 19 1.01 3.88 0.54
C LEU A 19 0.45 5.27 0.82
N SER A 20 1.21 6.08 1.56
CA SER A 20 0.77 7.42 1.91
C SER A 20 1.25 8.42 0.86
N ASP A 21 2.23 8.02 0.07
CA ASP A 21 2.78 8.89 -0.97
C ASP A 21 1.77 9.07 -2.10
N LEU A 22 0.74 8.24 -2.12
CA LEU A 22 -0.30 8.31 -3.14
C LEU A 22 -1.58 8.88 -2.57
N GLU A 23 -2.44 9.39 -3.45
CA GLU A 23 -3.72 9.97 -3.02
C GLU A 23 -4.69 8.87 -2.60
N GLU A 24 -5.69 9.25 -1.81
CA GLU A 24 -6.69 8.31 -1.33
C GLU A 24 -7.50 7.74 -2.49
N ASN A 25 -7.71 8.56 -3.52
CA ASN A 25 -8.46 8.13 -4.69
C ASN A 25 -7.65 7.17 -5.55
N ASP A 26 -6.45 6.84 -5.08
CA ASP A 26 -5.57 5.92 -5.80
C ASP A 26 -5.40 4.62 -5.03
N PHE A 27 -4.95 4.73 -3.79
CA PHE A 27 -4.73 3.56 -2.94
C PHE A 27 -6.05 2.81 -2.72
N LYS A 28 -7.13 3.55 -2.56
CA LYS A 28 -8.44 2.96 -2.34
C LYS A 28 -8.88 2.13 -3.55
N LYS A 29 -8.69 2.69 -4.74
CA LYS A 29 -9.06 2.01 -5.97
C LYS A 29 -8.42 0.62 -6.04
N LEU A 30 -7.17 0.53 -5.59
CA LEU A 30 -6.46 -0.74 -5.60
C LEU A 30 -7.04 -1.70 -4.56
N LYS A 31 -7.13 -1.25 -3.33
CA LYS A 31 -7.68 -2.07 -2.25
C LYS A 31 -9.09 -2.53 -2.58
N PHE A 32 -9.80 -1.74 -3.39
CA PHE A 32 -11.16 -2.06 -3.78
C PHE A 32 -11.20 -3.36 -4.57
N TYR A 33 -10.32 -3.46 -5.57
CA TYR A 33 -10.26 -4.65 -6.42
C TYR A 33 -9.19 -5.62 -5.92
N LEU A 34 -7.96 -5.12 -5.77
CA LEU A 34 -6.86 -5.93 -5.30
C LEU A 34 -7.21 -6.63 -3.99
N ARG A 35 -7.55 -5.85 -2.98
CA ARG A 35 -7.91 -6.39 -1.68
C ARG A 35 -9.15 -7.28 -1.78
N ASP A 36 -10.10 -6.85 -2.61
CA ASP A 36 -11.33 -7.60 -2.80
C ASP A 36 -11.04 -9.08 -3.06
N MET A 37 -10.13 -9.34 -3.99
CA MET A 37 -9.76 -10.71 -4.34
C MET A 37 -8.60 -11.19 -3.48
N THR A 38 -7.44 -10.54 -3.64
CA THR A 38 -6.26 -10.90 -2.88
C THR A 38 -6.60 -11.14 -1.41
N LEU A 39 -7.35 -10.21 -0.82
CA LEU A 39 -7.75 -10.32 0.58
C LEU A 39 -9.28 -10.31 0.71
N SER A 40 -9.79 -9.29 1.38
CA SER A 40 -11.23 -9.15 1.59
C SER A 40 -11.78 -10.35 2.36
N GLU A 41 -12.02 -10.15 3.65
CA GLU A 41 -12.55 -11.21 4.50
C GLU A 41 -12.74 -10.72 5.93
N GLY A 42 -13.41 -9.57 6.06
CA GLY A 42 -13.66 -9.01 7.38
C GLY A 42 -13.15 -7.58 7.51
N GLN A 43 -12.44 -7.12 6.49
CA GLN A 43 -11.89 -5.76 6.48
C GLN A 43 -13.01 -4.73 6.59
N PRO A 44 -12.66 -3.52 7.05
CA PRO A 44 -13.62 -2.42 7.21
C PRO A 44 -14.11 -1.89 5.87
N PRO A 45 -15.15 -1.05 5.92
CA PRO A 45 -15.74 -0.45 4.71
C PRO A 45 -14.83 0.58 4.06
N LEU A 46 -14.92 0.70 2.75
CA LEU A 46 -14.10 1.65 2.00
C LEU A 46 -14.52 3.09 2.33
N ALA A 47 -13.54 3.98 2.42
CA ALA A 47 -13.80 5.38 2.71
C ALA A 47 -12.64 6.27 2.26
N ARG A 48 -12.97 7.42 1.67
CA ARG A 48 -11.95 8.34 1.18
C ARG A 48 -11.21 8.99 2.35
N GLY A 49 -11.93 9.26 3.44
CA GLY A 49 -11.32 9.88 4.60
C GLY A 49 -10.36 8.93 5.31
N GLU A 50 -10.27 7.70 4.82
CA GLU A 50 -9.39 6.70 5.42
C GLU A 50 -7.93 7.13 5.29
N LEU A 51 -7.36 6.91 4.12
CA LEU A 51 -5.97 7.28 3.87
C LEU A 51 -5.77 8.78 3.94
N GLU A 52 -6.83 9.53 3.65
CA GLU A 52 -6.78 10.98 3.70
C GLU A 52 -6.75 11.49 5.14
N GLY A 53 -7.74 11.07 5.93
CA GLY A 53 -7.81 11.49 7.30
C GLY A 53 -6.92 10.66 8.21
N LEU A 54 -7.16 9.36 8.24
CA LEU A 54 -6.38 8.45 9.07
C LEU A 54 -4.90 8.50 8.68
N ILE A 55 -4.13 7.57 9.22
CA ILE A 55 -2.69 7.51 8.94
C ILE A 55 -2.30 6.15 8.35
N PRO A 56 -1.15 6.11 7.67
CA PRO A 56 -0.64 4.87 7.06
C PRO A 56 -0.20 3.85 8.10
N VAL A 57 0.46 4.32 9.15
CA VAL A 57 0.93 3.45 10.22
C VAL A 57 -0.23 2.75 10.92
N ASP A 58 -1.42 3.33 10.79
CA ASP A 58 -2.61 2.76 11.42
C ASP A 58 -3.32 1.81 10.45
N LEU A 59 -3.73 2.33 9.31
CA LEU A 59 -4.42 1.52 8.31
C LEU A 59 -3.56 0.33 7.89
N ALA A 60 -2.25 0.52 7.87
CA ALA A 60 -1.33 -0.54 7.48
C ALA A 60 -1.38 -1.69 8.47
N GLU A 61 -1.38 -1.37 9.76
CA GLU A 61 -1.43 -2.38 10.81
C GLU A 61 -2.64 -3.29 10.63
N LEU A 62 -3.73 -2.72 10.13
CA LEU A 62 -4.96 -3.47 9.91
C LEU A 62 -4.83 -4.40 8.71
N LEU A 63 -4.26 -3.87 7.63
CA LEU A 63 -4.07 -4.66 6.42
C LEU A 63 -3.15 -5.85 6.67
N ILE A 64 -2.00 -5.58 7.26
CA ILE A 64 -1.03 -6.63 7.56
C ILE A 64 -1.65 -7.72 8.42
N SER A 65 -2.58 -7.33 9.29
CA SER A 65 -3.26 -8.27 10.17
C SER A 65 -4.35 -9.03 9.41
N LYS A 66 -4.93 -8.38 8.42
CA LYS A 66 -5.98 -8.99 7.61
C LYS A 66 -5.55 -10.37 7.11
N TYR A 67 -4.52 -10.39 6.28
CA TYR A 67 -4.01 -11.63 5.72
C TYR A 67 -2.53 -11.82 6.06
N GLY A 68 -1.78 -10.73 6.00
CA GLY A 68 -0.36 -10.79 6.30
C GLY A 68 0.38 -9.54 5.85
N GLU A 69 1.41 -9.18 6.60
CA GLU A 69 2.20 -7.99 6.28
C GLU A 69 2.90 -8.15 4.92
N LYS A 70 3.21 -9.39 4.58
CA LYS A 70 3.88 -9.68 3.31
C LYS A 70 3.03 -9.22 2.14
N GLU A 71 2.00 -9.99 1.80
CA GLU A 71 1.11 -9.65 0.68
C GLU A 71 0.64 -8.21 0.80
N ALA A 72 0.58 -7.71 2.03
CA ALA A 72 0.14 -6.33 2.28
C ALA A 72 0.85 -5.35 1.35
N VAL A 73 2.17 -5.26 1.50
CA VAL A 73 2.97 -4.35 0.69
C VAL A 73 2.78 -4.65 -0.80
N LYS A 74 2.63 -5.93 -1.13
CA LYS A 74 2.43 -6.34 -2.51
C LYS A 74 1.12 -5.81 -3.06
N VAL A 75 0.07 -5.88 -2.24
CA VAL A 75 -1.25 -5.41 -2.65
C VAL A 75 -1.21 -3.92 -3.00
N VAL A 76 -0.24 -3.21 -2.46
CA VAL A 76 -0.09 -1.78 -2.73
C VAL A 76 0.58 -1.53 -4.06
N LEU A 77 1.74 -2.17 -4.26
CA LEU A 77 2.49 -2.02 -5.52
C LEU A 77 1.75 -2.69 -6.67
N LYS A 78 1.40 -3.95 -6.49
CA LYS A 78 0.68 -4.71 -7.52
C LYS A 78 -0.50 -3.90 -8.06
N GLY A 79 -1.23 -3.27 -7.16
CA GLY A 79 -2.38 -2.48 -7.55
C GLY A 79 -2.00 -1.07 -7.97
N LEU A 80 -0.84 -0.61 -7.50
CA LEU A 80 -0.37 0.73 -7.82
C LEU A 80 0.13 0.80 -9.26
N LYS A 81 0.64 -0.33 -9.77
CA LYS A 81 1.14 -0.39 -11.13
C LYS A 81 0.10 0.12 -12.12
N VAL A 82 -1.07 -0.51 -12.12
CA VAL A 82 -2.15 -0.11 -13.02
C VAL A 82 -2.56 1.34 -12.77
N MET A 83 -2.01 1.94 -11.72
CA MET A 83 -2.31 3.32 -11.38
C MET A 83 -1.19 4.25 -11.81
N ASN A 84 -0.08 3.67 -12.28
CA ASN A 84 1.07 4.44 -12.72
C ASN A 84 1.74 5.14 -11.53
N LEU A 85 2.07 4.37 -10.51
CA LEU A 85 2.71 4.90 -9.32
C LEU A 85 4.10 4.30 -9.13
N LEU A 86 4.70 3.85 -10.22
CA LEU A 86 6.02 3.25 -10.18
C LEU A 86 7.06 4.25 -9.67
N GLU A 87 6.69 5.53 -9.66
CA GLU A 87 7.58 6.58 -9.19
C GLU A 87 8.12 6.26 -7.79
N LEU A 88 7.28 6.47 -6.78
CA LEU A 88 7.66 6.21 -5.40
C LEU A 88 7.78 4.71 -5.15
N VAL A 89 7.04 3.93 -5.91
CA VAL A 89 7.06 2.48 -5.77
C VAL A 89 8.44 1.91 -6.11
N ASP A 90 9.15 2.60 -6.99
CA ASP A 90 10.48 2.17 -7.39
C ASP A 90 11.29 1.68 -6.20
N GLN A 91 11.35 2.49 -5.15
CA GLN A 91 12.09 2.14 -3.94
C GLN A 91 11.28 1.17 -3.08
N LEU A 92 10.11 1.61 -2.64
CA LEU A 92 9.24 0.78 -1.81
C LEU A 92 9.37 -0.69 -2.19
N SER A 93 9.28 -0.96 -3.50
CA SER A 93 9.38 -2.34 -3.99
C SER A 93 10.76 -2.92 -3.72
N HIS A 94 11.79 -2.16 -4.08
CA HIS A 94 13.17 -2.60 -3.88
C HIS A 94 13.54 -2.56 -2.40
N ILE A 95 12.59 -2.10 -1.57
CA ILE A 95 12.83 -2.02 -0.14
C ILE A 95 12.03 -3.09 0.61
N CYS A 96 10.93 -3.54 0.00
CA CYS A 96 10.09 -4.56 0.61
C CYS A 96 10.14 -5.85 -0.19
N LEU A 97 11.23 -6.05 -0.92
CA LEU A 97 11.40 -7.25 -1.73
C LEU A 97 10.42 -7.26 -2.90
N HIS A 98 10.92 -6.98 -4.10
CA HIS A 98 10.08 -6.96 -5.29
C HIS A 98 9.95 -8.36 -5.89
N ASP A 99 10.93 -9.21 -5.60
CA ASP A 99 10.92 -10.58 -6.10
C ASP A 99 9.63 -11.30 -5.72
N TYR A 100 9.01 -10.84 -4.64
CA TYR A 100 7.77 -11.44 -4.15
C TYR A 100 6.62 -11.13 -5.10
N ARG A 101 6.72 -10.00 -5.80
CA ARG A 101 5.69 -9.59 -6.73
C ARG A 101 6.05 -9.97 -8.17
N GLU A 102 5.07 -10.44 -8.92
CA GLU A 102 5.29 -10.85 -10.31
C GLU A 102 5.34 -9.63 -11.23
N GLY A 1 5.37 19.89 -4.10
CA GLY A 1 6.72 19.63 -3.66
C GLY A 1 7.21 18.26 -4.07
N ALA A 2 6.55 17.22 -3.57
CA ALA A 2 6.93 15.85 -3.90
C ALA A 2 8.38 15.57 -3.51
N MET A 3 8.63 15.52 -2.20
CA MET A 3 9.98 15.26 -1.70
C MET A 3 10.02 13.96 -0.90
N ALA A 4 10.73 13.98 0.22
CA ALA A 4 10.85 12.81 1.07
C ALA A 4 11.75 11.75 0.44
N MET A 5 13.04 12.05 0.38
CA MET A 5 14.00 11.12 -0.20
C MET A 5 15.32 11.16 0.57
N ALA A 6 15.36 10.45 1.70
CA ALA A 6 16.56 10.39 2.52
C ALA A 6 16.43 9.31 3.60
N LYS A 7 17.31 9.39 4.60
CA LYS A 7 17.29 8.42 5.69
C LYS A 7 17.61 7.02 5.18
N ALA A 8 18.00 6.13 6.09
CA ALA A 8 18.32 4.76 5.73
C ALA A 8 17.13 4.06 5.10
N ARG A 9 17.27 2.76 4.88
CA ARG A 9 16.19 1.98 4.28
C ARG A 9 15.36 1.27 5.35
N LYS A 10 14.05 1.36 5.24
CA LYS A 10 13.15 0.72 6.19
C LYS A 10 12.23 -0.27 5.49
N PRO A 11 12.17 -1.51 6.03
CA PRO A 11 11.33 -2.57 5.48
C PRO A 11 9.84 -2.30 5.68
N ARG A 12 9.33 -2.69 6.85
CA ARG A 12 7.92 -2.49 7.17
C ARG A 12 7.57 -1.00 7.17
N GLU A 13 8.43 -0.20 7.78
CA GLU A 13 8.21 1.23 7.87
C GLU A 13 8.05 1.84 6.47
N ALA A 14 8.55 1.14 5.46
CA ALA A 14 8.47 1.60 4.08
C ALA A 14 7.04 1.44 3.54
N LEU A 15 6.49 0.26 3.70
CA LEU A 15 5.13 -0.02 3.23
C LEU A 15 4.15 1.02 3.75
N LEU A 16 4.41 1.52 4.95
CA LEU A 16 3.56 2.53 5.57
C LEU A 16 3.77 3.90 4.93
N TRP A 17 5.03 4.20 4.62
CA TRP A 17 5.37 5.48 3.99
C TRP A 17 4.98 5.49 2.52
N ALA A 18 5.04 4.32 1.89
CA ALA A 18 4.68 4.20 0.48
C ALA A 18 3.18 4.27 0.28
N LEU A 19 2.45 3.35 0.90
CA LEU A 19 1.00 3.32 0.81
C LEU A 19 0.39 4.68 1.12
N SER A 20 1.10 5.45 1.95
CA SER A 20 0.63 6.77 2.35
C SER A 20 1.08 7.83 1.34
N ASP A 21 2.08 7.48 0.54
CA ASP A 21 2.60 8.40 -0.46
C ASP A 21 1.55 8.69 -1.53
N LEU A 22 0.70 7.70 -1.81
CA LEU A 22 -0.34 7.84 -2.81
C LEU A 22 -1.61 8.43 -2.19
N GLU A 23 -2.47 8.99 -3.04
CA GLU A 23 -3.72 9.59 -2.57
C GLU A 23 -4.72 8.50 -2.14
N GLU A 24 -5.78 8.92 -1.48
CA GLU A 24 -6.80 7.99 -1.01
C GLU A 24 -7.60 7.43 -2.19
N ASN A 25 -7.80 8.27 -3.21
CA ASN A 25 -8.54 7.85 -4.39
C ASN A 25 -7.72 6.90 -5.25
N ASP A 26 -6.53 6.56 -4.77
CA ASP A 26 -5.64 5.66 -5.49
C ASP A 26 -5.50 4.33 -4.75
N PHE A 27 -5.10 4.39 -3.50
CA PHE A 27 -4.92 3.20 -2.68
C PHE A 27 -6.24 2.43 -2.56
N LYS A 28 -7.34 3.17 -2.46
CA LYS A 28 -8.66 2.56 -2.34
C LYS A 28 -9.02 1.78 -3.60
N LYS A 29 -8.78 2.39 -4.76
CA LYS A 29 -9.07 1.75 -6.03
C LYS A 29 -8.41 0.38 -6.13
N LEU A 30 -7.18 0.29 -5.61
CA LEU A 30 -6.44 -0.97 -5.64
C LEU A 30 -7.03 -1.97 -4.64
N LYS A 31 -7.13 -1.55 -3.39
CA LYS A 31 -7.68 -2.41 -2.34
C LYS A 31 -9.08 -2.87 -2.70
N PHE A 32 -9.78 -2.08 -3.51
CA PHE A 32 -11.14 -2.41 -3.92
C PHE A 32 -11.14 -3.65 -4.81
N TYR A 33 -10.23 -3.68 -5.78
CA TYR A 33 -10.13 -4.80 -6.71
C TYR A 33 -9.07 -5.79 -6.24
N LEU A 34 -7.85 -5.29 -6.06
CA LEU A 34 -6.74 -6.13 -5.61
C LEU A 34 -7.10 -6.90 -4.35
N ARG A 35 -7.46 -6.17 -3.30
CA ARG A 35 -7.84 -6.79 -2.03
C ARG A 35 -9.08 -7.66 -2.20
N ASP A 36 -10.00 -7.21 -3.04
CA ASP A 36 -11.24 -7.95 -3.29
C ASP A 36 -10.93 -9.39 -3.65
N MET A 37 -10.05 -9.58 -4.62
CA MET A 37 -9.68 -10.92 -5.07
C MET A 37 -8.51 -11.46 -4.25
N THR A 38 -7.36 -10.83 -4.39
CA THR A 38 -6.16 -11.25 -3.66
C THR A 38 -6.48 -11.52 -2.19
N LEU A 39 -7.30 -10.65 -1.60
CA LEU A 39 -7.69 -10.79 -0.20
C LEU A 39 -9.19 -11.05 -0.07
N SER A 40 -9.66 -11.15 1.17
CA SER A 40 -11.07 -11.40 1.42
C SER A 40 -11.78 -10.12 1.87
N GLU A 41 -13.05 -10.24 2.21
CA GLU A 41 -13.83 -9.09 2.65
C GLU A 41 -13.83 -8.98 4.18
N GLY A 42 -14.70 -8.13 4.71
CA GLY A 42 -14.78 -7.95 6.14
C GLY A 42 -14.33 -6.56 6.57
N GLN A 43 -13.30 -6.05 5.90
CA GLN A 43 -12.77 -4.72 6.21
C GLN A 43 -13.88 -3.68 6.26
N PRO A 44 -13.60 -2.54 6.90
CA PRO A 44 -14.56 -1.44 7.03
C PRO A 44 -14.83 -0.75 5.69
N PRO A 45 -15.81 0.16 5.68
CA PRO A 45 -16.19 0.91 4.48
C PRO A 45 -15.12 1.92 4.07
N LEU A 46 -14.84 1.98 2.77
CA LEU A 46 -13.85 2.90 2.25
C LEU A 46 -14.28 4.35 2.45
N ALA A 47 -13.31 5.21 2.74
CA ALA A 47 -13.60 6.63 2.95
C ALA A 47 -12.35 7.48 2.74
N ARG A 48 -12.54 8.76 2.46
CA ARG A 48 -11.44 9.67 2.23
C ARG A 48 -10.58 9.82 3.48
N GLY A 49 -11.22 9.75 4.64
CA GLY A 49 -10.51 9.87 5.90
C GLY A 49 -9.80 8.59 6.29
N GLU A 50 -9.97 7.55 5.47
CA GLU A 50 -9.33 6.27 5.74
C GLU A 50 -7.82 6.35 5.52
N LEU A 51 -7.42 7.01 4.45
CA LEU A 51 -6.00 7.17 4.12
C LEU A 51 -5.45 8.46 4.70
N GLU A 52 -6.11 9.57 4.38
CA GLU A 52 -5.69 10.88 4.88
C GLU A 52 -6.00 11.03 6.36
N GLY A 53 -7.26 10.83 6.72
CA GLY A 53 -7.67 10.95 8.11
C GLY A 53 -6.84 10.07 9.03
N LEU A 54 -6.85 8.77 8.78
CA LEU A 54 -6.10 7.83 9.60
C LEU A 54 -4.62 7.83 9.22
N ILE A 55 -3.89 6.83 9.70
CA ILE A 55 -2.46 6.72 9.40
C ILE A 55 -2.14 5.37 8.77
N PRO A 56 -1.00 5.31 8.07
CA PRO A 56 -0.55 4.08 7.41
C PRO A 56 -0.12 3.00 8.40
N VAL A 57 0.50 3.42 9.49
CA VAL A 57 0.95 2.49 10.52
C VAL A 57 -0.22 1.82 11.21
N ASP A 58 -1.40 2.43 11.09
CA ASP A 58 -2.60 1.87 11.69
C ASP A 58 -3.37 1.00 10.70
N LEU A 59 -3.78 1.61 9.59
CA LEU A 59 -4.52 0.90 8.55
C LEU A 59 -3.73 -0.32 8.05
N ALA A 60 -2.42 -0.16 7.97
CA ALA A 60 -1.54 -1.24 7.52
C ALA A 60 -1.60 -2.43 8.46
N GLU A 61 -1.61 -2.14 9.77
CA GLU A 61 -1.66 -3.18 10.78
C GLU A 61 -2.87 -4.07 10.58
N LEU A 62 -3.97 -3.48 10.12
CA LEU A 62 -5.20 -4.22 9.90
C LEU A 62 -5.10 -5.09 8.64
N LEU A 63 -4.55 -4.50 7.57
CA LEU A 63 -4.39 -5.21 6.31
C LEU A 63 -3.42 -6.37 6.47
N ILE A 64 -2.25 -6.09 7.02
CA ILE A 64 -1.24 -7.12 7.23
C ILE A 64 -1.76 -8.23 8.13
N SER A 65 -2.60 -7.88 9.09
CA SER A 65 -3.17 -8.84 10.01
C SER A 65 -4.33 -9.61 9.35
N LYS A 66 -4.96 -8.99 8.38
CA LYS A 66 -6.07 -9.61 7.66
C LYS A 66 -5.63 -10.90 6.99
N TYR A 67 -4.72 -10.78 6.02
CA TYR A 67 -4.21 -11.94 5.30
C TYR A 67 -2.74 -12.19 5.62
N GLY A 68 -1.98 -11.10 5.73
CA GLY A 68 -0.56 -11.22 6.03
C GLY A 68 0.22 -9.99 5.63
N GLU A 69 1.29 -9.71 6.37
CA GLU A 69 2.13 -8.55 6.09
C GLU A 69 2.84 -8.70 4.75
N LYS A 70 3.06 -9.95 4.34
CA LYS A 70 3.73 -10.23 3.08
C LYS A 70 2.90 -9.73 1.90
N GLU A 71 1.89 -10.49 1.52
CA GLU A 71 1.03 -10.12 0.40
C GLU A 71 0.52 -8.68 0.56
N ALA A 72 0.43 -8.23 1.80
CA ALA A 72 -0.03 -6.88 2.09
C ALA A 72 0.71 -5.85 1.24
N VAL A 73 2.02 -5.75 1.45
CA VAL A 73 2.83 -4.81 0.69
C VAL A 73 2.74 -5.08 -0.81
N LYS A 74 2.60 -6.34 -1.16
CA LYS A 74 2.50 -6.73 -2.57
C LYS A 74 1.20 -6.21 -3.18
N VAL A 75 0.12 -6.29 -2.41
CA VAL A 75 -1.18 -5.82 -2.89
C VAL A 75 -1.16 -4.33 -3.19
N VAL A 76 -0.20 -3.63 -2.60
CA VAL A 76 -0.06 -2.19 -2.81
C VAL A 76 0.64 -1.89 -4.14
N LEU A 77 1.79 -2.52 -4.35
CA LEU A 77 2.56 -2.33 -5.57
C LEU A 77 1.83 -2.91 -6.77
N LYS A 78 1.37 -4.16 -6.63
CA LYS A 78 0.66 -4.84 -7.69
C LYS A 78 -0.51 -3.99 -8.19
N GLY A 79 -1.21 -3.35 -7.27
CA GLY A 79 -2.34 -2.52 -7.63
C GLY A 79 -1.93 -1.09 -7.96
N LEU A 80 -0.76 -0.68 -7.47
CA LEU A 80 -0.25 0.66 -7.72
C LEU A 80 0.24 0.80 -9.16
N LYS A 81 0.71 -0.31 -9.72
CA LYS A 81 1.22 -0.31 -11.09
C LYS A 81 0.19 0.28 -12.05
N VAL A 82 -1.00 -0.32 -12.07
CA VAL A 82 -2.08 0.16 -12.94
C VAL A 82 -2.46 1.60 -12.63
N MET A 83 -1.86 2.14 -11.57
CA MET A 83 -2.12 3.51 -11.16
C MET A 83 -0.95 4.42 -11.50
N ASN A 84 0.08 3.84 -12.12
CA ASN A 84 1.26 4.60 -12.49
C ASN A 84 1.91 5.26 -11.28
N LEU A 85 2.08 4.47 -10.21
CA LEU A 85 2.68 4.97 -8.98
C LEU A 85 4.11 4.47 -8.83
N LEU A 86 4.76 4.21 -9.96
CA LEU A 86 6.14 3.72 -9.96
C LEU A 86 7.05 4.66 -9.17
N GLU A 87 6.59 5.90 -8.99
CA GLU A 87 7.37 6.89 -8.24
C GLU A 87 7.76 6.35 -6.87
N LEU A 88 6.85 6.48 -5.92
CA LEU A 88 7.10 6.01 -4.55
C LEU A 88 7.29 4.49 -4.52
N VAL A 89 6.71 3.81 -5.50
CA VAL A 89 6.82 2.36 -5.60
C VAL A 89 8.26 1.94 -5.88
N ASP A 90 8.99 2.80 -6.59
CA ASP A 90 10.39 2.52 -6.93
C ASP A 90 11.12 1.88 -5.75
N GLN A 91 11.05 2.52 -4.59
CA GLN A 91 11.70 2.02 -3.39
C GLN A 91 10.89 0.89 -2.76
N LEU A 92 9.66 1.21 -2.37
CA LEU A 92 8.78 0.22 -1.76
C LEU A 92 9.04 -1.18 -2.33
N SER A 93 8.99 -1.28 -3.66
CA SER A 93 9.21 -2.54 -4.34
C SER A 93 10.61 -3.07 -4.07
N HIS A 94 11.61 -2.19 -4.22
CA HIS A 94 12.99 -2.57 -3.98
C HIS A 94 13.26 -2.80 -2.50
N ILE A 95 12.23 -2.57 -1.68
CA ILE A 95 12.36 -2.75 -0.24
C ILE A 95 11.69 -4.05 0.21
N CYS A 96 10.58 -4.38 -0.42
CA CYS A 96 9.84 -5.60 -0.08
C CYS A 96 10.12 -6.70 -1.10
N LEU A 97 11.28 -6.63 -1.74
CA LEU A 97 11.66 -7.62 -2.75
C LEU A 97 10.80 -7.49 -3.99
N HIS A 98 11.27 -6.70 -4.95
CA HIS A 98 10.54 -6.49 -6.20
C HIS A 98 10.52 -7.77 -7.03
N ASP A 99 11.56 -8.59 -6.88
CA ASP A 99 11.66 -9.85 -7.61
C ASP A 99 10.44 -10.73 -7.33
N TYR A 100 9.79 -10.48 -6.21
CA TYR A 100 8.61 -11.26 -5.83
C TYR A 100 7.41 -10.92 -6.71
N ARG A 101 7.42 -9.70 -7.25
CA ARG A 101 6.33 -9.25 -8.12
C ARG A 101 6.86 -8.31 -9.19
N GLU A 102 6.84 -8.78 -10.43
CA GLU A 102 7.32 -7.99 -11.56
C GLU A 102 6.16 -7.29 -12.26
N GLY A 1 25.48 3.33 3.12
CA GLY A 1 26.35 4.48 3.07
C GLY A 1 26.06 5.48 4.18
N ALA A 2 25.45 6.60 3.81
CA ALA A 2 25.12 7.63 4.79
C ALA A 2 23.67 7.50 5.26
N MET A 3 23.35 8.17 6.35
CA MET A 3 22.00 8.12 6.91
C MET A 3 21.47 9.53 7.18
N ALA A 4 20.15 9.68 7.13
CA ALA A 4 19.53 10.97 7.37
C ALA A 4 19.99 12.01 6.35
N MET A 5 20.46 11.53 5.20
CA MET A 5 20.94 12.42 4.15
C MET A 5 21.26 11.62 2.88
N ALA A 6 20.47 10.60 2.60
CA ALA A 6 20.68 9.77 1.43
C ALA A 6 19.41 8.99 1.08
N LYS A 7 19.52 8.08 0.12
CA LYS A 7 18.40 7.26 -0.31
C LYS A 7 17.92 6.36 0.83
N ALA A 8 16.61 6.31 1.03
CA ALA A 8 16.03 5.49 2.08
C ALA A 8 15.62 4.11 1.54
N ARG A 9 16.21 3.07 2.10
CA ARG A 9 15.92 1.70 1.68
C ARG A 9 14.98 1.02 2.67
N LYS A 10 14.30 1.83 3.48
CA LYS A 10 13.37 1.29 4.47
C LYS A 10 12.10 0.79 3.81
N PRO A 11 11.87 -0.53 3.89
CA PRO A 11 10.69 -1.18 3.30
C PRO A 11 9.41 -0.81 4.04
N ARG A 12 9.40 -1.00 5.35
CA ARG A 12 8.24 -0.69 6.16
C ARG A 12 7.81 0.75 5.99
N GLU A 13 8.78 1.66 6.08
CA GLU A 13 8.51 3.09 5.92
C GLU A 13 8.05 3.40 4.50
N ALA A 14 8.41 2.53 3.56
CA ALA A 14 8.03 2.72 2.17
C ALA A 14 6.53 2.55 1.97
N LEU A 15 5.96 1.56 2.65
CA LEU A 15 4.53 1.29 2.55
C LEU A 15 3.72 2.46 3.10
N LEU A 16 4.22 3.04 4.19
CA LEU A 16 3.54 4.17 4.82
C LEU A 16 3.56 5.40 3.92
N TRP A 17 4.73 5.68 3.34
CA TRP A 17 4.88 6.82 2.45
C TRP A 17 4.22 6.56 1.10
N ALA A 18 4.22 5.31 0.69
CA ALA A 18 3.61 4.92 -0.59
C ALA A 18 2.10 4.94 -0.50
N LEU A 19 1.54 4.10 0.36
CA LEU A 19 0.10 4.01 0.53
C LEU A 19 -0.49 5.39 0.82
N SER A 20 0.33 6.27 1.37
CA SER A 20 -0.11 7.63 1.70
C SER A 20 0.18 8.59 0.54
N ASP A 21 1.02 8.15 -0.39
CA ASP A 21 1.38 8.96 -1.54
C ASP A 21 0.25 8.97 -2.57
N LEU A 22 -0.80 8.21 -2.30
CA LEU A 22 -1.94 8.12 -3.21
C LEU A 22 -3.21 8.64 -2.53
N GLU A 23 -4.19 9.02 -3.33
CA GLU A 23 -5.45 9.53 -2.81
C GLU A 23 -6.30 8.40 -2.25
N GLU A 24 -7.32 8.77 -1.47
CA GLU A 24 -8.21 7.79 -0.86
C GLU A 24 -9.09 7.11 -1.92
N ASN A 25 -9.47 7.89 -2.94
CA ASN A 25 -10.30 7.37 -4.01
C ASN A 25 -9.49 6.47 -4.95
N ASP A 26 -8.24 6.21 -4.56
CA ASP A 26 -7.36 5.36 -5.37
C ASP A 26 -7.03 4.08 -4.62
N PHE A 27 -6.49 4.21 -3.42
CA PHE A 27 -6.12 3.06 -2.61
C PHE A 27 -7.34 2.19 -2.30
N LYS A 28 -8.47 2.84 -2.04
CA LYS A 28 -9.70 2.13 -1.74
C LYS A 28 -10.17 1.31 -2.94
N LYS A 29 -10.09 1.90 -4.12
CA LYS A 29 -10.50 1.21 -5.34
C LYS A 29 -9.78 -0.12 -5.49
N LEU A 30 -8.51 -0.14 -5.10
CA LEU A 30 -7.71 -1.35 -5.18
C LEU A 30 -8.08 -2.33 -4.07
N LYS A 31 -8.04 -1.86 -2.83
CA LYS A 31 -8.38 -2.69 -1.68
C LYS A 31 -9.77 -3.30 -1.83
N PHE A 32 -10.62 -2.62 -2.60
CA PHE A 32 -11.99 -3.08 -2.82
C PHE A 32 -11.99 -4.34 -3.69
N TYR A 33 -11.27 -4.29 -4.80
CA TYR A 33 -11.19 -5.41 -5.73
C TYR A 33 -9.96 -6.27 -5.44
N LEU A 34 -8.79 -5.62 -5.44
CA LEU A 34 -7.54 -6.32 -5.18
C LEU A 34 -7.61 -7.11 -3.88
N ARG A 35 -7.91 -6.42 -2.78
CA ARG A 35 -8.01 -7.06 -1.47
C ARG A 35 -9.13 -8.08 -1.47
N ASP A 36 -10.22 -7.77 -2.15
CA ASP A 36 -11.37 -8.67 -2.22
C ASP A 36 -10.94 -10.08 -2.61
N MET A 37 -10.16 -10.17 -3.68
CA MET A 37 -9.67 -11.45 -4.17
C MET A 37 -8.34 -11.82 -3.51
N THR A 38 -7.31 -11.05 -3.81
CA THR A 38 -5.98 -11.30 -3.24
C THR A 38 -6.06 -11.54 -1.74
N LEU A 39 -7.05 -10.93 -1.09
CA LEU A 39 -7.24 -11.09 0.34
C LEU A 39 -8.68 -11.47 0.66
N SER A 40 -8.98 -11.62 1.95
CA SER A 40 -10.32 -11.99 2.39
C SER A 40 -10.94 -10.86 3.22
N GLU A 41 -12.09 -11.16 3.84
CA GLU A 41 -12.79 -10.17 4.65
C GLU A 41 -12.00 -9.86 5.92
N GLY A 42 -12.62 -9.14 6.84
CA GLY A 42 -11.97 -8.78 8.09
C GLY A 42 -11.68 -7.30 8.17
N GLN A 43 -11.82 -6.60 7.05
CA GLN A 43 -11.56 -5.16 7.01
C GLN A 43 -12.87 -4.38 6.88
N PRO A 44 -12.84 -3.11 7.29
CA PRO A 44 -14.01 -2.22 7.22
C PRO A 44 -14.39 -1.87 5.79
N PRO A 45 -15.59 -1.28 5.63
CA PRO A 45 -16.10 -0.87 4.32
C PRO A 45 -15.32 0.31 3.74
N LEU A 46 -15.82 0.85 2.63
CA LEU A 46 -15.18 1.98 1.97
C LEU A 46 -15.33 3.24 2.80
N ALA A 47 -14.21 3.91 3.05
CA ALA A 47 -14.21 5.15 3.84
C ALA A 47 -12.96 5.98 3.55
N ARG A 48 -13.17 7.10 2.85
CA ARG A 48 -12.06 7.98 2.50
C ARG A 48 -11.33 8.46 3.74
N GLY A 49 -12.02 8.42 4.88
CA GLY A 49 -11.41 8.85 6.13
C GLY A 49 -10.37 7.87 6.63
N GLU A 50 -10.35 6.68 6.05
CA GLU A 50 -9.40 5.65 6.45
C GLU A 50 -7.98 6.04 6.05
N LEU A 51 -7.87 6.87 5.02
CA LEU A 51 -6.57 7.32 4.55
C LEU A 51 -6.32 8.77 4.95
N GLU A 52 -7.28 9.64 4.66
CA GLU A 52 -7.17 11.05 5.00
C GLU A 52 -7.32 11.27 6.50
N GLY A 53 -8.42 10.79 7.04
CA GLY A 53 -8.67 10.94 8.47
C GLY A 53 -7.63 10.23 9.32
N LEU A 54 -7.50 8.93 9.12
CA LEU A 54 -6.53 8.14 9.87
C LEU A 54 -5.12 8.34 9.33
N ILE A 55 -4.19 7.49 9.78
CA ILE A 55 -2.81 7.57 9.33
C ILE A 55 -2.37 6.27 8.68
N PRO A 56 -1.29 6.34 7.87
CA PRO A 56 -0.75 5.17 7.17
C PRO A 56 -0.08 4.19 8.12
N VAL A 57 0.65 4.71 9.09
CA VAL A 57 1.33 3.87 10.07
C VAL A 57 0.34 3.07 10.90
N ASP A 58 -0.91 3.53 10.92
CA ASP A 58 -1.96 2.86 11.67
C ASP A 58 -2.69 1.85 10.80
N LEU A 59 -3.29 2.33 9.71
CA LEU A 59 -4.03 1.48 8.80
C LEU A 59 -3.13 0.38 8.23
N ALA A 60 -1.87 0.71 8.04
CA ALA A 60 -0.90 -0.25 7.51
C ALA A 60 -0.73 -1.43 8.46
N GLU A 61 -0.56 -1.14 9.74
CA GLU A 61 -0.39 -2.19 10.75
C GLU A 61 -1.55 -3.18 10.71
N LEU A 62 -2.73 -2.68 10.36
CA LEU A 62 -3.92 -3.52 10.29
C LEU A 62 -3.88 -4.41 9.05
N LEU A 63 -3.53 -3.83 7.92
CA LEU A 63 -3.45 -4.57 6.66
C LEU A 63 -2.42 -5.69 6.77
N ILE A 64 -1.21 -5.35 7.20
CA ILE A 64 -0.15 -6.33 7.35
C ILE A 64 -0.56 -7.47 8.26
N SER A 65 -1.41 -7.16 9.24
CA SER A 65 -1.89 -8.17 10.18
C SER A 65 -2.98 -9.02 9.56
N LYS A 66 -3.73 -8.44 8.63
CA LYS A 66 -4.81 -9.15 7.94
C LYS A 66 -4.32 -10.47 7.37
N TYR A 67 -3.39 -10.39 6.42
CA TYR A 67 -2.83 -11.59 5.79
C TYR A 67 -1.32 -11.63 5.96
N GLY A 68 -0.68 -10.46 5.83
CA GLY A 68 0.76 -10.40 5.95
C GLY A 68 1.34 -9.11 5.37
N GLU A 69 2.38 -8.59 6.00
CA GLU A 69 3.02 -7.37 5.54
C GLU A 69 3.55 -7.54 4.12
N LYS A 70 3.84 -8.78 3.75
CA LYS A 70 4.35 -9.08 2.41
C LYS A 70 3.33 -8.71 1.35
N GLU A 71 2.36 -9.59 1.12
CA GLU A 71 1.33 -9.36 0.13
C GLU A 71 0.70 -7.98 0.31
N ALA A 72 0.74 -7.47 1.54
CA ALA A 72 0.18 -6.17 1.83
C ALA A 72 0.66 -5.12 0.84
N VAL A 73 1.97 -4.88 0.84
CA VAL A 73 2.57 -3.90 -0.06
C VAL A 73 2.27 -4.24 -1.52
N LYS A 74 2.27 -5.54 -1.83
CA LYS A 74 2.00 -5.99 -3.19
C LYS A 74 0.58 -5.64 -3.61
N VAL A 75 -0.37 -5.83 -2.69
CA VAL A 75 -1.77 -5.53 -2.98
C VAL A 75 -1.95 -4.06 -3.32
N VAL A 76 -1.02 -3.23 -2.88
CA VAL A 76 -1.08 -1.80 -3.15
C VAL A 76 -0.57 -1.48 -4.55
N LEU A 77 0.64 -1.96 -4.86
CA LEU A 77 1.23 -1.73 -6.17
C LEU A 77 0.46 -2.46 -7.27
N LYS A 78 0.24 -3.75 -7.07
CA LYS A 78 -0.49 -4.56 -8.03
C LYS A 78 -1.78 -3.87 -8.45
N GLY A 79 -2.56 -3.41 -7.47
CA GLY A 79 -3.80 -2.73 -7.75
C GLY A 79 -3.60 -1.31 -8.21
N LEU A 80 -2.45 -0.74 -7.87
CA LEU A 80 -2.13 0.64 -8.25
C LEU A 80 -1.79 0.73 -9.73
N LYS A 81 -1.24 -0.36 -10.27
CA LYS A 81 -0.87 -0.40 -11.68
C LYS A 81 -2.03 0.02 -12.56
N VAL A 82 -3.15 -0.68 -12.43
CA VAL A 82 -4.35 -0.38 -13.21
C VAL A 82 -4.82 1.05 -12.97
N MET A 83 -4.16 1.74 -12.04
CA MET A 83 -4.51 3.11 -11.71
C MET A 83 -3.47 4.08 -12.24
N ASN A 84 -2.42 3.55 -12.84
CA ASN A 84 -1.35 4.37 -13.39
C ASN A 84 -0.64 5.16 -12.29
N LEU A 85 -0.44 4.52 -11.15
CA LEU A 85 0.24 5.15 -10.02
C LEU A 85 1.72 4.83 -10.02
N LEU A 86 2.28 4.60 -11.20
CA LEU A 86 3.70 4.28 -11.33
C LEU A 86 4.56 5.40 -10.75
N GLU A 87 3.95 6.56 -10.52
CA GLU A 87 4.66 7.70 -9.97
C GLU A 87 5.37 7.32 -8.68
N LEU A 88 4.63 7.33 -7.57
CA LEU A 88 5.20 6.99 -6.28
C LEU A 88 5.59 5.52 -6.22
N VAL A 89 4.92 4.70 -7.02
CA VAL A 89 5.21 3.27 -7.07
C VAL A 89 6.62 3.01 -7.60
N ASP A 90 7.13 3.94 -8.41
CA ASP A 90 8.46 3.82 -8.96
C ASP A 90 9.45 3.30 -7.92
N GLN A 91 9.51 3.98 -6.78
CA GLN A 91 10.41 3.58 -5.71
C GLN A 91 9.83 2.42 -4.91
N LEU A 92 8.67 2.65 -4.30
CA LEU A 92 8.02 1.62 -3.51
C LEU A 92 8.27 0.23 -4.09
N SER A 93 7.98 0.08 -5.39
CA SER A 93 8.17 -1.20 -6.06
C SER A 93 9.64 -1.60 -6.05
N HIS A 94 10.50 -0.65 -6.41
CA HIS A 94 11.95 -0.90 -6.45
C HIS A 94 12.51 -1.07 -5.05
N ILE A 95 11.64 -0.93 -4.04
CA ILE A 95 12.05 -1.06 -2.66
C ILE A 95 11.51 -2.35 -2.05
N CYS A 96 10.42 -2.86 -2.61
CA CYS A 96 9.80 -4.09 -2.13
C CYS A 96 9.96 -5.21 -3.15
N LEU A 97 10.87 -5.02 -4.10
CA LEU A 97 11.13 -6.02 -5.14
C LEU A 97 9.91 -6.17 -6.04
N HIS A 98 10.17 -6.23 -7.35
CA HIS A 98 9.10 -6.37 -8.33
C HIS A 98 8.75 -7.85 -8.54
N ASP A 99 9.76 -8.71 -8.41
CA ASP A 99 9.56 -10.15 -8.59
C ASP A 99 8.47 -10.67 -7.65
N TYR A 100 8.25 -9.95 -6.54
CA TYR A 100 7.24 -10.34 -5.57
C TYR A 100 5.84 -10.11 -6.12
N ARG A 101 5.75 -9.34 -7.21
CA ARG A 101 4.46 -9.04 -7.82
C ARG A 101 4.37 -9.67 -9.21
N GLU A 102 4.06 -10.96 -9.25
CA GLU A 102 3.94 -11.68 -10.51
C GLU A 102 2.47 -11.75 -10.96
N GLY A 1 15.60 16.41 1.73
CA GLY A 1 15.90 16.07 0.35
C GLY A 1 16.45 14.67 0.21
N ALA A 2 17.29 14.47 -0.80
CA ALA A 2 17.88 13.16 -1.05
C ALA A 2 16.82 12.14 -1.45
N MET A 3 16.90 11.68 -2.69
CA MET A 3 15.93 10.70 -3.20
C MET A 3 16.64 9.38 -3.52
N ALA A 4 17.91 9.28 -3.15
CA ALA A 4 18.68 8.07 -3.39
C ALA A 4 19.63 7.78 -2.24
N MET A 5 19.08 7.29 -1.13
CA MET A 5 19.89 6.97 0.04
C MET A 5 19.61 5.54 0.51
N ALA A 6 19.91 4.57 -0.33
CA ALA A 6 19.70 3.16 0.00
C ALA A 6 18.40 2.99 0.79
N LYS A 7 18.34 1.92 1.58
CA LYS A 7 17.15 1.62 2.37
C LYS A 7 17.30 2.17 3.79
N ALA A 8 18.09 1.47 4.60
CA ALA A 8 18.32 1.88 5.98
C ALA A 8 17.15 2.69 6.52
N ARG A 9 16.04 2.00 6.77
CA ARG A 9 14.84 2.65 7.29
C ARG A 9 13.82 1.61 7.78
N LYS A 10 12.68 2.09 8.25
CA LYS A 10 11.63 1.21 8.75
C LYS A 10 10.68 0.81 7.63
N PRO A 11 10.66 -0.49 7.30
CA PRO A 11 9.80 -1.03 6.24
C PRO A 11 8.33 -1.01 6.63
N ARG A 12 8.04 -1.56 7.81
CA ARG A 12 6.66 -1.63 8.31
C ARG A 12 6.05 -0.22 8.36
N GLU A 13 6.80 0.72 8.92
CA GLU A 13 6.32 2.10 9.02
C GLU A 13 6.33 2.79 7.67
N ALA A 14 7.12 2.26 6.74
CA ALA A 14 7.21 2.82 5.40
C ALA A 14 5.91 2.62 4.63
N LEU A 15 5.26 1.49 4.87
CA LEU A 15 4.00 1.17 4.18
C LEU A 15 2.85 1.94 4.82
N LEU A 16 2.91 2.16 6.13
CA LEU A 16 1.88 2.87 6.85
C LEU A 16 1.82 4.33 6.41
N TRP A 17 2.99 4.92 6.15
CA TRP A 17 3.07 6.30 5.73
C TRP A 17 2.64 6.46 4.28
N ALA A 18 2.91 5.44 3.48
CA ALA A 18 2.53 5.45 2.07
C ALA A 18 1.03 5.26 1.89
N LEU A 19 0.54 4.09 2.30
CA LEU A 19 -0.88 3.78 2.18
C LEU A 19 -1.74 4.93 2.73
N SER A 20 -1.20 5.65 3.70
CA SER A 20 -1.91 6.77 4.30
C SER A 20 -1.61 8.07 3.55
N ASP A 21 -0.53 8.07 2.79
CA ASP A 21 -0.13 9.24 2.02
C ASP A 21 -1.10 9.49 0.88
N LEU A 22 -1.82 8.46 0.48
CA LEU A 22 -2.79 8.56 -0.61
C LEU A 22 -4.21 8.73 -0.06
N GLU A 23 -5.09 9.30 -0.89
CA GLU A 23 -6.47 9.52 -0.50
C GLU A 23 -7.23 8.19 -0.39
N GLU A 24 -8.29 8.18 0.40
CA GLU A 24 -9.10 6.98 0.57
C GLU A 24 -9.73 6.54 -0.74
N ASN A 25 -10.06 7.51 -1.58
CA ASN A 25 -10.67 7.23 -2.88
C ASN A 25 -9.65 6.65 -3.85
N ASP A 26 -8.43 6.46 -3.37
CA ASP A 26 -7.36 5.91 -4.20
C ASP A 26 -6.99 4.50 -3.74
N PHE A 27 -6.64 4.37 -2.47
CA PHE A 27 -6.26 3.08 -1.91
C PHE A 27 -7.42 2.08 -2.01
N LYS A 28 -8.63 2.58 -1.83
CA LYS A 28 -9.82 1.74 -1.90
C LYS A 28 -10.04 1.21 -3.32
N LYS A 29 -9.86 2.09 -4.31
CA LYS A 29 -10.04 1.72 -5.71
C LYS A 29 -9.16 0.51 -6.05
N LEU A 30 -7.92 0.54 -5.59
CA LEU A 30 -6.98 -0.54 -5.85
C LEU A 30 -7.36 -1.80 -5.06
N LYS A 31 -7.53 -1.64 -3.75
CA LYS A 31 -7.89 -2.74 -2.88
C LYS A 31 -9.21 -3.39 -3.35
N PHE A 32 -10.04 -2.61 -4.02
CA PHE A 32 -11.32 -3.09 -4.52
C PHE A 32 -11.11 -4.14 -5.60
N TYR A 33 -10.24 -3.82 -6.56
CA TYR A 33 -9.96 -4.74 -7.66
C TYR A 33 -8.72 -5.58 -7.37
N LEU A 34 -7.61 -4.90 -7.07
CA LEU A 34 -6.36 -5.59 -6.77
C LEU A 34 -6.56 -6.63 -5.68
N ARG A 35 -7.04 -6.18 -4.52
CA ARG A 35 -7.28 -7.06 -3.40
C ARG A 35 -8.34 -8.11 -3.74
N ASP A 36 -9.36 -7.69 -4.46
CA ASP A 36 -10.44 -8.59 -4.86
C ASP A 36 -9.87 -9.89 -5.43
N MET A 37 -8.92 -9.76 -6.35
CA MET A 37 -8.31 -10.93 -6.97
C MET A 37 -7.10 -11.41 -6.16
N THR A 38 -6.06 -10.58 -6.12
CA THR A 38 -4.84 -10.92 -5.38
C THR A 38 -5.19 -11.50 -4.01
N LEU A 39 -5.88 -10.71 -3.19
CA LEU A 39 -6.27 -11.14 -1.86
C LEU A 39 -7.62 -11.84 -1.88
N SER A 40 -8.08 -12.25 -0.71
CA SER A 40 -9.37 -12.94 -0.59
C SER A 40 -10.13 -12.46 0.64
N GLU A 41 -11.03 -11.50 0.44
CA GLU A 41 -11.81 -10.96 1.54
C GLU A 41 -10.92 -10.58 2.72
N GLY A 42 -11.55 -10.33 3.87
CA GLY A 42 -10.80 -9.96 5.05
C GLY A 42 -11.14 -8.57 5.54
N GLN A 43 -11.93 -7.84 4.77
CA GLN A 43 -12.33 -6.49 5.13
C GLN A 43 -13.74 -6.19 4.62
N PRO A 44 -14.35 -5.12 5.18
CA PRO A 44 -15.70 -4.70 4.80
C PRO A 44 -15.76 -4.13 3.39
N PRO A 45 -16.99 -3.89 2.89
CA PRO A 45 -17.20 -3.34 1.56
C PRO A 45 -16.77 -1.88 1.46
N LEU A 46 -17.20 -1.22 0.39
CA LEU A 46 -16.85 0.19 0.17
C LEU A 46 -17.02 1.00 1.45
N ALA A 47 -15.93 1.60 1.91
CA ALA A 47 -15.95 2.40 3.13
C ALA A 47 -14.80 3.40 3.16
N ARG A 48 -15.05 4.60 2.67
CA ARG A 48 -14.04 5.65 2.64
C ARG A 48 -13.43 5.87 4.02
N GLY A 49 -14.21 5.55 5.06
CA GLY A 49 -13.74 5.72 6.41
C GLY A 49 -12.67 4.70 6.79
N GLU A 50 -12.38 3.79 5.86
CA GLU A 50 -11.38 2.76 6.11
C GLU A 50 -9.98 3.37 6.18
N LEU A 51 -9.78 4.48 5.47
CA LEU A 51 -8.49 5.16 5.46
C LEU A 51 -8.54 6.45 6.27
N GLU A 52 -9.48 7.33 5.93
CA GLU A 52 -9.64 8.59 6.64
C GLU A 52 -10.25 8.38 8.01
N GLY A 53 -11.24 7.49 8.09
CA GLY A 53 -11.89 7.22 9.35
C GLY A 53 -10.99 6.46 10.31
N LEU A 54 -10.36 5.41 9.81
CA LEU A 54 -9.47 4.60 10.65
C LEU A 54 -8.02 5.05 10.49
N ILE A 55 -7.09 4.21 10.95
CA ILE A 55 -5.67 4.53 10.85
C ILE A 55 -4.93 3.48 10.04
N PRO A 56 -3.73 3.84 9.55
CA PRO A 56 -2.90 2.94 8.74
C PRO A 56 -2.33 1.79 9.57
N VAL A 57 -1.85 2.12 10.77
CA VAL A 57 -1.27 1.12 11.65
C VAL A 57 -2.30 0.07 12.04
N ASP A 58 -3.58 0.41 11.89
CA ASP A 58 -4.66 -0.51 12.22
C ASP A 58 -5.07 -1.33 11.01
N LEU A 59 -5.47 -0.65 9.94
CA LEU A 59 -5.89 -1.33 8.71
C LEU A 59 -4.75 -2.15 8.13
N ALA A 60 -3.52 -1.67 8.31
CA ALA A 60 -2.34 -2.37 7.82
C ALA A 60 -2.18 -3.73 8.49
N GLU A 61 -2.22 -3.72 9.82
CA GLU A 61 -2.07 -4.95 10.59
C GLU A 61 -3.09 -5.99 10.15
N LEU A 62 -4.27 -5.53 9.74
CA LEU A 62 -5.33 -6.41 9.30
C LEU A 62 -5.03 -6.98 7.92
N LEU A 63 -4.59 -6.12 7.01
CA LEU A 63 -4.26 -6.54 5.65
C LEU A 63 -3.09 -7.50 5.65
N ILE A 64 -2.04 -7.14 6.39
CA ILE A 64 -0.84 -7.98 6.48
C ILE A 64 -1.18 -9.34 7.07
N SER A 65 -2.11 -9.37 8.01
CA SER A 65 -2.52 -10.61 8.65
C SER A 65 -3.44 -11.42 7.74
N LYS A 66 -4.12 -10.73 6.82
CA LYS A 66 -5.03 -11.39 5.90
C LYS A 66 -4.34 -12.53 5.17
N TYR A 67 -3.33 -12.21 4.38
CA TYR A 67 -2.58 -13.20 3.63
C TYR A 67 -1.09 -13.15 3.98
N GLY A 68 -0.56 -11.95 4.14
CA GLY A 68 0.84 -11.78 4.47
C GLY A 68 1.28 -10.33 4.42
N GLU A 69 2.21 -9.97 5.31
CA GLU A 69 2.72 -8.61 5.36
C GLU A 69 3.51 -8.27 4.10
N LYS A 70 4.08 -9.29 3.47
CA LYS A 70 4.86 -9.11 2.25
C LYS A 70 3.99 -8.56 1.12
N GLU A 71 3.20 -9.44 0.52
CA GLU A 71 2.33 -9.04 -0.58
C GLU A 71 1.48 -7.83 -0.19
N ALA A 72 1.23 -7.68 1.10
CA ALA A 72 0.44 -6.57 1.61
C ALA A 72 0.95 -5.24 1.05
N VAL A 73 2.18 -4.89 1.39
CA VAL A 73 2.78 -3.65 0.93
C VAL A 73 2.85 -3.61 -0.60
N LYS A 74 2.97 -4.77 -1.21
CA LYS A 74 3.04 -4.88 -2.66
C LYS A 74 1.71 -4.49 -3.29
N VAL A 75 0.63 -5.06 -2.77
CA VAL A 75 -0.71 -4.79 -3.28
C VAL A 75 -1.02 -3.28 -3.24
N VAL A 76 -0.26 -2.56 -2.41
CA VAL A 76 -0.45 -1.12 -2.28
C VAL A 76 0.23 -0.36 -3.42
N LEU A 77 1.51 -0.63 -3.62
CA LEU A 77 2.27 0.01 -4.68
C LEU A 77 1.82 -0.47 -6.05
N LYS A 78 1.66 -1.79 -6.18
CA LYS A 78 1.23 -2.38 -7.44
C LYS A 78 -0.03 -1.70 -7.96
N GLY A 79 -0.99 -1.47 -7.07
CA GLY A 79 -2.23 -0.83 -7.48
C GLY A 79 -2.08 0.69 -7.58
N LEU A 80 -1.07 1.22 -6.92
CA LEU A 80 -0.82 2.67 -6.93
C LEU A 80 -0.24 3.11 -8.27
N LYS A 81 0.50 2.21 -8.91
CA LYS A 81 1.12 2.50 -10.20
C LYS A 81 0.08 3.02 -11.19
N VAL A 82 -0.95 2.21 -11.45
CA VAL A 82 -2.00 2.59 -12.38
C VAL A 82 -2.70 3.87 -11.92
N MET A 83 -2.32 4.35 -10.74
CA MET A 83 -2.90 5.56 -10.19
C MET A 83 -1.95 6.75 -10.33
N ASN A 84 -0.70 6.45 -10.68
CA ASN A 84 0.31 7.48 -10.84
C ASN A 84 0.73 8.06 -9.50
N LEU A 85 0.75 7.21 -8.48
CA LEU A 85 1.13 7.64 -7.13
C LEU A 85 2.62 7.38 -6.90
N LEU A 86 3.40 7.41 -7.96
CA LEU A 86 4.84 7.18 -7.86
C LEU A 86 5.50 8.25 -6.99
N GLU A 87 4.75 9.29 -6.68
CA GLU A 87 5.26 10.38 -5.85
C GLU A 87 5.86 9.84 -4.55
N LEU A 88 5.00 9.41 -3.65
CA LEU A 88 5.44 8.86 -2.36
C LEU A 88 5.96 7.43 -2.53
N VAL A 89 5.40 6.71 -3.49
CA VAL A 89 5.81 5.34 -3.76
C VAL A 89 7.30 5.25 -4.02
N ASP A 90 7.88 6.34 -4.54
CA ASP A 90 9.30 6.39 -4.84
C ASP A 90 10.11 5.72 -3.73
N GLN A 91 9.89 6.15 -2.49
CA GLN A 91 10.61 5.60 -1.35
C GLN A 91 10.00 4.27 -0.92
N LEU A 92 8.72 4.29 -0.57
CA LEU A 92 8.03 3.09 -0.13
C LEU A 92 8.52 1.87 -0.90
N SER A 93 8.51 1.97 -2.23
CA SER A 93 8.96 0.87 -3.09
C SER A 93 10.43 0.56 -2.85
N HIS A 94 11.25 1.61 -2.81
CA HIS A 94 12.68 1.46 -2.59
C HIS A 94 12.97 1.06 -1.13
N ILE A 95 11.92 0.96 -0.34
CA ILE A 95 12.06 0.59 1.06
C ILE A 95 11.56 -0.83 1.31
N CYS A 96 10.60 -1.26 0.50
CA CYS A 96 10.04 -2.60 0.62
C CYS A 96 10.45 -3.48 -0.56
N LEU A 97 11.34 -2.95 -1.40
CA LEU A 97 11.80 -3.68 -2.58
C LEU A 97 10.67 -3.90 -3.57
N HIS A 98 10.80 -3.31 -4.75
CA HIS A 98 9.79 -3.46 -5.79
C HIS A 98 10.02 -4.71 -6.61
N ASP A 99 11.29 -5.05 -6.82
CA ASP A 99 11.66 -6.23 -7.60
C ASP A 99 11.05 -7.49 -6.98
N TYR A 100 10.72 -7.41 -5.69
CA TYR A 100 10.14 -8.55 -4.98
C TYR A 100 8.69 -8.76 -5.39
N ARG A 101 8.07 -7.71 -5.91
CA ARG A 101 6.67 -7.79 -6.35
C ARG A 101 6.55 -8.65 -7.60
N GLU A 102 5.35 -9.20 -7.81
CA GLU A 102 5.09 -10.05 -8.97
C GLU A 102 4.10 -9.38 -9.91
N GLY A 1 9.13 9.60 -15.42
CA GLY A 1 10.03 9.57 -14.27
C GLY A 1 10.50 8.17 -13.93
N ALA A 2 11.73 8.07 -13.43
CA ALA A 2 12.30 6.79 -13.05
C ALA A 2 13.55 6.96 -12.21
N MET A 3 13.62 6.21 -11.11
CA MET A 3 14.77 6.29 -10.21
C MET A 3 15.29 4.89 -9.87
N ALA A 4 16.37 4.84 -9.11
CA ALA A 4 16.97 3.56 -8.71
C ALA A 4 18.03 3.77 -7.64
N MET A 5 17.59 4.15 -6.44
CA MET A 5 18.50 4.37 -5.33
C MET A 5 18.33 3.30 -4.26
N ALA A 6 19.21 3.31 -3.27
CA ALA A 6 19.16 2.33 -2.18
C ALA A 6 18.88 3.02 -0.85
N LYS A 7 17.69 2.81 -0.31
CA LYS A 7 17.30 3.40 0.96
C LYS A 7 16.75 2.35 1.91
N ALA A 8 17.60 1.86 2.82
CA ALA A 8 17.18 0.85 3.79
C ALA A 8 16.59 1.49 5.03
N ARG A 9 15.39 1.06 5.39
CA ARG A 9 14.70 1.60 6.57
C ARG A 9 13.82 0.54 7.21
N LYS A 10 12.98 0.97 8.14
CA LYS A 10 12.06 0.05 8.84
C LYS A 10 11.06 -0.56 7.87
N PRO A 11 10.91 -1.89 7.93
CA PRO A 11 9.99 -2.62 7.06
C PRO A 11 8.52 -2.34 7.42
N ARG A 12 8.25 -2.23 8.71
CA ARG A 12 6.88 -1.96 9.17
C ARG A 12 6.51 -0.50 8.94
N GLU A 13 7.40 0.40 9.33
CA GLU A 13 7.17 1.84 9.17
C GLU A 13 7.23 2.23 7.70
N ALA A 14 7.78 1.35 6.87
CA ALA A 14 7.90 1.60 5.44
C ALA A 14 6.54 1.51 4.75
N LEU A 15 5.85 0.40 4.98
CA LEU A 15 4.54 0.19 4.38
C LEU A 15 3.53 1.20 4.89
N LEU A 16 3.69 1.62 6.15
CA LEU A 16 2.80 2.59 6.76
C LEU A 16 3.04 3.99 6.19
N TRP A 17 4.31 4.32 5.98
CA TRP A 17 4.68 5.62 5.43
C TRP A 17 4.37 5.70 3.95
N ALA A 18 4.44 4.56 3.26
CA ALA A 18 4.15 4.50 1.84
C ALA A 18 2.66 4.61 1.57
N LEU A 19 1.89 3.66 2.11
CA LEU A 19 0.45 3.65 1.93
C LEU A 19 -0.16 5.02 2.27
N SER A 20 0.51 5.74 3.17
CA SER A 20 0.03 7.05 3.58
C SER A 20 0.55 8.14 2.65
N ASP A 21 1.62 7.81 1.92
CA ASP A 21 2.22 8.76 0.99
C ASP A 21 1.33 8.96 -0.24
N LEU A 22 0.38 8.04 -0.43
CA LEU A 22 -0.53 8.10 -1.56
C LEU A 22 -1.91 8.57 -1.11
N GLU A 23 -2.68 9.11 -2.05
CA GLU A 23 -4.03 9.59 -1.76
C GLU A 23 -4.96 8.44 -1.45
N GLU A 24 -6.05 8.73 -0.74
CA GLU A 24 -7.03 7.71 -0.38
C GLU A 24 -7.71 7.15 -1.63
N ASN A 25 -7.91 8.01 -2.62
CA ASN A 25 -8.55 7.60 -3.86
C ASN A 25 -7.60 6.78 -4.73
N ASP A 26 -6.43 6.46 -4.18
CA ASP A 26 -5.44 5.67 -4.90
C ASP A 26 -5.28 4.30 -4.26
N PHE A 27 -4.95 4.27 -2.97
CA PHE A 27 -4.76 3.03 -2.25
C PHE A 27 -6.05 2.21 -2.22
N LYS A 28 -7.18 2.90 -2.07
CA LYS A 28 -8.47 2.25 -2.03
C LYS A 28 -8.78 1.57 -3.35
N LYS A 29 -8.48 2.26 -4.45
CA LYS A 29 -8.72 1.72 -5.78
C LYS A 29 -8.04 0.37 -5.96
N LEU A 30 -6.87 0.21 -5.33
CA LEU A 30 -6.12 -1.03 -5.41
C LEU A 30 -6.72 -2.10 -4.52
N LYS A 31 -6.88 -1.78 -3.24
CA LYS A 31 -7.45 -2.71 -2.28
C LYS A 31 -8.86 -3.12 -2.69
N PHE A 32 -9.52 -2.26 -3.45
CA PHE A 32 -10.88 -2.54 -3.91
C PHE A 32 -10.88 -3.63 -4.99
N TYR A 33 -10.04 -3.44 -6.00
CA TYR A 33 -9.94 -4.40 -7.10
C TYR A 33 -8.79 -5.37 -6.86
N LEU A 34 -7.60 -4.83 -6.65
CA LEU A 34 -6.43 -5.66 -6.42
C LEU A 34 -6.68 -6.67 -5.30
N ARG A 35 -7.03 -6.16 -4.12
CA ARG A 35 -7.30 -7.03 -2.98
C ARG A 35 -8.46 -7.96 -3.26
N ASP A 36 -9.49 -7.45 -3.94
CA ASP A 36 -10.66 -8.24 -4.28
C ASP A 36 -10.25 -9.58 -4.89
N MET A 37 -9.37 -9.52 -5.89
CA MET A 37 -8.90 -10.73 -6.54
C MET A 37 -7.67 -11.30 -5.84
N THR A 38 -6.59 -10.53 -5.84
CA THR A 38 -5.35 -10.96 -5.19
C THR A 38 -5.63 -11.62 -3.85
N LEU A 39 -6.56 -11.04 -3.09
CA LEU A 39 -6.91 -11.57 -1.78
C LEU A 39 -8.41 -11.85 -1.70
N SER A 40 -9.15 -10.94 -1.06
CA SER A 40 -10.59 -11.08 -0.91
C SER A 40 -11.20 -9.83 -0.28
N GLU A 41 -12.48 -9.91 0.06
CA GLU A 41 -13.18 -8.80 0.67
C GLU A 41 -12.84 -8.69 2.16
N GLY A 42 -13.53 -7.80 2.86
CA GLY A 42 -13.30 -7.62 4.28
C GLY A 42 -12.95 -6.18 4.63
N GLN A 43 -13.56 -5.24 3.92
CA GLN A 43 -13.30 -3.83 4.15
C GLN A 43 -14.59 -3.02 4.02
N PRO A 44 -14.60 -1.82 4.62
CA PRO A 44 -15.75 -0.92 4.59
C PRO A 44 -15.98 -0.33 3.20
N PRO A 45 -17.13 0.35 3.03
CA PRO A 45 -17.49 0.97 1.75
C PRO A 45 -16.61 2.17 1.43
N LEU A 46 -16.80 2.73 0.23
CA LEU A 46 -16.02 3.89 -0.20
C LEU A 46 -16.02 4.96 0.86
N ALA A 47 -14.83 5.26 1.40
CA ALA A 47 -14.69 6.27 2.43
C ALA A 47 -13.31 6.94 2.37
N ARG A 48 -13.28 8.14 1.80
CA ARG A 48 -12.03 8.88 1.67
C ARG A 48 -11.37 9.09 3.04
N GLY A 49 -12.18 9.00 4.09
CA GLY A 49 -11.66 9.18 5.43
C GLY A 49 -10.95 7.94 5.95
N GLU A 50 -10.94 6.88 5.14
CA GLU A 50 -10.30 5.64 5.52
C GLU A 50 -8.79 5.82 5.67
N LEU A 51 -8.20 6.57 4.75
CA LEU A 51 -6.76 6.83 4.77
C LEU A 51 -6.46 8.22 5.31
N GLU A 52 -7.30 9.18 4.93
CA GLU A 52 -7.12 10.56 5.37
C GLU A 52 -7.52 10.71 6.84
N GLY A 53 -8.75 10.30 7.16
CA GLY A 53 -9.24 10.41 8.52
C GLY A 53 -8.48 9.49 9.47
N LEU A 54 -8.49 8.20 9.17
CA LEU A 54 -7.81 7.22 10.01
C LEU A 54 -6.30 7.32 9.84
N ILE A 55 -5.58 6.33 10.36
CA ILE A 55 -4.13 6.30 10.26
C ILE A 55 -3.65 5.03 9.57
N PRO A 56 -2.41 5.06 9.04
CA PRO A 56 -1.81 3.92 8.35
C PRO A 56 -1.48 2.77 9.30
N VAL A 57 -0.99 3.12 10.49
CA VAL A 57 -0.64 2.12 11.48
C VAL A 57 -1.87 1.35 11.94
N ASP A 58 -3.04 1.91 11.71
CA ASP A 58 -4.29 1.28 12.10
C ASP A 58 -4.86 0.45 10.96
N LEU A 59 -5.13 1.12 9.83
CA LEU A 59 -5.69 0.45 8.66
C LEU A 59 -4.78 -0.68 8.20
N ALA A 60 -3.47 -0.48 8.34
CA ALA A 60 -2.50 -1.49 7.94
C ALA A 60 -2.66 -2.76 8.76
N GLU A 61 -2.85 -2.60 10.07
CA GLU A 61 -3.00 -3.74 10.97
C GLU A 61 -4.16 -4.63 10.50
N LEU A 62 -5.22 -4.01 10.00
CA LEU A 62 -6.39 -4.74 9.52
C LEU A 62 -6.09 -5.44 8.20
N LEU A 63 -5.44 -4.72 7.29
CA LEU A 63 -5.09 -5.28 5.98
C LEU A 63 -4.21 -6.51 6.14
N ILE A 64 -3.15 -6.38 6.92
CA ILE A 64 -2.23 -7.49 7.15
C ILE A 64 -2.95 -8.68 7.78
N SER A 65 -4.01 -8.38 8.52
CA SER A 65 -4.78 -9.43 9.20
C SER A 65 -5.70 -10.15 8.20
N LYS A 66 -6.02 -9.46 7.11
CA LYS A 66 -6.88 -10.03 6.09
C LYS A 66 -6.40 -11.42 5.68
N TYR A 67 -5.20 -11.49 5.10
CA TYR A 67 -4.63 -12.76 4.67
C TYR A 67 -3.21 -12.91 5.18
N GLY A 68 -2.45 -11.81 5.14
CA GLY A 68 -1.07 -11.85 5.59
C GLY A 68 -0.39 -10.50 5.45
N GLU A 69 0.52 -10.19 6.38
CA GLU A 69 1.24 -8.93 6.35
C GLU A 69 2.18 -8.87 5.15
N LYS A 70 2.63 -10.03 4.70
CA LYS A 70 3.54 -10.11 3.56
C LYS A 70 2.89 -9.56 2.30
N GLU A 71 2.00 -10.34 1.71
CA GLU A 71 1.30 -9.92 0.49
C GLU A 71 0.67 -8.54 0.68
N ALA A 72 0.34 -8.22 1.92
CA ALA A 72 -0.27 -6.93 2.24
C ALA A 72 0.51 -5.78 1.60
N VAL A 73 1.76 -5.62 2.02
CA VAL A 73 2.61 -4.56 1.48
C VAL A 73 2.76 -4.68 -0.03
N LYS A 74 2.84 -5.91 -0.51
CA LYS A 74 2.97 -6.17 -1.94
C LYS A 74 1.75 -5.67 -2.70
N VAL A 75 0.57 -5.85 -2.11
CA VAL A 75 -0.67 -5.42 -2.73
C VAL A 75 -0.72 -3.90 -2.89
N VAL A 76 0.09 -3.21 -2.09
CA VAL A 76 0.15 -1.75 -2.15
C VAL A 76 1.04 -1.28 -3.29
N LEU A 77 2.25 -1.79 -3.33
CA LEU A 77 3.20 -1.42 -4.39
C LEU A 77 2.72 -1.91 -5.74
N LYS A 78 2.32 -3.18 -5.81
CA LYS A 78 1.84 -3.77 -7.05
C LYS A 78 0.72 -2.94 -7.65
N GLY A 79 -0.18 -2.46 -6.79
CA GLY A 79 -1.29 -1.65 -7.26
C GLY A 79 -0.93 -0.19 -7.39
N LEU A 80 0.19 0.20 -6.78
CA LEU A 80 0.65 1.58 -6.82
C LEU A 80 1.22 1.92 -8.19
N LYS A 81 1.81 0.92 -8.85
CA LYS A 81 2.40 1.12 -10.18
C LYS A 81 1.38 1.74 -11.13
N VAL A 82 0.25 1.06 -11.31
CA VAL A 82 -0.79 1.54 -12.20
C VAL A 82 -1.25 2.94 -11.79
N MET A 83 -0.79 3.40 -10.64
CA MET A 83 -1.15 4.72 -10.13
C MET A 83 0.00 5.70 -10.30
N ASN A 84 1.10 5.22 -10.89
CA ASN A 84 2.28 6.06 -11.11
C ASN A 84 2.86 6.53 -9.78
N LEU A 85 2.73 5.70 -8.75
CA LEU A 85 3.25 6.04 -7.43
C LEU A 85 4.69 5.57 -7.27
N LEU A 86 5.38 5.40 -8.39
CA LEU A 86 6.77 4.96 -8.39
C LEU A 86 7.63 5.90 -7.55
N GLU A 87 7.14 7.11 -7.34
CA GLU A 87 7.86 8.11 -6.55
C GLU A 87 8.25 7.55 -5.19
N LEU A 88 7.30 7.56 -4.26
CA LEU A 88 7.55 7.05 -2.92
C LEU A 88 7.81 5.55 -2.94
N VAL A 89 7.26 4.87 -3.95
CA VAL A 89 7.45 3.43 -4.08
C VAL A 89 8.91 3.07 -4.26
N ASP A 90 9.69 4.01 -4.80
CA ASP A 90 11.11 3.79 -5.01
C ASP A 90 11.75 3.13 -3.80
N GLN A 91 11.56 3.72 -2.63
CA GLN A 91 12.12 3.19 -1.40
C GLN A 91 11.28 2.03 -0.88
N LEU A 92 10.02 2.32 -0.56
CA LEU A 92 9.11 1.30 -0.04
C LEU A 92 9.41 -0.07 -0.67
N SER A 93 9.48 -0.10 -1.99
CA SER A 93 9.76 -1.34 -2.72
C SER A 93 11.14 -1.88 -2.34
N HIS A 94 12.15 -1.00 -2.37
CA HIS A 94 13.51 -1.40 -2.03
C HIS A 94 13.65 -1.67 -0.53
N ILE A 95 12.55 -1.46 0.20
CA ILE A 95 12.55 -1.68 1.64
C ILE A 95 11.88 -3.00 1.99
N CYS A 96 10.82 -3.34 1.25
CA CYS A 96 10.09 -4.57 1.48
C CYS A 96 10.45 -5.63 0.45
N LEU A 97 11.65 -5.51 -0.10
CA LEU A 97 12.13 -6.46 -1.11
C LEU A 97 11.41 -6.25 -2.44
N HIS A 98 12.02 -5.47 -3.32
CA HIS A 98 11.44 -5.18 -4.63
C HIS A 98 11.65 -6.36 -5.58
N ASP A 99 12.69 -7.14 -5.33
CA ASP A 99 13.00 -8.30 -6.17
C ASP A 99 11.80 -9.24 -6.25
N TYR A 100 10.93 -9.17 -5.26
CA TYR A 100 9.75 -10.02 -5.22
C TYR A 100 8.71 -9.56 -6.24
N ARG A 101 8.75 -8.26 -6.56
CA ARG A 101 7.81 -7.70 -7.53
C ARG A 101 8.51 -6.68 -8.42
N GLU A 102 8.88 -7.12 -9.62
CA GLU A 102 9.57 -6.25 -10.57
C GLU A 102 8.79 -4.95 -10.77
N GLY A 1 11.68 24.80 -7.58
CA GLY A 1 10.87 24.27 -6.50
C GLY A 1 10.79 22.76 -6.53
N ALA A 2 11.77 22.10 -5.90
CA ALA A 2 11.80 20.64 -5.85
C ALA A 2 12.95 20.15 -4.98
N MET A 3 12.65 19.23 -4.08
CA MET A 3 13.66 18.67 -3.19
C MET A 3 13.09 17.52 -2.38
N ALA A 4 13.50 16.29 -2.72
CA ALA A 4 13.02 15.11 -2.02
C ALA A 4 13.96 13.93 -2.24
N MET A 5 14.19 13.15 -1.20
CA MET A 5 15.06 11.99 -1.29
C MET A 5 14.59 10.87 -0.37
N ALA A 6 15.25 9.72 -0.44
CA ALA A 6 14.89 8.57 0.39
C ALA A 6 16.05 8.17 1.29
N LYS A 7 15.78 8.11 2.59
CA LYS A 7 16.79 7.74 3.57
C LYS A 7 16.24 6.72 4.57
N ALA A 8 15.84 5.56 4.06
CA ALA A 8 15.29 4.51 4.90
C ALA A 8 15.17 3.19 4.14
N ARG A 9 15.48 2.09 4.81
CA ARG A 9 15.40 0.77 4.19
C ARG A 9 14.51 -0.16 5.01
N LYS A 10 13.49 0.40 5.63
CA LYS A 10 12.57 -0.38 6.45
C LYS A 10 11.43 -0.94 5.60
N PRO A 11 11.23 -2.26 5.67
CA PRO A 11 10.18 -2.95 4.92
C PRO A 11 8.79 -2.61 5.43
N ARG A 12 8.67 -2.45 6.74
CA ARG A 12 7.39 -2.12 7.36
C ARG A 12 7.02 -0.66 7.13
N GLU A 13 7.99 0.23 7.34
CA GLU A 13 7.76 1.66 7.15
C GLU A 13 7.66 2.00 5.67
N ALA A 14 8.13 1.08 4.82
CA ALA A 14 8.10 1.29 3.38
C ALA A 14 6.68 1.09 2.83
N LEU A 15 5.98 0.10 3.37
CA LEU A 15 4.62 -0.19 2.93
C LEU A 15 3.66 0.92 3.37
N LEU A 16 3.89 1.46 4.56
CA LEU A 16 3.05 2.51 5.10
C LEU A 16 3.39 3.85 4.46
N TRP A 17 4.69 4.08 4.23
CA TRP A 17 5.15 5.32 3.62
C TRP A 17 4.78 5.38 2.15
N ALA A 18 4.79 4.23 1.50
CA ALA A 18 4.46 4.15 0.08
C ALA A 18 2.97 4.31 -0.14
N LEU A 19 2.17 3.51 0.57
CA LEU A 19 0.72 3.58 0.46
C LEU A 19 0.21 4.97 0.77
N SER A 20 1.02 5.76 1.47
CA SER A 20 0.65 7.12 1.84
C SER A 20 1.11 8.11 0.77
N ASP A 21 2.09 7.70 -0.03
CA ASP A 21 2.61 8.56 -1.09
C ASP A 21 1.59 8.74 -2.20
N LEU A 22 0.52 7.96 -2.14
CA LEU A 22 -0.53 8.04 -3.16
C LEU A 22 -1.82 8.60 -2.55
N GLU A 23 -2.65 9.19 -3.41
CA GLU A 23 -3.91 9.77 -2.97
C GLU A 23 -4.85 8.70 -2.44
N GLU A 24 -5.67 9.07 -1.46
CA GLU A 24 -6.62 8.13 -0.87
C GLU A 24 -7.56 7.56 -1.92
N ASN A 25 -7.86 8.36 -2.94
CA ASN A 25 -8.75 7.93 -4.02
C ASN A 25 -8.03 6.96 -4.95
N ASP A 26 -6.79 6.63 -4.61
CA ASP A 26 -6.00 5.71 -5.42
C ASP A 26 -5.78 4.40 -4.68
N PHE A 27 -5.20 4.47 -3.49
CA PHE A 27 -4.93 3.28 -2.69
C PHE A 27 -6.22 2.53 -2.40
N LYS A 28 -7.29 3.27 -2.14
CA LYS A 28 -8.59 2.67 -1.84
C LYS A 28 -9.13 1.91 -3.06
N LYS A 29 -9.00 2.52 -4.23
CA LYS A 29 -9.48 1.91 -5.47
C LYS A 29 -8.86 0.53 -5.65
N LEU A 30 -7.56 0.43 -5.43
CA LEU A 30 -6.85 -0.84 -5.56
C LEU A 30 -7.25 -1.82 -4.46
N LYS A 31 -7.12 -1.37 -3.21
CA LYS A 31 -7.46 -2.21 -2.06
C LYS A 31 -8.92 -2.65 -2.13
N PHE A 32 -9.75 -1.83 -2.78
CA PHE A 32 -11.16 -2.14 -2.93
C PHE A 32 -11.37 -3.42 -3.74
N TYR A 33 -10.65 -3.52 -4.85
CA TYR A 33 -10.75 -4.68 -5.73
C TYR A 33 -9.67 -5.71 -5.38
N LEU A 34 -8.42 -5.27 -5.38
CA LEU A 34 -7.29 -6.15 -5.08
C LEU A 34 -7.52 -6.88 -3.76
N ARG A 35 -7.69 -6.10 -2.69
CA ARG A 35 -7.91 -6.68 -1.36
C ARG A 35 -9.17 -7.54 -1.35
N ASP A 36 -10.21 -7.08 -2.05
CA ASP A 36 -11.47 -7.80 -2.10
C ASP A 36 -11.24 -9.27 -2.45
N MET A 37 -10.46 -9.51 -3.51
CA MET A 37 -10.17 -10.87 -3.94
C MET A 37 -8.91 -11.39 -3.25
N THR A 38 -7.78 -10.76 -3.54
CA THR A 38 -6.51 -11.15 -2.95
C THR A 38 -6.65 -11.44 -1.46
N LEU A 39 -7.48 -10.63 -0.79
CA LEU A 39 -7.71 -10.79 0.64
C LEU A 39 -9.20 -10.83 0.95
N SER A 40 -9.54 -10.85 2.23
CA SER A 40 -10.93 -10.88 2.67
C SER A 40 -11.48 -9.47 2.83
N GLU A 41 -11.04 -8.78 3.87
CA GLU A 41 -11.50 -7.42 4.14
C GLU A 41 -10.89 -6.89 5.43
N GLY A 42 -11.49 -7.25 6.55
CA GLY A 42 -10.99 -6.81 7.84
C GLY A 42 -11.01 -5.29 7.97
N GLN A 43 -11.70 -4.63 7.05
CA GLN A 43 -11.79 -3.17 7.06
C GLN A 43 -13.13 -2.70 6.52
N PRO A 44 -13.46 -1.43 6.79
CA PRO A 44 -14.72 -0.83 6.33
C PRO A 44 -14.76 -0.63 4.82
N PRO A 45 -15.93 -0.27 4.30
CA PRO A 45 -16.13 -0.03 2.87
C PRO A 45 -15.42 1.22 2.37
N LEU A 46 -15.74 1.65 1.16
CA LEU A 46 -15.14 2.84 0.57
C LEU A 46 -15.09 3.98 1.58
N ALA A 47 -13.90 4.52 1.83
CA ALA A 47 -13.73 5.62 2.77
C ALA A 47 -12.45 6.39 2.47
N ARG A 48 -12.60 7.65 2.08
CA ARG A 48 -11.46 8.50 1.76
C ARG A 48 -10.72 8.90 3.04
N GLY A 49 -11.39 8.78 4.17
CA GLY A 49 -10.79 9.13 5.45
C GLY A 49 -9.89 8.04 5.98
N GLU A 50 -9.82 6.92 5.26
CA GLU A 50 -8.98 5.80 5.67
C GLU A 50 -7.51 6.10 5.46
N LEU A 51 -7.21 6.90 4.44
CA LEU A 51 -5.83 7.27 4.14
C LEU A 51 -5.58 8.74 4.48
N GLU A 52 -6.51 9.60 4.09
CA GLU A 52 -6.39 11.02 4.35
C GLU A 52 -6.62 11.34 5.83
N GLY A 53 -7.77 10.90 6.35
CA GLY A 53 -8.09 11.13 7.74
C GLY A 53 -7.15 10.39 8.68
N LEU A 54 -7.11 9.06 8.55
CA LEU A 54 -6.26 8.23 9.40
C LEU A 54 -4.81 8.32 8.95
N ILE A 55 -3.97 7.44 9.49
CA ILE A 55 -2.56 7.41 9.15
C ILE A 55 -2.17 6.09 8.52
N PRO A 56 -1.03 6.09 7.80
CA PRO A 56 -0.53 4.88 7.13
C PRO A 56 -0.02 3.83 8.12
N VAL A 57 0.74 4.28 9.12
CA VAL A 57 1.27 3.39 10.13
C VAL A 57 0.16 2.65 10.87
N ASP A 58 -1.04 3.22 10.82
CA ASP A 58 -2.19 2.62 11.49
C ASP A 58 -2.90 1.63 10.56
N LEU A 59 -3.36 2.12 9.41
CA LEU A 59 -4.06 1.29 8.44
C LEU A 59 -3.15 0.17 7.94
N ALA A 60 -1.85 0.46 7.84
CA ALA A 60 -0.88 -0.52 7.38
C ALA A 60 -0.83 -1.73 8.31
N GLU A 61 -0.60 -1.46 9.60
CA GLU A 61 -0.53 -2.53 10.59
C GLU A 61 -1.78 -3.39 10.56
N LEU A 62 -2.90 -2.77 10.20
CA LEU A 62 -4.18 -3.47 10.14
C LEU A 62 -4.23 -4.39 8.92
N LEU A 63 -3.80 -3.87 7.77
CA LEU A 63 -3.79 -4.64 6.54
C LEU A 63 -2.84 -5.83 6.64
N ILE A 64 -1.61 -5.57 7.05
CA ILE A 64 -0.61 -6.61 7.19
C ILE A 64 -1.07 -7.69 8.17
N SER A 65 -1.80 -7.27 9.19
CA SER A 65 -2.31 -8.19 10.20
C SER A 65 -3.55 -8.93 9.69
N LYS A 66 -4.28 -8.28 8.80
CA LYS A 66 -5.49 -8.87 8.23
C LYS A 66 -5.23 -10.28 7.71
N TYR A 67 -4.37 -10.37 6.69
CA TYR A 67 -4.02 -11.67 6.11
C TYR A 67 -2.52 -11.95 6.25
N GLY A 68 -1.72 -10.91 6.06
CA GLY A 68 -0.28 -11.06 6.17
C GLY A 68 0.48 -9.85 5.65
N GLU A 69 1.62 -9.57 6.26
CA GLU A 69 2.43 -8.43 5.86
C GLU A 69 3.01 -8.64 4.46
N LYS A 70 3.21 -9.90 4.10
CA LYS A 70 3.75 -10.24 2.79
C LYS A 70 2.84 -9.76 1.67
N GLU A 71 1.77 -10.51 1.42
CA GLU A 71 0.81 -10.16 0.38
C GLU A 71 0.37 -8.70 0.51
N ALA A 72 0.42 -8.20 1.74
CA ALA A 72 0.03 -6.82 2.01
C ALA A 72 0.69 -5.86 1.03
N VAL A 73 2.02 -5.78 1.09
CA VAL A 73 2.78 -4.91 0.21
C VAL A 73 2.48 -5.20 -1.25
N LYS A 74 2.53 -6.48 -1.62
CA LYS A 74 2.27 -6.90 -2.99
C LYS A 74 0.91 -6.40 -3.46
N VAL A 75 -0.06 -6.42 -2.55
CA VAL A 75 -1.42 -5.97 -2.87
C VAL A 75 -1.44 -4.49 -3.22
N VAL A 76 -0.46 -3.76 -2.70
CA VAL A 76 -0.36 -2.32 -2.96
C VAL A 76 0.26 -2.05 -4.33
N LEU A 77 1.42 -2.66 -4.57
CA LEU A 77 2.12 -2.48 -5.84
C LEU A 77 1.32 -3.12 -6.99
N LYS A 78 0.97 -4.39 -6.83
CA LYS A 78 0.21 -5.10 -7.84
C LYS A 78 -0.98 -4.28 -8.32
N GLY A 79 -1.68 -3.67 -7.36
CA GLY A 79 -2.84 -2.86 -7.69
C GLY A 79 -2.47 -1.46 -8.12
N LEU A 80 -1.30 -1.00 -7.67
CA LEU A 80 -0.82 0.34 -8.00
C LEU A 80 -0.36 0.40 -9.46
N LYS A 81 0.14 -0.73 -9.95
CA LYS A 81 0.62 -0.81 -11.33
C LYS A 81 -0.44 -0.29 -12.31
N VAL A 82 -1.62 -0.89 -12.25
CA VAL A 82 -2.72 -0.50 -13.13
C VAL A 82 -3.09 0.97 -12.92
N MET A 83 -2.47 1.59 -11.92
CA MET A 83 -2.74 2.99 -11.62
C MET A 83 -1.60 3.88 -12.11
N ASN A 84 -0.50 3.26 -12.50
CA ASN A 84 0.66 4.00 -12.99
C ASN A 84 1.40 4.68 -11.84
N LEU A 85 1.33 4.08 -10.66
CA LEU A 85 1.99 4.64 -9.47
C LEU A 85 3.39 4.04 -9.31
N LEU A 86 4.00 3.66 -10.42
CA LEU A 86 5.34 3.08 -10.40
C LEU A 86 6.36 4.10 -9.92
N GLU A 87 5.94 5.35 -9.82
CA GLU A 87 6.82 6.43 -9.37
C GLU A 87 7.47 6.07 -8.03
N LEU A 88 6.66 6.09 -6.97
CA LEU A 88 7.16 5.77 -5.63
C LEU A 88 7.33 4.26 -5.47
N VAL A 89 6.45 3.50 -6.10
CA VAL A 89 6.50 2.04 -6.03
C VAL A 89 7.86 1.51 -6.48
N ASP A 90 8.51 2.27 -7.36
CA ASP A 90 9.82 1.88 -7.86
C ASP A 90 10.70 1.32 -6.75
N GLN A 91 10.84 2.09 -5.68
CA GLN A 91 11.65 1.67 -4.54
C GLN A 91 10.91 0.66 -3.68
N LEU A 92 9.77 1.09 -3.14
CA LEU A 92 8.95 0.22 -2.29
C LEU A 92 9.02 -1.23 -2.77
N SER A 93 8.77 -1.43 -4.06
CA SER A 93 8.80 -2.76 -4.64
C SER A 93 10.18 -3.39 -4.50
N HIS A 94 11.21 -2.63 -4.85
CA HIS A 94 12.59 -3.11 -4.76
C HIS A 94 13.05 -3.17 -3.30
N ILE A 95 12.16 -2.79 -2.38
CA ILE A 95 12.47 -2.81 -0.97
C ILE A 95 11.84 -4.02 -0.28
N CYS A 96 10.65 -4.39 -0.73
CA CYS A 96 9.94 -5.54 -0.15
C CYS A 96 10.09 -6.76 -1.05
N LEU A 97 10.03 -6.54 -2.35
CA LEU A 97 10.15 -7.64 -3.32
C LEU A 97 11.49 -7.58 -4.03
N HIS A 98 11.73 -8.55 -4.91
CA HIS A 98 12.98 -8.62 -5.66
C HIS A 98 12.89 -7.79 -6.94
N ASP A 99 12.07 -8.25 -7.88
CA ASP A 99 11.90 -7.55 -9.14
C ASP A 99 10.75 -6.53 -9.05
N TYR A 100 9.53 -7.04 -9.02
CA TYR A 100 8.35 -6.18 -8.94
C TYR A 100 7.36 -6.71 -7.91
N ARG A 101 7.33 -8.03 -7.74
CA ARG A 101 6.44 -8.66 -6.80
C ARG A 101 7.00 -10.00 -6.32
N GLU A 102 6.85 -10.28 -5.02
CA GLU A 102 7.35 -11.53 -4.45
C GLU A 102 6.53 -12.71 -4.95
N GLY A 1 14.73 -6.59 -14.25
CA GLY A 1 15.99 -6.52 -13.54
C GLY A 1 15.87 -6.97 -12.09
N ALA A 2 16.94 -7.56 -11.57
CA ALA A 2 16.96 -8.04 -10.20
C ALA A 2 18.11 -7.43 -9.41
N MET A 3 17.94 -6.19 -8.98
CA MET A 3 18.98 -5.49 -8.22
C MET A 3 18.67 -5.54 -6.72
N ALA A 4 19.43 -4.78 -5.95
CA ALA A 4 19.24 -4.73 -4.51
C ALA A 4 18.75 -3.36 -4.07
N MET A 5 19.67 -2.39 -4.02
CA MET A 5 19.34 -1.03 -3.61
C MET A 5 18.57 -1.03 -2.29
N ALA A 6 19.31 -1.07 -1.19
CA ALA A 6 18.72 -1.07 0.14
C ALA A 6 19.25 0.08 0.99
N LYS A 7 18.40 0.61 1.86
CA LYS A 7 18.77 1.72 2.72
C LYS A 7 18.09 1.60 4.09
N ALA A 8 18.77 2.07 5.12
CA ALA A 8 18.23 2.03 6.48
C ALA A 8 17.12 3.05 6.65
N ARG A 9 15.96 2.59 7.14
CA ARG A 9 14.82 3.47 7.35
C ARG A 9 13.64 2.69 7.92
N LYS A 10 12.48 3.33 7.95
CA LYS A 10 11.27 2.71 8.47
C LYS A 10 10.36 2.26 7.33
N PRO A 11 10.43 0.97 6.98
CA PRO A 11 9.62 0.39 5.90
C PRO A 11 8.14 0.30 6.28
N ARG A 12 7.88 -0.26 7.45
CA ARG A 12 6.51 -0.41 7.92
C ARG A 12 5.77 0.93 7.92
N GLU A 13 6.43 1.96 8.45
CA GLU A 13 5.84 3.29 8.50
C GLU A 13 5.67 3.86 7.11
N ALA A 14 6.41 3.31 6.15
CA ALA A 14 6.33 3.77 4.77
C ALA A 14 4.99 3.40 4.14
N LEU A 15 4.51 2.20 4.46
CA LEU A 15 3.24 1.72 3.91
C LEU A 15 2.06 2.51 4.50
N LEU A 16 2.17 2.83 5.78
CA LEU A 16 1.12 3.59 6.47
C LEU A 16 1.05 5.02 5.94
N TRP A 17 2.21 5.64 5.77
CA TRP A 17 2.27 7.00 5.27
C TRP A 17 1.96 7.06 3.78
N ALA A 18 2.31 6.00 3.06
CA ALA A 18 2.06 5.93 1.63
C ALA A 18 0.59 5.68 1.34
N LEU A 19 0.07 4.56 1.84
CA LEU A 19 -1.34 4.21 1.63
C LEU A 19 -2.25 5.37 2.03
N SER A 20 -1.78 6.20 2.97
CA SER A 20 -2.55 7.34 3.43
C SER A 20 -2.26 8.58 2.58
N ASP A 21 -1.13 8.56 1.88
CA ASP A 21 -0.73 9.68 1.03
C ASP A 21 -1.70 9.83 -0.14
N LEU A 22 -2.42 8.76 -0.46
CA LEU A 22 -3.37 8.78 -1.56
C LEU A 22 -4.80 8.94 -1.04
N GLU A 23 -5.69 9.42 -1.91
CA GLU A 23 -7.07 9.63 -1.54
C GLU A 23 -7.79 8.30 -1.31
N GLU A 24 -8.84 8.32 -0.51
CA GLU A 24 -9.60 7.12 -0.20
C GLU A 24 -10.19 6.50 -1.48
N ASN A 25 -10.55 7.36 -2.43
CA ASN A 25 -11.12 6.91 -3.69
C ASN A 25 -10.05 6.29 -4.58
N ASP A 26 -8.82 6.22 -4.07
CA ASP A 26 -7.70 5.66 -4.81
C ASP A 26 -7.27 4.33 -4.21
N PHE A 27 -6.90 4.35 -2.93
CA PHE A 27 -6.46 3.15 -2.24
C PHE A 27 -7.52 2.06 -2.32
N LYS A 28 -8.78 2.46 -2.26
CA LYS A 28 -9.89 1.52 -2.33
C LYS A 28 -10.01 0.91 -3.72
N LYS A 29 -9.80 1.73 -4.75
CA LYS A 29 -9.88 1.27 -6.12
C LYS A 29 -8.88 0.15 -6.38
N LEU A 30 -7.63 0.37 -6.00
CA LEU A 30 -6.58 -0.62 -6.19
C LEU A 30 -6.85 -1.87 -5.36
N LYS A 31 -7.10 -1.67 -4.06
CA LYS A 31 -7.39 -2.78 -3.16
C LYS A 31 -8.62 -3.55 -3.61
N PHE A 32 -9.59 -2.82 -4.16
CA PHE A 32 -10.84 -3.43 -4.63
C PHE A 32 -10.53 -4.55 -5.62
N TYR A 33 -9.60 -4.30 -6.52
CA TYR A 33 -9.22 -5.28 -7.53
C TYR A 33 -8.04 -6.13 -7.06
N LEU A 34 -6.96 -5.48 -6.67
CA LEU A 34 -5.77 -6.17 -6.20
C LEU A 34 -6.11 -7.07 -5.01
N ARG A 35 -6.63 -6.48 -3.94
CA ARG A 35 -6.99 -7.22 -2.75
C ARG A 35 -8.00 -8.32 -3.09
N ASP A 36 -8.93 -8.01 -3.97
CA ASP A 36 -9.95 -8.97 -4.38
C ASP A 36 -9.32 -10.30 -4.79
N MET A 37 -8.33 -10.22 -5.67
CA MET A 37 -7.65 -11.42 -6.15
C MET A 37 -6.46 -11.76 -5.24
N THR A 38 -5.46 -10.88 -5.24
CA THR A 38 -4.27 -11.09 -4.42
C THR A 38 -4.64 -11.56 -3.02
N LEU A 39 -5.65 -10.93 -2.44
CA LEU A 39 -6.11 -11.27 -1.10
C LEU A 39 -7.48 -11.93 -1.15
N SER A 40 -7.92 -12.44 0.00
CA SER A 40 -9.21 -13.10 0.08
C SER A 40 -9.98 -12.64 1.32
N GLU A 41 -10.90 -11.70 1.12
CA GLU A 41 -11.69 -11.17 2.22
C GLU A 41 -10.84 -10.99 3.48
N GLY A 42 -11.49 -11.05 4.64
CA GLY A 42 -10.78 -10.90 5.89
C GLY A 42 -10.82 -9.47 6.41
N GLN A 43 -11.74 -8.68 5.89
CA GLN A 43 -11.87 -7.29 6.30
C GLN A 43 -13.33 -6.83 6.23
N PRO A 44 -13.62 -5.68 6.85
CA PRO A 44 -14.96 -5.11 6.87
C PRO A 44 -15.40 -4.60 5.50
N PRO A 45 -16.66 -4.14 5.42
CA PRO A 45 -17.22 -3.62 4.17
C PRO A 45 -16.61 -2.28 3.78
N LEU A 46 -16.29 -2.14 2.49
CA LEU A 46 -15.70 -0.90 1.99
C LEU A 46 -16.41 0.32 2.56
N ALA A 47 -15.64 1.34 2.91
CA ALA A 47 -16.19 2.56 3.47
C ALA A 47 -15.22 3.74 3.29
N ARG A 48 -15.75 4.87 2.84
CA ARG A 48 -14.94 6.05 2.63
C ARG A 48 -14.20 6.45 3.91
N GLY A 49 -14.80 6.13 5.05
CA GLY A 49 -14.19 6.45 6.32
C GLY A 49 -13.12 5.45 6.72
N GLU A 50 -12.91 4.44 5.89
CA GLU A 50 -11.91 3.41 6.16
C GLU A 50 -10.50 3.97 6.03
N LEU A 51 -10.34 4.91 5.10
CA LEU A 51 -9.04 5.53 4.87
C LEU A 51 -8.97 6.91 5.51
N GLU A 52 -9.98 7.74 5.25
CA GLU A 52 -10.04 9.08 5.81
C GLU A 52 -10.39 9.04 7.29
N GLY A 53 -11.50 8.40 7.62
CA GLY A 53 -11.93 8.30 9.00
C GLY A 53 -10.92 7.59 9.86
N LEU A 54 -10.62 6.33 9.52
CA LEU A 54 -9.66 5.54 10.28
C LEU A 54 -8.23 5.99 9.99
N ILE A 55 -7.26 5.18 10.41
CA ILE A 55 -5.86 5.48 10.19
C ILE A 55 -5.17 4.35 9.43
N PRO A 56 -4.03 4.68 8.80
CA PRO A 56 -3.24 3.71 8.03
C PRO A 56 -2.57 2.67 8.92
N VAL A 57 -2.08 3.11 10.07
CA VAL A 57 -1.42 2.22 11.01
C VAL A 57 -2.39 1.19 11.56
N ASP A 58 -3.68 1.47 11.46
CA ASP A 58 -4.71 0.56 11.94
C ASP A 58 -5.18 -0.37 10.83
N LEU A 59 -5.69 0.21 9.75
CA LEU A 59 -6.17 -0.57 8.62
C LEU A 59 -5.07 -1.44 8.04
N ALA A 60 -3.84 -0.92 8.06
CA ALA A 60 -2.69 -1.66 7.55
C ALA A 60 -2.40 -2.89 8.39
N GLU A 61 -2.49 -2.74 9.71
CA GLU A 61 -2.23 -3.84 10.63
C GLU A 61 -3.16 -5.02 10.33
N LEU A 62 -4.37 -4.72 9.89
CA LEU A 62 -5.35 -5.75 9.57
C LEU A 62 -5.01 -6.42 8.24
N LEU A 63 -4.62 -5.62 7.25
CA LEU A 63 -4.26 -6.15 5.94
C LEU A 63 -3.00 -7.01 6.01
N ILE A 64 -1.96 -6.46 6.63
CA ILE A 64 -0.70 -7.18 6.77
C ILE A 64 -0.90 -8.50 7.52
N SER A 65 -1.81 -8.49 8.49
CA SER A 65 -2.10 -9.69 9.28
C SER A 65 -3.01 -10.64 8.51
N LYS A 66 -3.82 -10.07 7.62
CA LYS A 66 -4.75 -10.87 6.82
C LYS A 66 -4.00 -12.01 6.11
N TYR A 67 -3.10 -11.65 5.20
CA TYR A 67 -2.34 -12.64 4.46
C TYR A 67 -0.85 -12.55 4.80
N GLY A 68 -0.35 -11.32 4.96
CA GLY A 68 1.04 -11.12 5.30
C GLY A 68 1.49 -9.70 5.08
N GLU A 69 2.42 -9.23 5.91
CA GLU A 69 2.92 -7.87 5.80
C GLU A 69 3.72 -7.69 4.52
N LYS A 70 4.25 -8.79 3.99
CA LYS A 70 5.04 -8.75 2.76
C LYS A 70 4.17 -8.35 1.58
N GLU A 71 3.42 -9.31 1.04
CA GLU A 71 2.55 -9.06 -0.10
C GLU A 71 1.66 -7.85 0.17
N ALA A 72 1.36 -7.60 1.44
CA ALA A 72 0.53 -6.47 1.82
C ALA A 72 1.00 -5.18 1.15
N VAL A 73 2.22 -4.75 1.49
CA VAL A 73 2.78 -3.54 0.93
C VAL A 73 2.78 -3.59 -0.60
N LYS A 74 3.07 -4.77 -1.14
CA LYS A 74 3.11 -4.95 -2.59
C LYS A 74 1.73 -4.73 -3.20
N VAL A 75 0.70 -5.21 -2.52
CA VAL A 75 -0.67 -5.06 -2.99
C VAL A 75 -1.05 -3.59 -3.13
N VAL A 76 -0.35 -2.73 -2.40
CA VAL A 76 -0.61 -1.30 -2.44
C VAL A 76 0.03 -0.67 -3.67
N LEU A 77 1.31 -0.94 -3.87
CA LEU A 77 2.04 -0.40 -5.02
C LEU A 77 1.57 -1.05 -6.33
N LYS A 78 1.55 -2.37 -6.35
CA LYS A 78 1.12 -3.11 -7.53
C LYS A 78 -0.20 -2.55 -8.07
N GLY A 79 -1.10 -2.21 -7.15
CA GLY A 79 -2.39 -1.67 -7.55
C GLY A 79 -2.36 -0.16 -7.71
N LEU A 80 -1.43 0.49 -7.01
CA LEU A 80 -1.30 1.94 -7.09
C LEU A 80 -0.69 2.38 -8.41
N LYS A 81 0.17 1.52 -8.96
CA LYS A 81 0.83 1.81 -10.23
C LYS A 81 -0.18 2.16 -11.30
N VAL A 82 -1.12 1.25 -11.54
CA VAL A 82 -2.16 1.46 -12.55
C VAL A 82 -2.94 2.75 -12.27
N MET A 83 -2.66 3.37 -11.13
CA MET A 83 -3.33 4.60 -10.75
C MET A 83 -2.48 5.81 -11.11
N ASN A 84 -1.20 5.58 -11.36
CA ASN A 84 -0.27 6.65 -11.71
C ASN A 84 0.11 7.47 -10.47
N LEU A 85 0.09 6.82 -9.32
CA LEU A 85 0.45 7.48 -8.07
C LEU A 85 1.93 7.32 -7.76
N LEU A 86 2.74 7.22 -8.81
CA LEU A 86 4.17 7.07 -8.66
C LEU A 86 4.77 8.26 -7.92
N GLU A 87 3.96 9.30 -7.72
CA GLU A 87 4.41 10.49 -7.02
C GLU A 87 5.03 10.13 -5.68
N LEU A 88 4.19 9.72 -4.73
CA LEU A 88 4.65 9.35 -3.39
C LEU A 88 5.29 7.96 -3.41
N VAL A 89 4.81 7.11 -4.30
CA VAL A 89 5.34 5.75 -4.42
C VAL A 89 6.84 5.77 -4.67
N ASP A 90 7.33 6.87 -5.24
CA ASP A 90 8.76 7.00 -5.54
C ASP A 90 9.59 6.48 -4.38
N GLN A 91 9.34 6.99 -3.18
CA GLN A 91 10.08 6.58 -1.99
C GLN A 91 9.56 5.24 -1.47
N LEU A 92 8.28 5.23 -1.11
CA LEU A 92 7.64 4.02 -0.58
C LEU A 92 8.22 2.78 -1.24
N SER A 93 8.24 2.77 -2.58
CA SER A 93 8.77 1.64 -3.33
C SER A 93 10.24 1.42 -3.03
N HIS A 94 11.02 2.50 -3.10
CA HIS A 94 12.45 2.42 -2.82
C HIS A 94 12.72 2.15 -1.35
N ILE A 95 11.64 2.06 -0.56
CA ILE A 95 11.75 1.80 0.86
C ILE A 95 11.19 0.43 1.22
N CYS A 96 10.34 -0.10 0.35
CA CYS A 96 9.73 -1.40 0.57
C CYS A 96 10.26 -2.43 -0.41
N LEU A 97 11.43 -2.14 -0.99
CA LEU A 97 12.05 -3.05 -1.95
C LEU A 97 11.19 -3.19 -3.20
N HIS A 98 11.44 -2.31 -4.18
CA HIS A 98 10.69 -2.33 -5.43
C HIS A 98 11.05 -3.57 -6.26
N ASP A 99 12.29 -4.04 -6.08
CA ASP A 99 12.76 -5.21 -6.82
C ASP A 99 11.89 -6.42 -6.54
N TYR A 100 11.15 -6.36 -5.44
CA TYR A 100 10.27 -7.46 -5.04
C TYR A 100 9.06 -7.56 -5.97
N ARG A 101 8.69 -6.42 -6.56
CA ARG A 101 7.55 -6.37 -7.47
C ARG A 101 7.92 -5.63 -8.76
N GLU A 102 7.86 -6.34 -9.88
CA GLU A 102 8.18 -5.74 -11.17
C GLU A 102 7.39 -4.46 -11.39
N GLY A 1 4.21 17.26 4.56
CA GLY A 1 3.44 17.96 3.54
C GLY A 1 4.03 17.81 2.16
N ALA A 2 5.04 18.62 1.84
CA ALA A 2 5.68 18.56 0.54
C ALA A 2 6.39 17.22 0.33
N MET A 3 7.08 17.09 -0.79
CA MET A 3 7.80 15.86 -1.11
C MET A 3 9.30 16.05 -0.90
N ALA A 4 10.03 14.94 -0.88
CA ALA A 4 11.48 14.97 -0.69
C ALA A 4 12.15 13.79 -1.37
N MET A 5 11.91 12.59 -0.85
CA MET A 5 12.49 11.38 -1.42
C MET A 5 14.00 11.51 -1.54
N ALA A 6 14.69 11.59 -0.40
CA ALA A 6 16.14 11.73 -0.39
C ALA A 6 16.79 10.48 0.21
N LYS A 7 16.93 9.44 -0.61
CA LYS A 7 17.53 8.19 -0.17
C LYS A 7 16.79 7.61 1.03
N ALA A 8 15.86 6.70 0.75
CA ALA A 8 15.08 6.07 1.81
C ALA A 8 15.14 4.55 1.70
N ARG A 9 15.54 3.90 2.79
CA ARG A 9 15.65 2.44 2.81
C ARG A 9 14.52 1.83 3.65
N LYS A 10 14.05 2.59 4.63
CA LYS A 10 12.98 2.13 5.51
C LYS A 10 11.84 1.51 4.70
N PRO A 11 11.74 0.18 4.74
CA PRO A 11 10.70 -0.56 4.02
C PRO A 11 9.31 -0.34 4.61
N ARG A 12 9.16 -0.63 5.89
CA ARG A 12 7.89 -0.46 6.57
C ARG A 12 7.36 0.97 6.39
N GLU A 13 8.23 1.95 6.61
CA GLU A 13 7.84 3.35 6.47
C GLU A 13 7.52 3.68 5.01
N ALA A 14 7.99 2.83 4.11
CA ALA A 14 7.75 3.03 2.68
C ALA A 14 6.29 2.76 2.33
N LEU A 15 5.75 1.67 2.85
CA LEU A 15 4.36 1.29 2.59
C LEU A 15 3.41 2.35 3.13
N LEU A 16 3.72 2.88 4.30
CA LEU A 16 2.88 3.90 4.93
C LEU A 16 2.92 5.20 4.14
N TRP A 17 4.11 5.57 3.66
CA TRP A 17 4.27 6.78 2.88
C TRP A 17 3.72 6.60 1.47
N ALA A 18 3.82 5.39 0.96
CA ALA A 18 3.33 5.08 -0.38
C ALA A 18 1.81 5.02 -0.41
N LEU A 19 1.24 4.08 0.33
CA LEU A 19 -0.20 3.91 0.39
C LEU A 19 -0.89 5.23 0.72
N SER A 20 -0.17 6.11 1.41
CA SER A 20 -0.72 7.41 1.79
C SER A 20 -0.45 8.45 0.71
N ASP A 21 0.53 8.17 -0.14
CA ASP A 21 0.89 9.07 -1.23
C ASP A 21 -0.22 9.14 -2.26
N LEU A 22 -0.94 8.04 -2.43
CA LEU A 22 -2.04 7.97 -3.40
C LEU A 22 -3.36 8.38 -2.74
N GLU A 23 -4.29 8.85 -3.56
CA GLU A 23 -5.59 9.28 -3.06
C GLU A 23 -6.38 8.09 -2.51
N GLU A 24 -7.34 8.38 -1.64
CA GLU A 24 -8.16 7.32 -1.03
C GLU A 24 -8.99 6.60 -2.10
N ASN A 25 -9.39 7.34 -3.13
CA ASN A 25 -10.19 6.76 -4.21
C ASN A 25 -9.32 5.90 -5.11
N ASP A 26 -8.06 5.74 -4.75
CA ASP A 26 -7.13 4.94 -5.53
C ASP A 26 -6.72 3.69 -4.76
N PHE A 27 -6.19 3.88 -3.56
CA PHE A 27 -5.76 2.77 -2.73
C PHE A 27 -6.91 1.82 -2.43
N LYS A 28 -8.06 2.39 -2.08
CA LYS A 28 -9.25 1.60 -1.78
C LYS A 28 -9.64 0.73 -2.97
N LYS A 29 -9.63 1.32 -4.15
CA LYS A 29 -9.98 0.59 -5.37
C LYS A 29 -9.15 -0.68 -5.51
N LEU A 30 -7.85 -0.57 -5.22
CA LEU A 30 -6.95 -1.70 -5.30
C LEU A 30 -7.29 -2.76 -4.27
N LYS A 31 -7.35 -2.35 -3.01
CA LYS A 31 -7.68 -3.27 -1.91
C LYS A 31 -9.03 -3.92 -2.15
N PHE A 32 -9.94 -3.20 -2.78
CA PHE A 32 -11.27 -3.72 -3.07
C PHE A 32 -11.19 -5.02 -3.87
N TYR A 33 -10.38 -5.01 -4.91
CA TYR A 33 -10.22 -6.19 -5.76
C TYR A 33 -9.00 -7.01 -5.32
N LEU A 34 -7.87 -6.34 -5.18
CA LEU A 34 -6.63 -7.00 -4.76
C LEU A 34 -6.85 -7.81 -3.49
N ARG A 35 -7.26 -7.12 -2.43
CA ARG A 35 -7.50 -7.77 -1.14
C ARG A 35 -8.65 -8.76 -1.25
N ASP A 36 -9.56 -8.51 -2.17
CA ASP A 36 -10.71 -9.38 -2.38
C ASP A 36 -10.27 -10.81 -2.64
N MET A 37 -9.40 -10.99 -3.63
CA MET A 37 -8.90 -12.31 -3.99
C MET A 37 -7.65 -12.64 -3.18
N THR A 38 -6.57 -11.89 -3.43
CA THR A 38 -5.31 -12.10 -2.72
C THR A 38 -5.54 -12.32 -1.23
N LEU A 39 -6.24 -11.38 -0.61
CA LEU A 39 -6.53 -11.46 0.82
C LEU A 39 -7.92 -12.04 1.06
N SER A 40 -8.23 -12.33 2.32
CA SER A 40 -9.52 -12.88 2.69
C SER A 40 -10.39 -11.83 3.36
N GLU A 41 -11.55 -12.25 3.85
CA GLU A 41 -12.49 -11.35 4.52
C GLU A 41 -11.95 -10.92 5.87
N GLY A 42 -12.56 -9.90 6.45
CA GLY A 42 -12.14 -9.41 7.75
C GLY A 42 -11.62 -7.99 7.69
N GLN A 43 -12.19 -7.18 6.81
CA GLN A 43 -11.77 -5.80 6.66
C GLN A 43 -12.96 -4.85 6.80
N PRO A 44 -12.66 -3.58 7.12
CA PRO A 44 -13.70 -2.55 7.29
C PRO A 44 -14.36 -2.17 5.98
N PRO A 45 -15.47 -1.43 6.07
CA PRO A 45 -16.23 -0.97 4.89
C PRO A 45 -15.46 0.08 4.09
N LEU A 46 -16.07 0.55 3.01
CA LEU A 46 -15.46 1.56 2.15
C LEU A 46 -15.68 2.96 2.73
N ALA A 47 -14.60 3.70 2.91
CA ALA A 47 -14.66 5.06 3.44
C ALA A 47 -13.46 5.89 3.00
N ARG A 48 -13.74 7.02 2.35
CA ARG A 48 -12.69 7.90 1.87
C ARG A 48 -11.82 8.39 3.03
N GLY A 49 -12.39 8.41 4.23
CA GLY A 49 -11.67 8.86 5.39
C GLY A 49 -10.69 7.80 5.90
N GLU A 50 -10.80 6.59 5.37
CA GLU A 50 -9.93 5.50 5.79
C GLU A 50 -8.47 5.82 5.48
N LEU A 51 -8.26 6.67 4.47
CA LEU A 51 -6.91 7.06 4.08
C LEU A 51 -6.61 8.48 4.53
N GLU A 52 -7.51 9.40 4.19
CA GLU A 52 -7.34 10.80 4.55
C GLU A 52 -7.58 11.01 6.05
N GLY A 53 -8.75 10.58 6.52
CA GLY A 53 -9.08 10.73 7.92
C GLY A 53 -8.10 10.00 8.83
N LEU A 54 -7.97 8.70 8.63
CA LEU A 54 -7.05 7.90 9.44
C LEU A 54 -5.61 8.07 8.97
N ILE A 55 -4.72 7.22 9.48
CA ILE A 55 -3.31 7.28 9.11
C ILE A 55 -2.85 5.96 8.50
N PRO A 56 -1.74 6.01 7.74
CA PRO A 56 -1.16 4.84 7.09
C PRO A 56 -0.55 3.87 8.09
N VAL A 57 0.12 4.41 9.10
CA VAL A 57 0.76 3.60 10.13
C VAL A 57 -0.28 2.80 10.91
N ASP A 58 -1.54 3.24 10.86
CA ASP A 58 -2.62 2.57 11.56
C ASP A 58 -3.32 1.56 10.65
N LEU A 59 -3.86 2.05 9.54
CA LEU A 59 -4.56 1.19 8.59
C LEU A 59 -3.65 0.09 8.08
N ALA A 60 -2.38 0.41 7.91
CA ALA A 60 -1.40 -0.55 7.43
C ALA A 60 -1.26 -1.71 8.40
N GLU A 61 -1.18 -1.40 9.69
CA GLU A 61 -1.05 -2.42 10.73
C GLU A 61 -2.19 -3.43 10.65
N LEU A 62 -3.35 -2.96 10.23
CA LEU A 62 -4.52 -3.83 10.10
C LEU A 62 -4.41 -4.75 8.89
N LEU A 63 -4.00 -4.17 7.76
CA LEU A 63 -3.84 -4.94 6.54
C LEU A 63 -2.82 -6.06 6.72
N ILE A 64 -1.64 -5.70 7.22
CA ILE A 64 -0.58 -6.69 7.44
C ILE A 64 -1.06 -7.79 8.39
N SER A 65 -1.99 -7.44 9.27
CA SER A 65 -2.52 -8.40 10.24
C SER A 65 -3.54 -9.31 9.58
N LYS A 66 -4.11 -8.86 8.47
CA LYS A 66 -5.11 -9.64 7.75
C LYS A 66 -4.63 -11.07 7.54
N TYR A 67 -3.55 -11.22 6.79
CA TYR A 67 -3.00 -12.55 6.51
C TYR A 67 -1.48 -12.54 6.64
N GLY A 68 -0.86 -11.46 6.16
CA GLY A 68 0.59 -11.35 6.23
C GLY A 68 1.08 -9.97 5.83
N GLU A 69 2.11 -9.49 6.51
CA GLU A 69 2.68 -8.18 6.21
C GLU A 69 3.37 -8.18 4.86
N LYS A 70 3.97 -9.31 4.50
CA LYS A 70 4.66 -9.44 3.22
C LYS A 70 3.74 -9.11 2.06
N GLU A 71 2.85 -10.04 1.74
CA GLU A 71 1.90 -9.86 0.65
C GLU A 71 1.18 -8.51 0.77
N ALA A 72 1.07 -8.02 2.00
CA ALA A 72 0.40 -6.75 2.26
C ALA A 72 0.94 -5.66 1.33
N VAL A 73 2.23 -5.35 1.48
CA VAL A 73 2.86 -4.33 0.65
C VAL A 73 2.73 -4.65 -0.83
N LYS A 74 2.86 -5.93 -1.16
CA LYS A 74 2.76 -6.39 -2.55
C LYS A 74 1.36 -6.12 -3.10
N VAL A 75 0.34 -6.33 -2.26
CA VAL A 75 -1.04 -6.11 -2.68
C VAL A 75 -1.29 -4.65 -3.00
N VAL A 76 -0.43 -3.77 -2.49
CA VAL A 76 -0.55 -2.35 -2.74
C VAL A 76 -0.02 -1.97 -4.11
N LEU A 77 1.19 -2.43 -4.42
CA LEU A 77 1.82 -2.15 -5.70
C LEU A 77 1.13 -2.91 -6.83
N LYS A 78 0.95 -4.22 -6.63
CA LYS A 78 0.30 -5.06 -7.62
C LYS A 78 -0.99 -4.41 -8.13
N GLY A 79 -1.81 -3.95 -7.21
CA GLY A 79 -3.07 -3.31 -7.59
C GLY A 79 -2.87 -1.86 -8.01
N LEU A 80 -1.78 -1.25 -7.55
CA LEU A 80 -1.49 0.14 -7.89
C LEU A 80 -1.00 0.25 -9.34
N LYS A 81 -0.35 -0.80 -9.82
CA LYS A 81 0.16 -0.83 -11.18
C LYS A 81 -0.93 -0.48 -12.18
N VAL A 82 -2.03 -1.23 -12.15
CA VAL A 82 -3.15 -0.99 -13.05
C VAL A 82 -3.69 0.42 -12.90
N MET A 83 -3.16 1.15 -11.92
CA MET A 83 -3.59 2.52 -11.67
C MET A 83 -2.63 3.52 -12.31
N ASN A 84 -1.43 3.05 -12.66
CA ASN A 84 -0.43 3.89 -13.28
C ASN A 84 0.19 4.84 -12.25
N LEU A 85 0.23 4.40 -11.01
CA LEU A 85 0.80 5.22 -9.93
C LEU A 85 2.29 4.95 -9.79
N LEU A 86 2.94 4.62 -10.89
CA LEU A 86 4.38 4.35 -10.90
C LEU A 86 5.16 5.57 -10.42
N GLU A 87 4.46 6.69 -10.26
CA GLU A 87 5.09 7.91 -9.80
C GLU A 87 5.89 7.67 -8.52
N LEU A 88 5.18 7.61 -7.39
CA LEU A 88 5.82 7.40 -6.10
C LEU A 88 6.23 5.93 -5.94
N VAL A 89 5.55 5.05 -6.65
CA VAL A 89 5.84 3.62 -6.61
C VAL A 89 7.29 3.34 -7.01
N ASP A 90 7.84 4.21 -7.83
CA ASP A 90 9.22 4.07 -8.30
C ASP A 90 10.12 3.62 -7.16
N GLN A 91 10.11 4.38 -6.07
CA GLN A 91 10.94 4.07 -4.91
C GLN A 91 10.31 2.95 -4.08
N LEU A 92 9.11 3.19 -3.57
CA LEU A 92 8.40 2.20 -2.77
C LEU A 92 8.70 0.79 -3.25
N SER A 93 8.53 0.56 -4.56
CA SER A 93 8.79 -0.75 -5.14
C SER A 93 10.25 -1.14 -4.99
N HIS A 94 11.14 -0.22 -5.33
CA HIS A 94 12.58 -0.47 -5.22
C HIS A 94 13.02 -0.52 -3.76
N ILE A 95 12.07 -0.31 -2.86
CA ILE A 95 12.35 -0.33 -1.43
C ILE A 95 11.64 -1.49 -0.74
N CYS A 96 10.63 -2.04 -1.41
CA CYS A 96 9.87 -3.16 -0.87
C CYS A 96 10.11 -4.43 -1.67
N LEU A 97 11.08 -4.37 -2.58
CA LEU A 97 11.42 -5.51 -3.43
C LEU A 97 10.25 -5.86 -4.34
N HIS A 98 10.28 -5.32 -5.55
CA HIS A 98 9.22 -5.58 -6.53
C HIS A 98 9.40 -6.95 -7.17
N ASP A 99 10.64 -7.44 -7.18
CA ASP A 99 10.95 -8.75 -7.76
C ASP A 99 10.08 -9.84 -7.15
N TYR A 100 9.55 -9.57 -5.96
CA TYR A 100 8.70 -10.52 -5.27
C TYR A 100 7.35 -10.66 -5.96
N ARG A 101 6.94 -9.60 -6.65
CA ARG A 101 5.67 -9.60 -7.36
C ARG A 101 5.86 -10.01 -8.82
N GLU A 102 5.48 -11.24 -9.14
CA GLU A 102 5.61 -11.76 -10.49
C GLU A 102 7.06 -11.75 -10.94
N GLY A 1 5.42 19.32 -1.64
CA GLY A 1 5.80 18.04 -1.05
C GLY A 1 6.34 17.08 -2.08
N ALA A 2 7.67 17.02 -2.19
CA ALA A 2 8.31 16.12 -3.13
C ALA A 2 9.83 16.14 -2.96
N MET A 3 10.38 15.03 -2.49
CA MET A 3 11.82 14.93 -2.28
C MET A 3 12.25 13.47 -2.11
N ALA A 4 12.74 12.87 -3.20
CA ALA A 4 13.18 11.48 -3.16
C ALA A 4 14.65 11.37 -3.52
N MET A 5 15.27 10.27 -3.10
CA MET A 5 16.69 10.03 -3.38
C MET A 5 17.12 8.66 -2.86
N ALA A 6 16.98 8.46 -1.56
CA ALA A 6 17.37 7.19 -0.94
C ALA A 6 16.77 7.05 0.45
N LYS A 7 16.19 5.89 0.73
CA LYS A 7 15.58 5.63 2.03
C LYS A 7 16.15 4.36 2.66
N ALA A 8 16.01 3.25 1.97
CA ALA A 8 16.51 1.97 2.46
C ALA A 8 16.31 1.84 3.96
N ARG A 9 15.07 1.57 4.36
CA ARG A 9 14.74 1.42 5.78
C ARG A 9 14.00 0.11 6.03
N LYS A 10 13.37 0.01 7.20
CA LYS A 10 12.62 -1.18 7.56
C LYS A 10 11.51 -1.46 6.54
N PRO A 11 11.18 -2.75 6.35
CA PRO A 11 10.15 -3.18 5.41
C PRO A 11 8.75 -2.80 5.90
N ARG A 12 8.42 -3.20 7.11
CA ARG A 12 7.11 -2.90 7.70
C ARG A 12 6.83 -1.40 7.65
N GLU A 13 7.80 -0.61 8.08
CA GLU A 13 7.64 0.85 8.10
C GLU A 13 7.55 1.40 6.68
N ALA A 14 7.97 0.59 5.71
CA ALA A 14 7.93 1.00 4.31
C ALA A 14 6.49 1.03 3.79
N LEU A 15 5.71 0.03 4.19
CA LEU A 15 4.32 -0.06 3.76
C LEU A 15 3.48 1.06 4.36
N LEU A 16 3.78 1.40 5.62
CA LEU A 16 3.05 2.45 6.31
C LEU A 16 3.39 3.82 5.71
N TRP A 17 4.67 4.06 5.47
CA TRP A 17 5.11 5.32 4.90
C TRP A 17 4.75 5.41 3.43
N ALA A 18 4.74 4.26 2.75
CA ALA A 18 4.40 4.21 1.33
C ALA A 18 2.91 4.41 1.11
N LEU A 19 2.11 3.54 1.73
CA LEU A 19 0.66 3.63 1.61
C LEU A 19 0.15 5.02 1.93
N SER A 20 0.91 5.74 2.77
CA SER A 20 0.54 7.09 3.16
C SER A 20 1.07 8.11 2.17
N ASP A 21 2.08 7.71 1.40
CA ASP A 21 2.68 8.58 0.41
C ASP A 21 1.70 8.87 -0.73
N LEU A 22 0.82 7.91 -1.00
CA LEU A 22 -0.17 8.06 -2.06
C LEU A 22 -1.47 8.64 -1.52
N GLU A 23 -2.27 9.21 -2.40
CA GLU A 23 -3.55 9.81 -2.01
C GLU A 23 -4.57 8.72 -1.69
N GLU A 24 -5.54 9.06 -0.84
CA GLU A 24 -6.58 8.12 -0.46
C GLU A 24 -7.38 7.66 -1.67
N ASN A 25 -7.56 8.56 -2.62
CA ASN A 25 -8.31 8.24 -3.84
C ASN A 25 -7.48 7.35 -4.77
N ASP A 26 -6.30 6.97 -4.31
CA ASP A 26 -5.41 6.11 -5.09
C ASP A 26 -5.30 4.72 -4.48
N PHE A 27 -4.88 4.68 -3.22
CA PHE A 27 -4.73 3.41 -2.51
C PHE A 27 -6.06 2.66 -2.44
N LYS A 28 -7.15 3.41 -2.32
CA LYS A 28 -8.48 2.81 -2.26
C LYS A 28 -8.87 2.20 -3.60
N LYS A 29 -8.57 2.91 -4.67
CA LYS A 29 -8.88 2.42 -6.01
C LYS A 29 -8.23 1.07 -6.27
N LEU A 30 -6.97 0.93 -5.88
CA LEU A 30 -6.24 -0.32 -6.07
C LEU A 30 -6.80 -1.42 -5.16
N LYS A 31 -6.86 -1.14 -3.87
CA LYS A 31 -7.38 -2.09 -2.90
C LYS A 31 -8.80 -2.52 -3.27
N PHE A 32 -9.60 -1.57 -3.73
CA PHE A 32 -10.98 -1.85 -4.11
C PHE A 32 -11.04 -2.98 -5.13
N TYR A 33 -10.15 -2.94 -6.11
CA TYR A 33 -10.10 -3.97 -7.15
C TYR A 33 -9.08 -5.04 -6.80
N LEU A 34 -7.84 -4.63 -6.60
CA LEU A 34 -6.76 -5.56 -6.26
C LEU A 34 -7.14 -6.42 -5.05
N ARG A 35 -7.46 -5.76 -3.95
CA ARG A 35 -7.84 -6.47 -2.73
C ARG A 35 -9.11 -7.28 -2.95
N ASP A 36 -10.04 -6.73 -3.72
CA ASP A 36 -11.30 -7.42 -4.01
C ASP A 36 -11.05 -8.87 -4.41
N MET A 37 -10.13 -9.07 -5.33
CA MET A 37 -9.78 -10.41 -5.80
C MET A 37 -8.70 -11.03 -4.93
N THR A 38 -7.51 -10.43 -4.98
CA THR A 38 -6.38 -10.93 -4.21
C THR A 38 -6.80 -11.29 -2.78
N LEU A 39 -7.58 -10.41 -2.17
CA LEU A 39 -8.06 -10.63 -0.80
C LEU A 39 -9.57 -10.81 -0.78
N SER A 40 -10.10 -11.28 0.35
CA SER A 40 -11.52 -11.50 0.51
C SER A 40 -11.85 -12.02 1.90
N GLU A 41 -12.76 -11.33 2.59
CA GLU A 41 -13.16 -11.72 3.93
C GLU A 41 -14.31 -10.85 4.44
N GLY A 42 -14.29 -9.58 4.05
CA GLY A 42 -15.34 -8.66 4.48
C GLY A 42 -14.78 -7.41 5.12
N GLN A 43 -13.64 -6.94 4.64
CA GLN A 43 -13.01 -5.76 5.19
C GLN A 43 -14.01 -4.60 5.28
N PRO A 44 -13.67 -3.59 6.10
CA PRO A 44 -14.52 -2.42 6.30
C PRO A 44 -14.57 -1.53 5.07
N PRO A 45 -15.55 -0.62 5.03
CA PRO A 45 -15.74 0.31 3.91
C PRO A 45 -14.64 1.36 3.85
N LEU A 46 -14.17 1.67 2.64
CA LEU A 46 -13.12 2.65 2.44
C LEU A 46 -13.71 4.05 2.30
N ALA A 47 -12.91 5.07 2.63
CA ALA A 47 -13.35 6.45 2.53
C ALA A 47 -12.16 7.39 2.43
N ARG A 48 -12.44 8.68 2.19
CA ARG A 48 -11.39 9.68 2.09
C ARG A 48 -10.65 9.84 3.42
N GLY A 49 -11.39 9.75 4.51
CA GLY A 49 -10.80 9.89 5.83
C GLY A 49 -10.13 8.62 6.30
N GLU A 50 -10.28 7.54 5.52
CA GLU A 50 -9.68 6.26 5.86
C GLU A 50 -8.15 6.34 5.83
N LEU A 51 -7.63 6.98 4.80
CA LEU A 51 -6.18 7.12 4.66
C LEU A 51 -5.70 8.45 5.23
N GLU A 52 -6.42 9.52 4.91
CA GLU A 52 -6.07 10.85 5.40
C GLU A 52 -6.41 10.99 6.87
N GLY A 53 -7.67 10.71 7.22
CA GLY A 53 -8.09 10.81 8.61
C GLY A 53 -7.34 9.86 9.52
N LEU A 54 -7.42 8.57 9.21
CA LEU A 54 -6.74 7.56 10.01
C LEU A 54 -5.24 7.55 9.73
N ILE A 55 -4.56 6.52 10.21
CA ILE A 55 -3.12 6.39 10.01
C ILE A 55 -2.78 5.10 9.29
N PRO A 56 -1.59 5.06 8.67
CA PRO A 56 -1.11 3.88 7.94
C PRO A 56 -0.77 2.71 8.87
N VAL A 57 -0.19 3.03 10.02
CA VAL A 57 0.17 2.01 10.99
C VAL A 57 -1.07 1.30 11.54
N ASP A 58 -2.22 1.93 11.37
CA ASP A 58 -3.49 1.37 11.85
C ASP A 58 -4.18 0.58 10.74
N LEU A 59 -4.50 1.27 9.65
CA LEU A 59 -5.17 0.63 8.52
C LEU A 59 -4.35 -0.55 8.00
N ALA A 60 -3.04 -0.42 8.03
CA ALA A 60 -2.14 -1.48 7.57
C ALA A 60 -2.32 -2.75 8.40
N GLU A 61 -2.41 -2.57 9.72
CA GLU A 61 -2.58 -3.71 10.62
C GLU A 61 -3.81 -4.53 10.24
N LEU A 62 -4.83 -3.86 9.72
CA LEU A 62 -6.05 -4.53 9.31
C LEU A 62 -5.84 -5.31 8.02
N LEU A 63 -5.18 -4.69 7.05
CA LEU A 63 -4.91 -5.33 5.77
C LEU A 63 -4.02 -6.56 5.95
N ILE A 64 -2.95 -6.40 6.71
CA ILE A 64 -2.03 -7.49 6.98
C ILE A 64 -2.70 -8.61 7.76
N SER A 65 -3.67 -8.23 8.60
CA SER A 65 -4.39 -9.21 9.41
C SER A 65 -5.41 -9.97 8.57
N LYS A 66 -5.84 -9.34 7.47
CA LYS A 66 -6.82 -9.96 6.58
C LYS A 66 -6.26 -11.22 5.94
N TYR A 67 -5.22 -11.06 5.14
CA TYR A 67 -4.58 -12.18 4.47
C TYR A 67 -3.18 -12.44 5.01
N GLY A 68 -2.45 -11.36 5.27
CA GLY A 68 -1.11 -11.47 5.79
C GLY A 68 -0.22 -10.30 5.41
N GLU A 69 0.70 -9.94 6.29
CA GLU A 69 1.60 -8.82 6.03
C GLU A 69 2.35 -9.03 4.72
N LYS A 70 2.49 -10.28 4.31
CA LYS A 70 3.19 -10.61 3.08
C LYS A 70 2.46 -10.03 1.87
N GLU A 71 1.46 -10.75 1.39
CA GLU A 71 0.67 -10.30 0.24
C GLU A 71 0.22 -8.86 0.42
N ALA A 72 0.07 -8.45 1.68
CA ALA A 72 -0.36 -7.09 1.98
C ALA A 72 0.45 -6.06 1.20
N VAL A 73 1.76 -6.02 1.46
CA VAL A 73 2.65 -5.08 0.78
C VAL A 73 2.59 -5.27 -0.74
N LYS A 74 2.50 -6.53 -1.16
CA LYS A 74 2.43 -6.85 -2.58
C LYS A 74 1.19 -6.24 -3.22
N VAL A 75 0.06 -6.36 -2.53
CA VAL A 75 -1.20 -5.82 -3.02
C VAL A 75 -1.12 -4.31 -3.21
N VAL A 76 -0.19 -3.69 -2.52
CA VAL A 76 0.00 -2.24 -2.61
C VAL A 76 0.79 -1.87 -3.87
N LEU A 77 1.95 -2.49 -4.04
CA LEU A 77 2.79 -2.22 -5.20
C LEU A 77 2.15 -2.74 -6.47
N LYS A 78 1.68 -3.99 -6.43
CA LYS A 78 1.05 -4.61 -7.58
C LYS A 78 -0.06 -3.72 -8.14
N GLY A 79 -0.81 -3.09 -7.24
CA GLY A 79 -1.88 -2.21 -7.66
C GLY A 79 -1.41 -0.80 -7.93
N LEU A 80 -0.26 -0.45 -7.37
CA LEU A 80 0.30 0.89 -7.55
C LEU A 80 0.89 1.06 -8.94
N LYS A 81 1.36 -0.05 -9.51
CA LYS A 81 1.95 -0.02 -10.86
C LYS A 81 0.99 0.63 -11.85
N VAL A 82 -0.21 0.06 -11.98
CA VAL A 82 -1.20 0.59 -12.90
C VAL A 82 -1.57 2.02 -12.54
N MET A 83 -1.05 2.50 -11.42
CA MET A 83 -1.32 3.86 -10.96
C MET A 83 -0.14 4.78 -11.28
N ASN A 84 0.97 4.19 -11.71
CA ASN A 84 2.16 4.96 -12.03
C ASN A 84 2.73 5.63 -10.79
N LEU A 85 2.58 4.97 -9.64
CA LEU A 85 3.08 5.50 -8.38
C LEU A 85 4.53 5.08 -8.15
N LEU A 86 5.26 4.87 -9.24
CA LEU A 86 6.66 4.47 -9.16
C LEU A 86 7.49 5.53 -8.44
N GLU A 87 6.89 6.69 -8.21
CA GLU A 87 7.58 7.78 -7.54
C GLU A 87 8.19 7.32 -6.22
N LEU A 88 7.36 7.15 -5.20
CA LEU A 88 7.83 6.70 -3.90
C LEU A 88 8.10 5.20 -3.90
N VAL A 89 7.41 4.48 -4.78
CA VAL A 89 7.58 3.04 -4.89
C VAL A 89 9.04 2.67 -5.12
N ASP A 90 9.78 3.59 -5.76
CA ASP A 90 11.19 3.36 -6.04
C ASP A 90 11.88 2.67 -4.87
N GLN A 91 11.79 3.29 -3.69
CA GLN A 91 12.40 2.74 -2.50
C GLN A 91 11.54 1.63 -1.90
N LEU A 92 10.33 1.98 -1.49
CA LEU A 92 9.40 1.02 -0.91
C LEU A 92 9.59 -0.36 -1.53
N SER A 93 9.58 -0.42 -2.86
CA SER A 93 9.74 -1.68 -3.58
C SER A 93 11.11 -2.29 -3.28
N HIS A 94 12.16 -1.48 -3.43
CA HIS A 94 13.51 -1.95 -3.17
C HIS A 94 13.75 -2.17 -1.68
N ILE A 95 12.73 -1.89 -0.88
CA ILE A 95 12.83 -2.06 0.57
C ILE A 95 11.96 -3.23 1.04
N CYS A 96 10.96 -3.57 0.23
CA CYS A 96 10.06 -4.67 0.57
C CYS A 96 10.30 -5.87 -0.34
N LEU A 97 11.23 -5.71 -1.28
CA LEU A 97 11.56 -6.78 -2.22
C LEU A 97 10.42 -7.01 -3.21
N HIS A 98 9.92 -5.92 -3.79
CA HIS A 98 8.84 -6.00 -4.76
C HIS A 98 9.17 -6.99 -5.87
N ASP A 99 10.46 -7.26 -6.04
CA ASP A 99 10.92 -8.19 -7.07
C ASP A 99 10.08 -9.46 -7.08
N TYR A 100 9.51 -9.79 -5.92
CA TYR A 100 8.70 -10.98 -5.78
C TYR A 100 7.29 -10.76 -6.35
N ARG A 101 7.15 -9.70 -7.15
CA ARG A 101 5.87 -9.36 -7.75
C ARG A 101 6.07 -8.55 -9.03
N GLU A 102 6.95 -9.03 -9.90
CA GLU A 102 7.24 -8.35 -11.16
C GLU A 102 6.04 -8.43 -12.10
N GLY A 1 5.08 12.25 -13.59
CA GLY A 1 6.12 11.30 -13.22
C GLY A 1 7.04 11.84 -12.15
N ALA A 2 7.93 12.76 -12.53
CA ALA A 2 8.86 13.36 -11.59
C ALA A 2 9.75 12.30 -10.96
N MET A 3 10.77 12.74 -10.23
CA MET A 3 11.70 11.83 -9.57
C MET A 3 11.93 12.25 -8.12
N ALA A 4 12.73 11.46 -7.40
CA ALA A 4 13.04 11.75 -6.02
C ALA A 4 14.47 11.33 -5.67
N MET A 5 14.85 11.55 -4.41
CA MET A 5 16.19 11.20 -3.96
C MET A 5 16.18 10.82 -2.48
N ALA A 6 15.92 11.80 -1.63
CA ALA A 6 15.88 11.58 -0.18
C ALA A 6 16.97 10.60 0.25
N LYS A 7 16.74 9.94 1.37
CA LYS A 7 17.71 8.97 1.90
C LYS A 7 17.18 8.31 3.17
N ALA A 8 16.69 7.08 3.02
CA ALA A 8 16.16 6.34 4.16
C ALA A 8 15.80 4.91 3.75
N ARG A 9 15.80 4.01 4.73
CA ARG A 9 15.49 2.61 4.48
C ARG A 9 14.43 2.11 5.46
N LYS A 10 13.35 2.86 5.60
CA LYS A 10 12.27 2.49 6.51
C LYS A 10 11.14 1.80 5.76
N PRO A 11 11.05 0.47 5.93
CA PRO A 11 10.02 -0.34 5.28
C PRO A 11 8.63 -0.07 5.84
N ARG A 12 8.47 -0.32 7.14
CA ARG A 12 7.19 -0.11 7.80
C ARG A 12 6.67 1.29 7.55
N GLU A 13 7.53 2.28 7.73
CA GLU A 13 7.16 3.68 7.52
C GLU A 13 6.90 3.95 6.04
N ALA A 14 7.42 3.08 5.19
CA ALA A 14 7.25 3.23 3.74
C ALA A 14 5.81 2.98 3.33
N LEU A 15 5.22 1.94 3.90
CA LEU A 15 3.84 1.58 3.60
C LEU A 15 2.87 2.66 4.10
N LEU A 16 3.17 3.23 5.26
CA LEU A 16 2.34 4.27 5.84
C LEU A 16 2.40 5.54 5.02
N TRP A 17 3.61 5.93 4.61
CA TRP A 17 3.81 7.13 3.82
C TRP A 17 3.36 6.90 2.38
N ALA A 18 3.50 5.68 1.90
CA ALA A 18 3.11 5.34 0.55
C ALA A 18 1.59 5.26 0.42
N LEU A 19 0.98 4.35 1.17
CA LEU A 19 -0.47 4.18 1.15
C LEU A 19 -1.18 5.51 1.39
N SER A 20 -0.50 6.42 2.09
CA SER A 20 -1.08 7.73 2.39
C SER A 20 -0.76 8.73 1.27
N ASP A 21 0.28 8.43 0.50
CA ASP A 21 0.68 9.29 -0.61
C ASP A 21 -0.38 9.30 -1.71
N LEU A 22 -1.00 8.15 -1.94
CA LEU A 22 -2.03 8.03 -2.96
C LEU A 22 -3.40 8.43 -2.41
N GLU A 23 -4.31 8.77 -3.31
CA GLU A 23 -5.66 9.18 -2.91
C GLU A 23 -6.47 7.97 -2.43
N GLU A 24 -7.46 8.23 -1.59
CA GLU A 24 -8.31 7.16 -1.06
C GLU A 24 -9.05 6.45 -2.19
N ASN A 25 -9.43 7.21 -3.21
CA ASN A 25 -10.15 6.65 -4.35
C ASN A 25 -9.21 5.83 -5.23
N ASP A 26 -7.97 5.68 -4.79
CA ASP A 26 -6.98 4.93 -5.55
C ASP A 26 -6.59 3.65 -4.81
N PHE A 27 -6.15 3.80 -3.57
CA PHE A 27 -5.75 2.66 -2.76
C PHE A 27 -6.91 1.68 -2.57
N LYS A 28 -8.10 2.23 -2.36
CA LYS A 28 -9.30 1.42 -2.17
C LYS A 28 -9.62 0.62 -3.42
N LYS A 29 -9.52 1.26 -4.58
CA LYS A 29 -9.79 0.61 -5.85
C LYS A 29 -8.94 -0.66 -6.01
N LEU A 30 -7.71 -0.59 -5.53
CA LEU A 30 -6.80 -1.74 -5.61
C LEU A 30 -7.15 -2.79 -4.56
N LYS A 31 -7.20 -2.36 -3.31
CA LYS A 31 -7.52 -3.26 -2.20
C LYS A 31 -8.87 -3.92 -2.42
N PHE A 32 -9.74 -3.25 -3.17
CA PHE A 32 -11.07 -3.78 -3.46
C PHE A 32 -11.00 -4.98 -4.37
N TYR A 33 -10.19 -4.87 -5.43
CA TYR A 33 -10.04 -5.95 -6.39
C TYR A 33 -8.82 -6.80 -6.05
N LEU A 34 -7.66 -6.16 -5.95
CA LEU A 34 -6.42 -6.86 -5.64
C LEU A 34 -6.57 -7.68 -4.36
N ARG A 35 -6.92 -7.01 -3.26
CA ARG A 35 -7.09 -7.68 -1.98
C ARG A 35 -8.18 -8.75 -2.07
N ASP A 36 -9.24 -8.44 -2.80
CA ASP A 36 -10.35 -9.37 -2.97
C ASP A 36 -9.84 -10.76 -3.38
N MET A 37 -9.01 -10.80 -4.41
CA MET A 37 -8.46 -12.05 -4.89
C MET A 37 -7.16 -12.39 -4.17
N THR A 38 -6.14 -11.57 -4.35
CA THR A 38 -4.85 -11.77 -3.72
C THR A 38 -5.02 -12.14 -2.24
N LEU A 39 -5.95 -11.47 -1.58
CA LEU A 39 -6.22 -11.71 -0.17
C LEU A 39 -7.64 -12.24 0.04
N SER A 40 -7.95 -12.59 1.28
CA SER A 40 -9.28 -13.12 1.61
C SER A 40 -10.05 -12.13 2.48
N GLU A 41 -11.21 -12.56 2.97
CA GLU A 41 -12.04 -11.72 3.81
C GLU A 41 -11.47 -11.63 5.23
N GLY A 42 -12.22 -10.99 6.12
CA GLY A 42 -11.78 -10.84 7.49
C GLY A 42 -11.59 -9.39 7.90
N GLN A 43 -12.21 -8.49 7.15
CA GLN A 43 -12.12 -7.05 7.44
C GLN A 43 -13.41 -6.34 7.07
N PRO A 44 -13.56 -5.10 7.57
CA PRO A 44 -14.75 -4.28 7.30
C PRO A 44 -14.82 -3.81 5.86
N PRO A 45 -15.97 -3.22 5.48
CA PRO A 45 -16.19 -2.72 4.13
C PRO A 45 -15.34 -1.49 3.81
N LEU A 46 -14.75 -1.46 2.62
CA LEU A 46 -13.91 -0.34 2.20
C LEU A 46 -14.69 0.97 2.28
N ALA A 47 -13.96 2.07 2.46
CA ALA A 47 -14.59 3.39 2.54
C ALA A 47 -13.58 4.48 2.20
N ARG A 48 -14.04 5.51 1.50
CA ARG A 48 -13.19 6.62 1.11
C ARG A 48 -12.52 7.25 2.32
N GLY A 49 -13.19 7.17 3.47
CA GLY A 49 -12.65 7.74 4.68
C GLY A 49 -11.64 6.83 5.35
N GLU A 50 -11.58 5.58 4.89
CA GLU A 50 -10.65 4.60 5.45
C GLU A 50 -9.21 5.08 5.29
N LEU A 51 -8.98 5.95 4.31
CA LEU A 51 -7.64 6.48 4.06
C LEU A 51 -7.58 7.97 4.36
N GLU A 52 -8.61 8.70 3.93
CA GLU A 52 -8.67 10.14 4.16
C GLU A 52 -8.99 10.44 5.62
N GLY A 53 -10.08 9.87 6.11
CA GLY A 53 -10.49 10.10 7.49
C GLY A 53 -9.55 9.42 8.48
N LEU A 54 -9.42 8.11 8.35
CA LEU A 54 -8.55 7.34 9.24
C LEU A 54 -7.09 7.63 8.96
N ILE A 55 -6.20 6.83 9.55
CA ILE A 55 -4.77 7.00 9.36
C ILE A 55 -4.15 5.72 8.78
N PRO A 56 -2.96 5.88 8.16
CA PRO A 56 -2.23 4.76 7.56
C PRO A 56 -1.68 3.80 8.60
N VAL A 57 -1.15 4.35 9.69
CA VAL A 57 -0.59 3.54 10.76
C VAL A 57 -1.66 2.66 11.40
N ASP A 58 -2.92 3.03 11.20
CA ASP A 58 -4.03 2.27 11.75
C ASP A 58 -4.52 1.22 10.76
N LEU A 59 -4.95 1.68 9.59
CA LEU A 59 -5.45 0.78 8.55
C LEU A 59 -4.37 -0.23 8.14
N ALA A 60 -3.12 0.19 8.20
CA ALA A 60 -2.00 -0.67 7.84
C ALA A 60 -1.91 -1.87 8.79
N GLU A 61 -1.98 -1.58 10.08
CA GLU A 61 -1.89 -2.64 11.10
C GLU A 61 -2.97 -3.70 10.86
N LEU A 62 -4.11 -3.27 10.32
CA LEU A 62 -5.21 -4.18 10.06
C LEU A 62 -4.91 -5.05 8.84
N LEU A 63 -4.40 -4.43 7.78
CA LEU A 63 -4.07 -5.14 6.55
C LEU A 63 -2.99 -6.19 6.81
N ILE A 64 -1.92 -5.78 7.47
CA ILE A 64 -0.83 -6.68 7.79
C ILE A 64 -1.31 -7.87 8.61
N SER A 65 -2.32 -7.63 9.45
CA SER A 65 -2.88 -8.67 10.30
C SER A 65 -3.77 -9.61 9.49
N LYS A 66 -4.37 -9.08 8.43
CA LYS A 66 -5.25 -9.86 7.58
C LYS A 66 -4.54 -11.10 7.05
N TYR A 67 -3.49 -10.89 6.26
CA TYR A 67 -2.73 -12.00 5.69
C TYR A 67 -1.27 -11.92 6.11
N GLY A 68 -0.72 -10.70 6.14
CA GLY A 68 0.66 -10.51 6.53
C GLY A 68 1.20 -9.16 6.09
N GLU A 69 2.16 -8.65 6.85
CA GLU A 69 2.77 -7.35 6.54
C GLU A 69 3.57 -7.42 5.23
N LYS A 70 4.06 -8.62 4.92
CA LYS A 70 4.84 -8.83 3.71
C LYS A 70 4.01 -8.53 2.46
N GLU A 71 3.19 -9.49 2.06
CA GLU A 71 2.35 -9.33 0.89
C GLU A 71 1.55 -8.03 0.96
N ALA A 72 1.30 -7.57 2.18
CA ALA A 72 0.55 -6.34 2.41
C ALA A 72 1.10 -5.21 1.54
N VAL A 73 2.36 -4.84 1.78
CA VAL A 73 3.00 -3.78 1.03
C VAL A 73 3.07 -4.11 -0.46
N LYS A 74 3.16 -5.41 -0.76
CA LYS A 74 3.24 -5.87 -2.14
C LYS A 74 1.93 -5.60 -2.87
N VAL A 75 0.82 -5.95 -2.23
CA VAL A 75 -0.50 -5.75 -2.82
C VAL A 75 -0.80 -4.27 -3.02
N VAL A 76 -0.01 -3.42 -2.36
CA VAL A 76 -0.17 -1.98 -2.47
C VAL A 76 0.45 -1.44 -3.75
N LEU A 77 1.72 -1.76 -3.95
CA LEU A 77 2.44 -1.30 -5.14
C LEU A 77 1.94 -2.03 -6.38
N LYS A 78 1.78 -3.34 -6.27
CA LYS A 78 1.30 -4.16 -7.38
C LYS A 78 0.03 -3.58 -7.98
N GLY A 79 -0.89 -3.17 -7.11
CA GLY A 79 -2.14 -2.59 -7.57
C GLY A 79 -2.04 -1.12 -7.88
N LEU A 80 -1.00 -0.48 -7.35
CA LEU A 80 -0.78 0.95 -7.57
C LEU A 80 -0.32 1.20 -9.00
N LYS A 81 0.36 0.23 -9.59
CA LYS A 81 0.85 0.34 -10.96
C LYS A 81 -0.28 0.77 -11.90
N VAL A 82 -1.39 0.04 -11.86
CA VAL A 82 -2.54 0.33 -12.72
C VAL A 82 -3.10 1.72 -12.40
N MET A 83 -2.55 2.36 -11.38
CA MET A 83 -2.99 3.69 -10.98
C MET A 83 -1.98 4.76 -11.40
N ASN A 84 -0.85 4.31 -11.93
CA ASN A 84 0.19 5.23 -12.37
C ASN A 84 0.78 6.00 -11.18
N LEU A 85 0.90 5.31 -10.05
CA LEU A 85 1.45 5.93 -8.84
C LEU A 85 2.95 5.66 -8.73
N LEU A 86 3.61 5.50 -9.87
CA LEU A 86 5.04 5.24 -9.90
C LEU A 86 5.80 6.28 -9.08
N GLU A 87 5.17 7.44 -8.86
CA GLU A 87 5.78 8.52 -8.11
C GLU A 87 6.27 8.01 -6.75
N LEU A 88 5.34 7.91 -5.79
CA LEU A 88 5.67 7.45 -4.45
C LEU A 88 6.04 5.97 -4.46
N VAL A 89 5.52 5.24 -5.45
CA VAL A 89 5.80 3.82 -5.58
C VAL A 89 7.26 3.57 -5.92
N ASP A 90 7.85 4.48 -6.70
CA ASP A 90 9.24 4.36 -7.11
C ASP A 90 10.10 3.91 -5.93
N GLN A 91 10.00 4.63 -4.82
CA GLN A 91 10.78 4.30 -3.62
C GLN A 91 10.17 3.11 -2.88
N LEU A 92 8.93 3.29 -2.42
CA LEU A 92 8.23 2.24 -1.70
C LEU A 92 8.59 0.86 -2.25
N SER A 93 8.45 0.70 -3.57
CA SER A 93 8.76 -0.56 -4.22
C SER A 93 10.23 -0.93 -4.02
N HIS A 94 11.11 0.06 -4.21
CA HIS A 94 12.55 -0.16 -4.06
C HIS A 94 12.92 -0.34 -2.59
N ILE A 95 11.91 -0.27 -1.73
CA ILE A 95 12.14 -0.42 -0.29
C ILE A 95 11.61 -1.76 0.21
N CYS A 96 10.58 -2.26 -0.46
CA CYS A 96 9.98 -3.54 -0.09
C CYS A 96 10.32 -4.62 -1.11
N LEU A 97 11.32 -4.35 -1.94
CA LEU A 97 11.75 -5.30 -2.96
C LEU A 97 10.60 -5.65 -3.89
N HIS A 98 10.43 -4.85 -4.94
CA HIS A 98 9.36 -5.08 -5.92
C HIS A 98 9.75 -6.17 -6.90
N ASP A 99 11.06 -6.37 -7.07
CA ASP A 99 11.56 -7.39 -7.99
C ASP A 99 10.91 -8.73 -7.73
N TYR A 100 10.52 -8.97 -6.48
CA TYR A 100 9.88 -10.22 -6.10
C TYR A 100 8.44 -10.27 -6.58
N ARG A 101 7.83 -9.10 -6.73
CA ARG A 101 6.45 -9.00 -7.19
C ARG A 101 6.38 -9.11 -8.71
N GLU A 102 5.42 -9.89 -9.20
CA GLU A 102 5.24 -10.08 -10.63
C GLU A 102 5.20 -8.73 -11.35
N GLY A 1 7.59 12.91 -10.45
CA GLY A 1 8.83 12.24 -10.11
C GLY A 1 9.24 12.46 -8.68
N ALA A 2 10.39 11.92 -8.30
CA ALA A 2 10.90 12.07 -6.94
C ALA A 2 12.21 12.85 -6.92
N MET A 3 12.31 13.82 -6.01
CA MET A 3 13.52 14.63 -5.90
C MET A 3 13.97 14.71 -4.44
N ALA A 4 15.01 15.49 -4.20
CA ALA A 4 15.55 15.66 -2.84
C ALA A 4 16.12 14.35 -2.31
N MET A 5 16.31 13.39 -3.21
CA MET A 5 16.85 12.09 -2.82
C MET A 5 16.01 11.46 -1.72
N ALA A 6 16.44 10.28 -1.25
CA ALA A 6 15.73 9.58 -0.19
C ALA A 6 16.36 9.86 1.17
N LYS A 7 15.83 9.23 2.21
CA LYS A 7 16.34 9.41 3.56
C LYS A 7 16.47 8.06 4.27
N ALA A 8 15.35 7.38 4.45
CA ALA A 8 15.33 6.08 5.11
C ALA A 8 15.02 4.96 4.12
N ARG A 9 15.41 3.74 4.47
CA ARG A 9 15.17 2.59 3.62
C ARG A 9 14.35 1.53 4.34
N LYS A 10 13.57 1.97 5.33
CA LYS A 10 12.73 1.06 6.10
C LYS A 10 11.65 0.45 5.23
N PRO A 11 11.53 -0.89 5.27
CA PRO A 11 10.53 -1.62 4.48
C PRO A 11 9.11 -1.39 4.99
N ARG A 12 8.87 -1.76 6.25
CA ARG A 12 7.55 -1.59 6.85
C ARG A 12 7.07 -0.14 6.70
N GLU A 13 7.95 0.80 7.04
CA GLU A 13 7.61 2.21 6.96
C GLU A 13 7.41 2.64 5.51
N ALA A 14 7.89 1.82 4.58
CA ALA A 14 7.76 2.11 3.15
C ALA A 14 6.32 1.94 2.70
N LEU A 15 5.64 0.91 3.21
CA LEU A 15 4.26 0.64 2.85
C LEU A 15 3.32 1.67 3.47
N LEU A 16 3.64 2.10 4.68
CA LEU A 16 2.84 3.08 5.38
C LEU A 16 2.93 4.45 4.70
N TRP A 17 4.14 4.83 4.33
CA TRP A 17 4.37 6.11 3.66
C TRP A 17 3.88 6.07 2.21
N ALA A 18 3.98 4.90 1.60
CA ALA A 18 3.54 4.73 0.22
C ALA A 18 2.02 4.70 0.13
N LEU A 19 1.41 3.71 0.77
CA LEU A 19 -0.05 3.57 0.76
C LEU A 19 -0.72 4.91 1.08
N SER A 20 -0.05 5.72 1.88
CA SER A 20 -0.59 7.02 2.29
C SER A 20 -0.18 8.10 1.28
N ASP A 21 0.87 7.83 0.52
CA ASP A 21 1.35 8.77 -0.48
C ASP A 21 0.32 8.98 -1.59
N LEU A 22 -0.39 7.91 -1.92
CA LEU A 22 -1.41 7.97 -2.96
C LEU A 22 -2.72 8.53 -2.42
N GLU A 23 -3.57 9.01 -3.32
CA GLU A 23 -4.85 9.57 -2.93
C GLU A 23 -5.82 8.47 -2.50
N GLU A 24 -6.93 8.88 -1.88
CA GLU A 24 -7.93 7.92 -1.42
C GLU A 24 -8.66 7.28 -2.60
N ASN A 25 -8.87 8.06 -3.65
CA ASN A 25 -9.54 7.57 -4.84
C ASN A 25 -8.64 6.64 -5.65
N ASP A 26 -7.47 6.35 -5.09
CA ASP A 26 -6.50 5.47 -5.75
C ASP A 26 -6.32 4.18 -4.97
N PHE A 27 -5.98 4.31 -3.69
CA PHE A 27 -5.77 3.15 -2.85
C PHE A 27 -7.03 2.29 -2.76
N LYS A 28 -8.16 2.93 -2.48
CA LYS A 28 -9.43 2.24 -2.39
C LYS A 28 -9.70 1.41 -3.64
N LYS A 29 -9.48 2.02 -4.80
CA LYS A 29 -9.70 1.33 -6.07
C LYS A 29 -8.92 0.02 -6.12
N LEU A 30 -7.76 -0.01 -5.46
CA LEU A 30 -6.92 -1.20 -5.42
C LEU A 30 -7.50 -2.24 -4.47
N LYS A 31 -7.71 -1.84 -3.23
CA LYS A 31 -8.26 -2.73 -2.22
C LYS A 31 -9.60 -3.31 -2.66
N PHE A 32 -10.30 -2.57 -3.52
CA PHE A 32 -11.59 -3.00 -4.03
C PHE A 32 -11.44 -4.23 -4.92
N TYR A 33 -10.51 -4.16 -5.87
CA TYR A 33 -10.28 -5.26 -6.79
C TYR A 33 -9.16 -6.17 -6.28
N LEU A 34 -8.00 -5.56 -6.00
CA LEU A 34 -6.85 -6.31 -5.51
C LEU A 34 -7.23 -7.15 -4.28
N ARG A 35 -7.70 -6.47 -3.24
CA ARG A 35 -8.10 -7.15 -2.01
C ARG A 35 -9.23 -8.14 -2.28
N ASP A 36 -10.03 -7.85 -3.29
CA ASP A 36 -11.15 -8.71 -3.65
C ASP A 36 -10.67 -10.12 -3.98
N MET A 37 -9.73 -10.20 -4.92
CA MET A 37 -9.17 -11.49 -5.32
C MET A 37 -7.97 -11.86 -4.47
N THR A 38 -6.91 -11.08 -4.56
CA THR A 38 -5.69 -11.32 -3.80
C THR A 38 -6.02 -11.70 -2.35
N LEU A 39 -6.99 -10.99 -1.77
CA LEU A 39 -7.40 -11.25 -0.40
C LEU A 39 -8.80 -11.86 -0.35
N SER A 40 -9.05 -12.64 0.69
CA SER A 40 -10.35 -13.31 0.86
C SER A 40 -11.22 -12.54 1.85
N GLU A 41 -11.45 -11.26 1.56
CA GLU A 41 -12.27 -10.42 2.43
C GLU A 41 -11.86 -10.58 3.89
N GLY A 42 -12.74 -10.16 4.79
CA GLY A 42 -12.46 -10.27 6.21
C GLY A 42 -12.38 -8.92 6.89
N GLN A 43 -11.84 -7.93 6.18
CA GLN A 43 -11.71 -6.58 6.73
C GLN A 43 -12.97 -5.77 6.49
N PRO A 44 -13.14 -4.68 7.25
CA PRO A 44 -14.30 -3.79 7.14
C PRO A 44 -14.29 -3.00 5.84
N PRO A 45 -15.42 -2.32 5.56
CA PRO A 45 -15.57 -1.51 4.35
C PRO A 45 -14.69 -0.25 4.38
N LEU A 46 -14.03 0.03 3.26
CA LEU A 46 -13.17 1.20 3.16
C LEU A 46 -13.99 2.47 3.00
N ALA A 47 -13.37 3.62 3.27
CA ALA A 47 -14.04 4.91 3.15
C ALA A 47 -13.05 6.01 2.79
N ARG A 48 -13.56 7.23 2.68
CA ARG A 48 -12.72 8.38 2.33
C ARG A 48 -11.81 8.75 3.50
N GLY A 49 -12.36 8.73 4.71
CA GLY A 49 -11.59 9.07 5.88
C GLY A 49 -10.73 7.92 6.37
N GLU A 50 -10.83 6.79 5.69
CA GLU A 50 -10.05 5.61 6.06
C GLU A 50 -8.57 5.81 5.76
N LEU A 51 -8.29 6.57 4.70
CA LEU A 51 -6.92 6.83 4.30
C LEU A 51 -6.48 8.23 4.74
N GLU A 52 -7.31 9.23 4.43
CA GLU A 52 -7.02 10.60 4.80
C GLU A 52 -7.24 10.83 6.29
N GLY A 53 -8.44 10.50 6.76
CA GLY A 53 -8.77 10.68 8.15
C GLY A 53 -7.85 9.87 9.06
N LEU A 54 -7.84 8.56 8.87
CA LEU A 54 -7.01 7.67 9.68
C LEU A 54 -5.55 7.77 9.27
N ILE A 55 -4.73 6.84 9.75
CA ILE A 55 -3.31 6.81 9.42
C ILE A 55 -2.92 5.49 8.78
N PRO A 56 -1.79 5.50 8.05
CA PRO A 56 -1.28 4.30 7.37
C PRO A 56 -0.75 3.26 8.34
N VAL A 57 -0.11 3.73 9.41
CA VAL A 57 0.44 2.84 10.43
C VAL A 57 -0.67 2.10 11.17
N ASP A 58 -1.88 2.63 11.09
CA ASP A 58 -3.03 2.02 11.75
C ASP A 58 -3.76 1.08 10.81
N LEU A 59 -4.23 1.61 9.68
CA LEU A 59 -4.95 0.81 8.70
C LEU A 59 -4.08 -0.32 8.17
N ALA A 60 -2.78 -0.06 8.04
CA ALA A 60 -1.84 -1.05 7.55
C ALA A 60 -1.73 -2.22 8.52
N GLU A 61 -1.68 -1.91 9.81
CA GLU A 61 -1.57 -2.94 10.84
C GLU A 61 -2.72 -3.96 10.72
N LEU A 62 -3.90 -3.46 10.39
CA LEU A 62 -5.07 -4.32 10.24
C LEU A 62 -4.98 -5.14 8.96
N LEU A 63 -4.55 -4.50 7.88
CA LEU A 63 -4.42 -5.16 6.59
C LEU A 63 -3.41 -6.31 6.67
N ILE A 64 -2.23 -6.02 7.19
CA ILE A 64 -1.19 -7.04 7.33
C ILE A 64 -1.68 -8.21 8.16
N SER A 65 -2.58 -7.94 9.09
CA SER A 65 -3.13 -8.98 9.96
C SER A 65 -4.18 -9.81 9.23
N LYS A 66 -4.78 -9.21 8.20
CA LYS A 66 -5.79 -9.89 7.42
C LYS A 66 -5.32 -11.27 6.98
N TYR A 67 -4.27 -11.30 6.16
CA TYR A 67 -3.73 -12.56 5.67
C TYR A 67 -2.23 -12.64 5.95
N GLY A 68 -1.54 -11.52 5.79
CA GLY A 68 -0.10 -11.47 6.03
C GLY A 68 0.51 -10.14 5.66
N GLU A 69 1.51 -9.73 6.42
CA GLU A 69 2.19 -8.46 6.18
C GLU A 69 2.91 -8.48 4.84
N LYS A 70 3.28 -9.66 4.40
CA LYS A 70 3.98 -9.83 3.13
C LYS A 70 3.10 -9.39 1.96
N GLU A 71 2.16 -10.24 1.58
CA GLU A 71 1.24 -9.94 0.49
C GLU A 71 0.60 -8.57 0.67
N ALA A 72 0.45 -8.16 1.94
CA ALA A 72 -0.16 -6.87 2.25
C ALA A 72 0.47 -5.76 1.43
N VAL A 73 1.75 -5.51 1.63
CA VAL A 73 2.47 -4.47 0.91
C VAL A 73 2.36 -4.68 -0.60
N LYS A 74 2.35 -5.95 -1.01
CA LYS A 74 2.25 -6.29 -2.43
C LYS A 74 0.90 -5.84 -3.00
N VAL A 75 -0.17 -6.09 -2.25
CA VAL A 75 -1.50 -5.73 -2.69
C VAL A 75 -1.60 -4.23 -2.98
N VAL A 76 -0.71 -3.46 -2.36
CA VAL A 76 -0.69 -2.02 -2.56
C VAL A 76 0.02 -1.65 -3.86
N LEU A 77 1.24 -2.15 -4.04
CA LEU A 77 2.01 -1.87 -5.24
C LEU A 77 1.38 -2.54 -6.46
N LYS A 78 1.10 -3.83 -6.34
CA LYS A 78 0.49 -4.59 -7.43
C LYS A 78 -0.72 -3.84 -8.00
N GLY A 79 -1.54 -3.30 -7.12
CA GLY A 79 -2.72 -2.56 -7.56
C GLY A 79 -2.39 -1.14 -7.96
N LEU A 80 -1.25 -0.64 -7.50
CA LEU A 80 -0.83 0.71 -7.82
C LEU A 80 -0.32 0.80 -9.25
N LYS A 81 0.22 -0.30 -9.76
CA LYS A 81 0.74 -0.35 -11.12
C LYS A 81 -0.32 0.12 -12.12
N VAL A 82 -1.45 -0.56 -12.13
CA VAL A 82 -2.55 -0.21 -13.04
C VAL A 82 -2.99 1.24 -12.83
N MET A 83 -2.42 1.88 -11.81
CA MET A 83 -2.77 3.26 -11.51
C MET A 83 -1.71 4.22 -12.04
N ASN A 84 -0.58 3.66 -12.45
CA ASN A 84 0.52 4.46 -12.98
C ASN A 84 1.12 5.35 -11.90
N LEU A 85 1.09 4.86 -10.66
CA LEU A 85 1.64 5.61 -9.54
C LEU A 85 3.13 5.35 -9.38
N LEU A 86 3.80 5.08 -10.49
CA LEU A 86 5.24 4.81 -10.47
C LEU A 86 6.00 5.96 -9.83
N GLU A 87 5.31 7.08 -9.62
CA GLU A 87 5.92 8.25 -9.00
C GLU A 87 6.61 7.89 -7.70
N LEU A 88 5.83 7.72 -6.65
CA LEU A 88 6.36 7.36 -5.34
C LEU A 88 6.74 5.89 -5.29
N VAL A 89 6.08 5.08 -6.10
CA VAL A 89 6.34 3.65 -6.15
C VAL A 89 7.81 3.38 -6.46
N ASP A 90 8.45 4.32 -7.17
CA ASP A 90 9.85 4.19 -7.52
C ASP A 90 10.67 3.62 -6.36
N GLN A 91 10.57 4.27 -5.21
CA GLN A 91 11.29 3.82 -4.02
C GLN A 91 10.58 2.65 -3.35
N LEU A 92 9.35 2.89 -2.92
CA LEU A 92 8.55 1.85 -2.26
C LEU A 92 8.86 0.48 -2.85
N SER A 93 8.75 0.37 -4.17
CA SER A 93 9.02 -0.89 -4.86
C SER A 93 10.45 -1.35 -4.60
N HIS A 94 11.41 -0.45 -4.80
CA HIS A 94 12.82 -0.76 -4.60
C HIS A 94 13.13 -0.90 -3.11
N ILE A 95 12.12 -0.70 -2.28
CA ILE A 95 12.29 -0.82 -0.83
C ILE A 95 11.74 -2.14 -0.31
N CYS A 96 10.68 -2.62 -0.94
CA CYS A 96 10.06 -3.88 -0.54
C CYS A 96 10.43 -5.00 -1.51
N LEU A 97 11.32 -4.69 -2.45
CA LEU A 97 11.74 -5.67 -3.45
C LEU A 97 10.60 -6.04 -4.39
N HIS A 98 10.90 -6.13 -5.68
CA HIS A 98 9.90 -6.49 -6.67
C HIS A 98 9.78 -8.00 -6.80
N ASP A 99 10.83 -8.71 -6.43
CA ASP A 99 10.84 -10.17 -6.51
C ASP A 99 9.64 -10.75 -5.77
N TYR A 100 9.14 -10.02 -4.79
CA TYR A 100 8.00 -10.47 -4.01
C TYR A 100 6.71 -10.44 -4.84
N ARG A 101 6.70 -9.55 -5.84
CA ARG A 101 5.53 -9.43 -6.72
C ARG A 101 5.89 -9.79 -8.15
N GLU A 102 5.33 -10.90 -8.62
CA GLU A 102 5.58 -11.36 -9.98
C GLU A 102 5.33 -10.26 -11.00
N GLY A 1 10.39 20.67 -8.43
CA GLY A 1 10.99 20.73 -7.10
C GLY A 1 11.36 19.35 -6.56
N ALA A 2 12.34 19.32 -5.68
CA ALA A 2 12.79 18.05 -5.09
C ALA A 2 12.98 18.20 -3.58
N MET A 3 12.89 17.07 -2.88
CA MET A 3 13.05 17.06 -1.43
C MET A 3 14.21 16.16 -1.02
N ALA A 4 14.64 16.28 0.24
CA ALA A 4 15.74 15.46 0.75
C ALA A 4 15.20 14.21 1.44
N MET A 5 16.12 13.37 1.91
CA MET A 5 15.75 12.13 2.58
C MET A 5 16.34 12.09 3.98
N ALA A 6 15.69 11.35 4.88
CA ALA A 6 16.14 11.23 6.26
C ALA A 6 15.39 10.12 6.99
N LYS A 7 15.63 10.00 8.28
CA LYS A 7 14.97 8.99 9.10
C LYS A 7 15.42 7.58 8.70
N ALA A 8 15.63 6.73 9.68
CA ALA A 8 16.05 5.36 9.43
C ALA A 8 15.12 4.66 8.45
N ARG A 9 15.67 3.74 7.66
CA ARG A 9 14.88 3.01 6.68
C ARG A 9 14.26 1.76 7.30
N LYS A 10 12.94 1.64 7.19
CA LYS A 10 12.22 0.49 7.74
C LYS A 10 11.19 -0.02 6.76
N PRO A 11 11.06 -1.35 6.66
CA PRO A 11 10.11 -2.00 5.76
C PRO A 11 8.67 -1.81 6.22
N ARG A 12 8.40 -2.21 7.45
CA ARG A 12 7.05 -2.08 8.01
C ARG A 12 6.58 -0.63 7.99
N GLU A 13 7.45 0.28 8.43
CA GLU A 13 7.12 1.69 8.46
C GLU A 13 6.96 2.25 7.05
N ALA A 14 7.52 1.54 6.07
CA ALA A 14 7.44 1.95 4.67
C ALA A 14 6.04 1.75 4.13
N LEU A 15 5.40 0.64 4.52
CA LEU A 15 4.05 0.33 4.06
C LEU A 15 3.05 1.34 4.60
N LEU A 16 3.26 1.78 5.84
CA LEU A 16 2.38 2.76 6.47
C LEU A 16 2.52 4.13 5.81
N TRP A 17 3.75 4.50 5.50
CA TRP A 17 4.03 5.79 4.87
C TRP A 17 3.73 5.73 3.37
N ALA A 18 3.78 4.52 2.81
CA ALA A 18 3.52 4.34 1.39
C ALA A 18 2.03 4.46 1.09
N LEU A 19 1.24 3.54 1.63
CA LEU A 19 -0.20 3.55 1.42
C LEU A 19 -0.84 4.81 1.99
N SER A 20 -0.07 5.54 2.82
CA SER A 20 -0.56 6.77 3.42
C SER A 20 -0.28 7.97 2.52
N ASP A 21 0.72 7.82 1.64
CA ASP A 21 1.09 8.88 0.72
C ASP A 21 0.00 9.10 -0.33
N LEU A 22 -0.74 8.04 -0.64
CA LEU A 22 -1.81 8.12 -1.62
C LEU A 22 -3.14 8.45 -0.96
N GLU A 23 -4.08 8.97 -1.73
CA GLU A 23 -5.39 9.34 -1.23
C GLU A 23 -6.21 8.09 -0.88
N GLU A 24 -7.23 8.27 -0.05
CA GLU A 24 -8.08 7.15 0.35
C GLU A 24 -8.88 6.61 -0.83
N ASN A 25 -9.25 7.51 -1.75
CA ASN A 25 -10.01 7.12 -2.93
C ASN A 25 -9.11 6.41 -3.94
N ASP A 26 -7.87 6.17 -3.56
CA ASP A 26 -6.91 5.49 -4.42
C ASP A 26 -6.55 4.12 -3.87
N PHE A 27 -6.06 4.10 -2.63
CA PHE A 27 -5.68 2.86 -1.99
C PHE A 27 -6.86 1.91 -1.86
N LYS A 28 -8.03 2.47 -1.57
CA LYS A 28 -9.25 1.69 -1.42
C LYS A 28 -9.63 1.02 -2.74
N LYS A 29 -9.54 1.78 -3.82
CA LYS A 29 -9.88 1.27 -5.14
C LYS A 29 -9.09 0.01 -5.46
N LEU A 30 -7.83 -0.02 -5.03
CA LEU A 30 -6.97 -1.16 -5.26
C LEU A 30 -7.38 -2.34 -4.37
N LYS A 31 -7.46 -2.11 -3.08
CA LYS A 31 -7.85 -3.14 -2.12
C LYS A 31 -9.21 -3.73 -2.49
N PHE A 32 -10.04 -2.93 -3.16
CA PHE A 32 -11.36 -3.37 -3.57
C PHE A 32 -11.27 -4.48 -4.62
N TYR A 33 -10.40 -4.28 -5.60
CA TYR A 33 -10.22 -5.25 -6.67
C TYR A 33 -9.01 -6.14 -6.39
N LEU A 34 -7.86 -5.52 -6.18
CA LEU A 34 -6.63 -6.25 -5.90
C LEU A 34 -6.84 -7.23 -4.76
N ARG A 35 -7.23 -6.73 -3.60
CA ARG A 35 -7.46 -7.55 -2.43
C ARG A 35 -8.59 -8.56 -2.68
N ASP A 36 -9.58 -8.12 -3.45
CA ASP A 36 -10.72 -8.97 -3.77
C ASP A 36 -10.25 -10.32 -4.31
N MET A 37 -9.39 -10.29 -5.32
CA MET A 37 -8.87 -11.51 -5.93
C MET A 37 -7.62 -11.99 -5.19
N THR A 38 -6.56 -11.18 -5.27
CA THR A 38 -5.30 -11.53 -4.63
C THR A 38 -5.52 -12.00 -3.19
N LEU A 39 -6.30 -11.24 -2.43
CA LEU A 39 -6.61 -11.59 -1.05
C LEU A 39 -8.02 -12.14 -0.92
N SER A 40 -8.40 -12.50 0.30
CA SER A 40 -9.73 -13.05 0.55
C SER A 40 -10.67 -11.97 1.10
N GLU A 41 -11.87 -12.37 1.48
CA GLU A 41 -12.86 -11.44 2.02
C GLU A 41 -12.62 -11.20 3.51
N GLY A 42 -13.45 -10.36 4.11
CA GLY A 42 -13.32 -10.05 5.52
C GLY A 42 -13.15 -8.57 5.77
N GLN A 43 -12.57 -7.87 4.80
CA GLN A 43 -12.35 -6.43 4.93
C GLN A 43 -13.67 -5.67 5.05
N PRO A 44 -13.63 -4.46 5.63
CA PRO A 44 -14.82 -3.63 5.80
C PRO A 44 -15.34 -3.08 4.48
N PRO A 45 -16.54 -2.48 4.53
CA PRO A 45 -17.18 -1.91 3.34
C PRO A 45 -16.47 -0.65 2.84
N LEU A 46 -16.70 -0.31 1.57
CA LEU A 46 -16.08 0.86 0.98
C LEU A 46 -16.26 2.09 1.86
N ALA A 47 -15.16 2.59 2.41
CA ALA A 47 -15.21 3.77 3.27
C ALA A 47 -13.95 4.62 3.10
N ARG A 48 -14.14 5.88 2.73
CA ARG A 48 -13.02 6.80 2.54
C ARG A 48 -12.33 7.10 3.86
N GLY A 49 -13.03 6.88 4.96
CA GLY A 49 -12.46 7.12 6.28
C GLY A 49 -11.54 6.02 6.72
N GLU A 50 -11.40 4.99 5.90
CA GLU A 50 -10.53 3.86 6.21
C GLU A 50 -9.07 4.28 6.19
N LEU A 51 -8.72 5.18 5.29
CA LEU A 51 -7.36 5.67 5.15
C LEU A 51 -7.21 7.05 5.78
N GLU A 52 -8.14 7.95 5.45
CA GLU A 52 -8.11 9.30 5.97
C GLU A 52 -8.51 9.32 7.44
N GLY A 53 -9.69 8.77 7.74
CA GLY A 53 -10.16 8.74 9.11
C GLY A 53 -9.25 7.95 10.02
N LEU A 54 -9.02 6.68 9.69
CA LEU A 54 -8.16 5.83 10.50
C LEU A 54 -6.69 6.11 10.20
N ILE A 55 -5.81 5.21 10.67
CA ILE A 55 -4.38 5.36 10.45
C ILE A 55 -3.81 4.16 9.70
N PRO A 56 -2.64 4.36 9.08
CA PRO A 56 -1.96 3.30 8.33
C PRO A 56 -1.43 2.20 9.23
N VAL A 57 -0.84 2.59 10.36
CA VAL A 57 -0.28 1.63 11.30
C VAL A 57 -1.37 0.69 11.85
N ASP A 58 -2.62 1.14 11.74
CA ASP A 58 -3.75 0.35 12.23
C ASP A 58 -4.30 -0.56 11.12
N LEU A 59 -4.71 0.06 10.02
CA LEU A 59 -5.24 -0.69 8.87
C LEU A 59 -4.20 -1.66 8.33
N ALA A 60 -2.94 -1.28 8.42
CA ALA A 60 -1.85 -2.13 7.94
C ALA A 60 -1.78 -3.44 8.71
N GLU A 61 -1.78 -3.34 10.03
CA GLU A 61 -1.72 -4.51 10.89
C GLU A 61 -2.86 -5.49 10.56
N LEU A 62 -3.99 -4.93 10.13
CA LEU A 62 -5.15 -5.75 9.79
C LEU A 62 -4.95 -6.45 8.44
N LEU A 63 -4.47 -5.69 7.46
CA LEU A 63 -4.23 -6.23 6.12
C LEU A 63 -3.17 -7.33 6.17
N ILE A 64 -2.03 -7.02 6.78
CA ILE A 64 -0.93 -7.97 6.89
C ILE A 64 -1.39 -9.25 7.59
N SER A 65 -2.32 -9.10 8.54
CA SER A 65 -2.83 -10.24 9.28
C SER A 65 -3.88 -10.99 8.46
N LYS A 66 -4.51 -10.29 7.54
CA LYS A 66 -5.54 -10.89 6.69
C LYS A 66 -5.04 -12.18 6.06
N TYR A 67 -4.00 -12.06 5.22
CA TYR A 67 -3.43 -13.22 4.55
C TYR A 67 -1.93 -13.28 4.76
N GLY A 68 -1.28 -12.12 4.73
CA GLY A 68 0.15 -12.06 4.93
C GLY A 68 0.71 -10.67 4.72
N GLU A 69 1.72 -10.31 5.50
CA GLU A 69 2.34 -8.99 5.40
C GLU A 69 3.08 -8.85 4.08
N LYS A 70 3.59 -9.96 3.56
CA LYS A 70 4.32 -9.95 2.30
C LYS A 70 3.45 -9.43 1.17
N GLU A 71 2.53 -10.27 0.70
CA GLU A 71 1.63 -9.89 -0.39
C GLU A 71 0.94 -8.56 -0.08
N ALA A 72 0.81 -8.25 1.19
CA ALA A 72 0.18 -7.00 1.62
C ALA A 72 0.76 -5.80 0.87
N VAL A 73 2.05 -5.56 1.07
CA VAL A 73 2.73 -4.46 0.42
C VAL A 73 2.66 -4.58 -1.10
N LYS A 74 2.77 -5.81 -1.60
CA LYS A 74 2.70 -6.06 -3.03
C LYS A 74 1.34 -5.69 -3.59
N VAL A 75 0.29 -5.97 -2.83
CA VAL A 75 -1.07 -5.65 -3.25
C VAL A 75 -1.27 -4.15 -3.37
N VAL A 76 -0.44 -3.39 -2.68
CA VAL A 76 -0.53 -1.94 -2.70
C VAL A 76 0.16 -1.37 -3.95
N LEU A 77 1.41 -1.77 -4.17
CA LEU A 77 2.16 -1.30 -5.32
C LEU A 77 1.57 -1.84 -6.62
N LYS A 78 1.35 -3.15 -6.66
CA LYS A 78 0.78 -3.79 -7.85
C LYS A 78 -0.48 -3.05 -8.30
N GLY A 79 -1.36 -2.75 -7.35
CA GLY A 79 -2.60 -2.05 -7.68
C GLY A 79 -2.39 -0.57 -7.88
N LEU A 80 -1.33 -0.04 -7.27
CA LEU A 80 -1.03 1.39 -7.38
C LEU A 80 -0.45 1.72 -8.75
N LYS A 81 0.22 0.74 -9.35
CA LYS A 81 0.81 0.93 -10.68
C LYS A 81 -0.23 1.44 -11.67
N VAL A 82 -1.31 0.69 -11.83
CA VAL A 82 -2.39 1.06 -12.74
C VAL A 82 -2.99 2.42 -12.35
N MET A 83 -2.55 2.96 -11.22
CA MET A 83 -3.04 4.24 -10.75
C MET A 83 -2.02 5.34 -11.00
N ASN A 84 -0.81 4.94 -11.39
CA ASN A 84 0.26 5.90 -11.66
C ASN A 84 0.82 6.47 -10.36
N LEU A 85 0.77 5.68 -9.30
CA LEU A 85 1.27 6.10 -8.00
C LEU A 85 2.74 5.70 -7.83
N LEU A 86 3.46 5.59 -8.94
CA LEU A 86 4.87 5.22 -8.90
C LEU A 86 5.68 6.20 -8.07
N GLU A 87 5.09 7.35 -7.79
CA GLU A 87 5.76 8.38 -7.01
C GLU A 87 6.26 7.82 -5.68
N LEU A 88 5.36 7.70 -4.71
CA LEU A 88 5.71 7.17 -3.39
C LEU A 88 6.05 5.68 -3.49
N VAL A 89 5.47 5.00 -4.47
CA VAL A 89 5.72 3.57 -4.67
C VAL A 89 7.17 3.32 -5.06
N ASP A 90 7.78 4.29 -5.71
CA ASP A 90 9.18 4.17 -6.14
C ASP A 90 10.02 3.53 -5.04
N GLN A 91 9.95 4.09 -3.84
CA GLN A 91 10.71 3.58 -2.71
C GLN A 91 10.04 2.35 -2.12
N LEU A 92 8.81 2.52 -1.65
CA LEU A 92 8.07 1.42 -1.05
C LEU A 92 8.38 0.10 -1.74
N SER A 93 8.27 0.10 -3.07
CA SER A 93 8.55 -1.10 -3.85
C SER A 93 10.00 -1.54 -3.68
N HIS A 94 10.92 -0.59 -3.84
CA HIS A 94 12.35 -0.87 -3.70
C HIS A 94 12.71 -1.13 -2.24
N ILE A 95 11.72 -1.02 -1.36
CA ILE A 95 11.94 -1.24 0.06
C ILE A 95 11.41 -2.61 0.50
N CYS A 96 10.37 -3.07 -0.17
CA CYS A 96 9.77 -4.38 0.14
C CYS A 96 10.20 -5.42 -0.88
N LEU A 97 10.05 -5.10 -2.16
CA LEU A 97 10.42 -6.02 -3.22
C LEU A 97 10.13 -5.41 -4.59
N HIS A 98 11.10 -4.67 -5.12
CA HIS A 98 10.96 -4.03 -6.42
C HIS A 98 11.36 -4.97 -7.53
N ASP A 99 12.22 -5.92 -7.21
CA ASP A 99 12.70 -6.91 -8.20
C ASP A 99 11.61 -7.93 -8.50
N TYR A 100 10.65 -8.07 -7.59
CA TYR A 100 9.56 -9.02 -7.77
C TYR A 100 8.36 -8.34 -8.41
N ARG A 101 8.27 -7.02 -8.26
CA ARG A 101 7.17 -6.25 -8.83
C ARG A 101 7.50 -4.77 -8.87
N GLU A 102 8.12 -4.33 -9.96
CA GLU A 102 8.49 -2.93 -10.12
C GLU A 102 7.26 -2.04 -10.11
N GLY A 1 6.84 2.69 -16.84
CA GLY A 1 7.14 3.59 -15.74
C GLY A 1 8.61 3.95 -15.68
N ALA A 2 9.29 3.48 -14.64
CA ALA A 2 10.71 3.76 -14.46
C ALA A 2 11.30 2.94 -13.32
N MET A 3 12.37 2.21 -13.60
CA MET A 3 13.01 1.38 -12.60
C MET A 3 14.14 2.14 -11.91
N ALA A 4 14.32 1.90 -10.61
CA ALA A 4 15.36 2.57 -9.85
C ALA A 4 16.25 1.56 -9.13
N MET A 5 17.48 1.96 -8.82
CA MET A 5 18.42 1.09 -8.13
C MET A 5 19.14 1.85 -7.02
N ALA A 6 18.69 1.63 -5.78
CA ALA A 6 19.29 2.29 -4.63
C ALA A 6 18.66 1.79 -3.33
N LYS A 7 19.41 1.93 -2.24
CA LYS A 7 18.92 1.50 -0.92
C LYS A 7 18.47 2.69 -0.09
N ALA A 8 17.22 2.64 0.38
CA ALA A 8 16.67 3.71 1.19
C ALA A 8 16.25 3.20 2.57
N ARG A 9 15.58 4.05 3.33
CA ARG A 9 15.13 3.69 4.67
C ARG A 9 13.88 2.81 4.60
N LYS A 10 13.46 2.31 5.76
CA LYS A 10 12.28 1.45 5.83
C LYS A 10 11.30 1.97 6.87
N PRO A 11 10.91 3.25 6.74
CA PRO A 11 9.97 3.89 7.66
C PRO A 11 8.56 3.34 7.51
N ARG A 12 8.13 2.53 8.47
CA ARG A 12 6.80 1.94 8.45
C ARG A 12 5.73 3.02 8.40
N GLU A 13 5.92 4.07 9.20
CA GLU A 13 4.97 5.17 9.26
C GLU A 13 4.87 5.86 7.90
N ALA A 14 5.83 5.58 7.02
CA ALA A 14 5.84 6.18 5.69
C ALA A 14 4.87 5.47 4.76
N LEU A 15 4.78 4.15 4.89
CA LEU A 15 3.88 3.36 4.06
C LEU A 15 2.42 3.71 4.35
N LEU A 16 2.11 3.95 5.61
CA LEU A 16 0.77 4.30 6.02
C LEU A 16 0.41 5.72 5.57
N TRP A 17 1.42 6.56 5.45
CA TRP A 17 1.21 7.94 5.03
C TRP A 17 0.93 8.02 3.53
N ALA A 18 1.51 7.09 2.78
CA ALA A 18 1.31 7.05 1.34
C ALA A 18 -0.07 6.52 0.98
N LEU A 19 -0.40 5.34 1.49
CA LEU A 19 -1.69 4.72 1.23
C LEU A 19 -2.83 5.68 1.57
N SER A 20 -2.58 6.58 2.52
CA SER A 20 -3.58 7.55 2.93
C SER A 20 -3.52 8.80 2.07
N ASP A 21 -2.40 8.98 1.37
CA ASP A 21 -2.21 10.13 0.50
C ASP A 21 -3.13 10.06 -0.70
N LEU A 22 -3.35 8.84 -1.21
CA LEU A 22 -4.21 8.64 -2.37
C LEU A 22 -5.68 8.65 -1.95
N GLU A 23 -6.56 8.90 -2.92
CA GLU A 23 -8.00 8.93 -2.66
C GLU A 23 -8.52 7.54 -2.33
N GLU A 24 -9.65 7.50 -1.63
CA GLU A 24 -10.26 6.22 -1.24
C GLU A 24 -10.66 5.42 -2.47
N ASN A 25 -11.07 6.12 -3.53
CA ASN A 25 -11.48 5.48 -4.76
C ASN A 25 -10.28 4.93 -5.51
N ASP A 26 -9.09 5.08 -4.94
CA ASP A 26 -7.87 4.60 -5.55
C ASP A 26 -7.27 3.45 -4.76
N PHE A 27 -7.03 3.68 -3.47
CA PHE A 27 -6.46 2.66 -2.60
C PHE A 27 -7.38 1.45 -2.51
N LYS A 28 -8.69 1.70 -2.48
CA LYS A 28 -9.68 0.64 -2.40
C LYS A 28 -9.66 -0.22 -3.67
N LYS A 29 -9.56 0.44 -4.81
CA LYS A 29 -9.53 -0.26 -6.09
C LYS A 29 -8.43 -1.32 -6.11
N LEU A 30 -7.29 -0.99 -5.50
CA LEU A 30 -6.17 -1.93 -5.44
C LEU A 30 -6.44 -3.04 -4.44
N LYS A 31 -6.77 -2.67 -3.22
CA LYS A 31 -7.05 -3.64 -2.16
C LYS A 31 -8.19 -4.57 -2.58
N PHE A 32 -9.06 -4.07 -3.44
CA PHE A 32 -10.20 -4.85 -3.91
C PHE A 32 -9.73 -6.03 -4.76
N TYR A 33 -8.87 -5.75 -5.72
CA TYR A 33 -8.34 -6.79 -6.61
C TYR A 33 -6.99 -7.30 -6.11
N LEU A 34 -6.06 -6.37 -5.91
CA LEU A 34 -4.72 -6.72 -5.44
C LEU A 34 -4.79 -7.58 -4.18
N ARG A 35 -5.43 -7.04 -3.15
CA ARG A 35 -5.58 -7.76 -1.88
C ARG A 35 -6.40 -9.03 -2.07
N ASP A 36 -7.43 -8.94 -2.90
CA ASP A 36 -8.30 -10.09 -3.17
C ASP A 36 -7.47 -11.33 -3.50
N MET A 37 -6.50 -11.16 -4.40
CA MET A 37 -5.64 -12.27 -4.81
C MET A 37 -4.43 -12.36 -3.90
N THR A 38 -3.54 -11.38 -3.98
CA THR A 38 -2.33 -11.36 -3.17
C THR A 38 -2.64 -11.71 -1.72
N LEU A 39 -3.68 -11.09 -1.17
CA LEU A 39 -4.08 -11.34 0.21
C LEU A 39 -5.37 -12.15 0.26
N SER A 40 -5.84 -12.43 1.48
CA SER A 40 -7.07 -13.20 1.66
C SER A 40 -8.17 -12.33 2.26
N GLU A 41 -9.24 -12.97 2.72
CA GLU A 41 -10.36 -12.26 3.32
C GLU A 41 -10.09 -11.96 4.79
N GLY A 42 -11.15 -11.56 5.50
CA GLY A 42 -11.01 -11.25 6.91
C GLY A 42 -11.10 -9.76 7.19
N GLN A 43 -11.75 -9.03 6.28
CA GLN A 43 -11.91 -7.59 6.44
C GLN A 43 -13.35 -7.17 6.19
N PRO A 44 -13.69 -5.94 6.61
CA PRO A 44 -15.03 -5.40 6.44
C PRO A 44 -15.36 -5.09 4.99
N PRO A 45 -16.63 -4.76 4.73
CA PRO A 45 -17.11 -4.45 3.37
C PRO A 45 -16.55 -3.12 2.86
N LEU A 46 -16.45 -3.00 1.54
CA LEU A 46 -15.94 -1.78 0.93
C LEU A 46 -16.65 -0.54 1.47
N ALA A 47 -15.89 0.52 1.73
CA ALA A 47 -16.45 1.76 2.25
C ALA A 47 -15.54 2.93 1.96
N ARG A 48 -16.12 4.05 1.54
CA ARG A 48 -15.35 5.25 1.24
C ARG A 48 -14.75 5.85 2.51
N GLY A 49 -15.44 5.68 3.62
CA GLY A 49 -14.95 6.20 4.89
C GLY A 49 -13.84 5.37 5.48
N GLU A 50 -13.52 4.26 4.81
CA GLU A 50 -12.47 3.37 5.28
C GLU A 50 -11.11 4.06 5.25
N LEU A 51 -10.93 4.93 4.25
CA LEU A 51 -9.67 5.66 4.11
C LEU A 51 -9.83 7.10 4.56
N GLU A 52 -10.90 7.75 4.10
CA GLU A 52 -11.17 9.14 4.48
C GLU A 52 -11.62 9.25 5.92
N GLY A 53 -12.65 8.48 6.27
CA GLY A 53 -13.17 8.50 7.63
C GLY A 53 -12.15 8.00 8.64
N LEU A 54 -11.68 6.78 8.46
CA LEU A 54 -10.71 6.18 9.37
C LEU A 54 -9.32 6.78 9.13
N ILE A 55 -8.31 6.16 9.73
CA ILE A 55 -6.93 6.63 9.59
C ILE A 55 -6.04 5.54 9.02
N PRO A 56 -4.90 5.94 8.45
CA PRO A 56 -3.93 5.02 7.86
C PRO A 56 -3.22 4.16 8.91
N VAL A 57 -2.89 4.79 10.04
CA VAL A 57 -2.21 4.08 11.12
C VAL A 57 -3.08 2.97 11.69
N ASP A 58 -4.39 3.06 11.44
CA ASP A 58 -5.33 2.07 11.92
C ASP A 58 -5.56 0.98 10.87
N LEU A 59 -6.03 1.39 9.70
CA LEU A 59 -6.29 0.45 8.62
C LEU A 59 -5.03 -0.31 8.23
N ALA A 60 -3.89 0.38 8.28
CA ALA A 60 -2.61 -0.22 7.94
C ALA A 60 -2.29 -1.37 8.89
N GLU A 61 -2.46 -1.13 10.19
CA GLU A 61 -2.19 -2.14 11.20
C GLU A 61 -2.99 -3.42 10.94
N LEU A 62 -4.20 -3.24 10.40
CA LEU A 62 -5.07 -4.37 10.10
C LEU A 62 -4.60 -5.10 8.85
N LEU A 63 -4.31 -4.35 7.80
CA LEU A 63 -3.85 -4.93 6.54
C LEU A 63 -2.54 -5.69 6.74
N ILE A 64 -1.57 -5.02 7.36
CA ILE A 64 -0.27 -5.65 7.61
C ILE A 64 -0.42 -6.92 8.44
N SER A 65 -1.44 -6.94 9.31
CA SER A 65 -1.69 -8.09 10.16
C SER A 65 -2.44 -9.18 9.39
N LYS A 66 -3.18 -8.77 8.38
CA LYS A 66 -3.95 -9.70 7.56
C LYS A 66 -3.07 -10.86 7.09
N TYR A 67 -2.08 -10.55 6.28
CA TYR A 67 -1.16 -11.56 5.75
C TYR A 67 0.28 -11.25 6.14
N GLY A 68 0.63 -9.97 6.08
CA GLY A 68 1.98 -9.55 6.42
C GLY A 68 2.24 -8.09 6.10
N GLU A 69 3.05 -7.44 6.92
CA GLU A 69 3.37 -6.03 6.72
C GLU A 69 4.19 -5.83 5.45
N LYS A 70 4.93 -6.87 5.06
CA LYS A 70 5.75 -6.82 3.85
C LYS A 70 4.89 -6.64 2.61
N GLU A 71 4.26 -7.73 2.18
CA GLU A 71 3.41 -7.69 1.00
C GLU A 71 2.39 -6.56 1.08
N ALA A 72 2.02 -6.21 2.31
CA ALA A 72 1.06 -5.14 2.54
C ALA A 72 1.42 -3.89 1.74
N VAL A 73 2.57 -3.31 2.06
CA VAL A 73 3.03 -2.11 1.38
C VAL A 73 3.13 -2.34 -0.12
N LYS A 74 3.70 -3.47 -0.51
CA LYS A 74 3.86 -3.81 -1.92
C LYS A 74 2.50 -3.86 -2.62
N VAL A 75 1.48 -4.27 -1.87
CA VAL A 75 0.12 -4.36 -2.42
C VAL A 75 -0.41 -2.98 -2.79
N VAL A 76 0.11 -1.95 -2.14
CA VAL A 76 -0.31 -0.59 -2.40
C VAL A 76 0.33 -0.04 -3.67
N LEU A 77 1.65 -0.21 -3.78
CA LEU A 77 2.39 0.26 -4.95
C LEU A 77 2.07 -0.57 -6.18
N LYS A 78 2.16 -1.89 -6.03
CA LYS A 78 1.87 -2.81 -7.12
C LYS A 78 0.54 -2.46 -7.79
N GLY A 79 -0.45 -2.15 -6.97
CA GLY A 79 -1.76 -1.80 -7.50
C GLY A 79 -1.87 -0.34 -7.85
N LEU A 80 -1.03 0.49 -7.23
CA LEU A 80 -1.04 1.93 -7.48
C LEU A 80 -0.42 2.24 -8.84
N LYS A 81 0.52 1.41 -9.26
CA LYS A 81 1.19 1.59 -10.55
C LYS A 81 0.16 1.73 -11.68
N VAL A 82 -0.67 0.71 -11.83
CA VAL A 82 -1.70 0.72 -12.87
C VAL A 82 -2.64 1.90 -12.70
N MET A 83 -2.48 2.63 -11.60
CA MET A 83 -3.32 3.78 -11.32
C MET A 83 -2.58 5.09 -11.61
N ASN A 84 -1.27 4.97 -11.83
CA ASN A 84 -0.44 6.14 -12.12
C ASN A 84 -0.27 7.01 -10.88
N LEU A 85 0.02 6.38 -9.75
CA LEU A 85 0.19 7.10 -8.50
C LEU A 85 1.67 7.28 -8.18
N LEU A 86 2.50 7.34 -9.22
CA LEU A 86 3.94 7.50 -9.05
C LEU A 86 4.24 8.70 -8.16
N GLU A 87 3.29 9.61 -8.04
CA GLU A 87 3.46 10.80 -7.21
C GLU A 87 3.88 10.42 -5.80
N LEU A 88 2.91 10.04 -4.98
CA LEU A 88 3.17 9.64 -3.60
C LEU A 88 3.94 8.34 -3.55
N VAL A 89 3.77 7.51 -4.58
CA VAL A 89 4.46 6.22 -4.65
C VAL A 89 5.97 6.40 -4.73
N ASP A 90 6.40 7.51 -5.34
CA ASP A 90 7.82 7.81 -5.48
C ASP A 90 8.58 7.43 -4.21
N GLN A 91 8.12 7.93 -3.08
CA GLN A 91 8.76 7.65 -1.80
C GLN A 91 8.39 6.25 -1.31
N LEU A 92 7.10 6.03 -1.07
CA LEU A 92 6.62 4.74 -0.60
C LEU A 92 7.41 3.59 -1.23
N SER A 93 7.41 3.56 -2.56
CA SER A 93 8.13 2.51 -3.30
C SER A 93 9.61 2.48 -2.90
N HIS A 94 10.20 3.67 -2.76
CA HIS A 94 11.59 3.78 -2.39
C HIS A 94 11.81 3.40 -0.92
N ILE A 95 10.72 3.02 -0.26
CA ILE A 95 10.78 2.64 1.15
C ILE A 95 10.56 1.14 1.33
N CYS A 96 9.83 0.54 0.39
CA CYS A 96 9.54 -0.89 0.43
C CYS A 96 10.31 -1.63 -0.65
N LEU A 97 11.00 -0.88 -1.51
CA LEU A 97 11.78 -1.46 -2.59
C LEU A 97 10.86 -2.10 -3.63
N HIS A 98 10.67 -1.41 -4.75
CA HIS A 98 9.82 -1.90 -5.82
C HIS A 98 10.59 -2.85 -6.74
N ASP A 99 11.91 -2.68 -6.76
CA ASP A 99 12.77 -3.52 -7.60
C ASP A 99 12.57 -5.00 -7.26
N TYR A 100 12.10 -5.27 -6.06
CA TYR A 100 11.87 -6.63 -5.61
C TYR A 100 10.46 -7.10 -5.96
N ARG A 101 9.58 -6.14 -6.22
CA ARG A 101 8.20 -6.44 -6.58
C ARG A 101 8.05 -6.66 -8.08
N GLU A 102 7.76 -7.89 -8.47
CA GLU A 102 7.59 -8.22 -9.88
C GLU A 102 8.83 -7.83 -10.68
N GLY A 1 9.06 14.73 2.19
CA GLY A 1 8.87 15.24 0.85
C GLY A 1 8.32 14.19 -0.10
N ALA A 2 8.04 14.58 -1.34
CA ALA A 2 7.52 13.67 -2.34
C ALA A 2 8.50 13.49 -3.49
N MET A 3 9.60 14.23 -3.45
CA MET A 3 10.61 14.15 -4.49
C MET A 3 11.92 14.80 -4.04
N ALA A 4 12.54 14.21 -3.01
CA ALA A 4 13.79 14.73 -2.48
C ALA A 4 14.94 13.79 -2.79
N MET A 5 15.00 13.33 -4.04
CA MET A 5 16.07 12.42 -4.46
C MET A 5 16.01 11.12 -3.67
N ALA A 6 16.69 11.10 -2.53
CA ALA A 6 16.72 9.91 -1.68
C ALA A 6 17.59 10.14 -0.45
N LYS A 7 16.95 10.26 0.71
CA LYS A 7 17.67 10.48 1.96
C LYS A 7 17.40 9.35 2.94
N ALA A 8 16.17 9.26 3.43
CA ALA A 8 15.78 8.23 4.38
C ALA A 8 14.73 7.29 3.78
N ARG A 9 15.13 6.06 3.52
CA ARG A 9 14.22 5.07 2.94
C ARG A 9 14.17 3.81 3.80
N LYS A 10 12.97 3.42 4.21
CA LYS A 10 12.79 2.23 5.03
C LYS A 10 11.79 1.27 4.40
N PRO A 11 11.81 0.01 4.85
CA PRO A 11 10.91 -1.03 4.33
C PRO A 11 9.46 -0.79 4.75
N ARG A 12 9.18 -0.99 6.03
CA ARG A 12 7.83 -0.79 6.56
C ARG A 12 7.33 0.61 6.26
N GLU A 13 8.18 1.60 6.46
CA GLU A 13 7.82 3.00 6.22
C GLU A 13 7.57 3.23 4.73
N ALA A 14 8.04 2.31 3.90
CA ALA A 14 7.87 2.42 2.46
C ALA A 14 6.42 2.17 2.05
N LEU A 15 5.86 1.07 2.54
CA LEU A 15 4.47 0.71 2.22
C LEU A 15 3.52 1.77 2.76
N LEU A 16 3.84 2.35 3.92
CA LEU A 16 3.01 3.37 4.53
C LEU A 16 3.08 4.68 3.75
N TRP A 17 4.29 5.03 3.32
CA TRP A 17 4.49 6.26 2.55
C TRP A 17 3.99 6.09 1.12
N ALA A 18 4.10 4.88 0.59
CA ALA A 18 3.66 4.59 -0.77
C ALA A 18 2.13 4.52 -0.84
N LEU A 19 1.55 3.56 -0.14
CA LEU A 19 0.11 3.38 -0.13
C LEU A 19 -0.60 4.69 0.22
N SER A 20 0.10 5.55 0.95
CA SER A 20 -0.45 6.83 1.36
C SER A 20 -0.14 7.92 0.33
N ASP A 21 0.88 7.66 -0.49
CA ASP A 21 1.29 8.62 -1.52
C ASP A 21 0.21 8.75 -2.59
N LEU A 22 -0.74 7.82 -2.57
CA LEU A 22 -1.83 7.84 -3.55
C LEU A 22 -3.14 8.28 -2.90
N GLU A 23 -4.08 8.73 -3.72
CA GLU A 23 -5.38 9.17 -3.23
C GLU A 23 -6.20 7.99 -2.70
N GLU A 24 -7.12 8.28 -1.79
CA GLU A 24 -7.96 7.24 -1.20
C GLU A 24 -8.79 6.56 -2.27
N ASN A 25 -9.21 7.33 -3.28
CA ASN A 25 -10.01 6.79 -4.37
C ASN A 25 -9.17 5.93 -5.31
N ASP A 26 -7.91 5.74 -4.94
CA ASP A 26 -7.00 4.93 -5.75
C ASP A 26 -6.64 3.63 -5.02
N PHE A 27 -6.15 3.76 -3.80
CA PHE A 27 -5.76 2.60 -3.00
C PHE A 27 -6.99 1.77 -2.64
N LYS A 28 -8.09 2.43 -2.34
CA LYS A 28 -9.32 1.75 -1.97
C LYS A 28 -9.84 0.91 -3.13
N LYS A 29 -9.75 1.45 -4.34
CA LYS A 29 -10.22 0.75 -5.53
C LYS A 29 -9.49 -0.58 -5.69
N LEU A 30 -8.20 -0.59 -5.33
CA LEU A 30 -7.39 -1.80 -5.43
C LEU A 30 -7.76 -2.80 -4.33
N LYS A 31 -7.71 -2.32 -3.08
CA LYS A 31 -8.02 -3.16 -1.93
C LYS A 31 -9.45 -3.69 -2.03
N PHE A 32 -10.31 -2.95 -2.73
CA PHE A 32 -11.70 -3.35 -2.89
C PHE A 32 -11.81 -4.61 -3.74
N TYR A 33 -11.10 -4.63 -4.86
CA TYR A 33 -11.12 -5.78 -5.76
C TYR A 33 -9.93 -6.69 -5.49
N LEU A 34 -8.74 -6.12 -5.55
CA LEU A 34 -7.51 -6.89 -5.30
C LEU A 34 -7.60 -7.67 -4.00
N ARG A 35 -7.83 -6.94 -2.91
CA ARG A 35 -7.93 -7.56 -1.59
C ARG A 35 -9.10 -8.54 -1.54
N ASP A 36 -10.22 -8.14 -2.13
CA ASP A 36 -11.42 -8.98 -2.16
C ASP A 36 -11.06 -10.42 -2.55
N MET A 37 -10.28 -10.56 -3.62
CA MET A 37 -9.88 -11.88 -4.10
C MET A 37 -8.58 -12.31 -3.42
N THR A 38 -7.50 -11.59 -3.69
CA THR A 38 -6.20 -11.90 -3.12
C THR A 38 -6.32 -12.23 -1.63
N LEU A 39 -6.83 -11.27 -0.86
CA LEU A 39 -7.00 -11.45 0.58
C LEU A 39 -8.43 -11.85 0.91
N SER A 40 -8.72 -11.99 2.20
CA SER A 40 -10.05 -12.37 2.65
C SER A 40 -10.85 -11.14 3.07
N GLU A 41 -12.11 -11.35 3.42
CA GLU A 41 -12.98 -10.26 3.85
C GLU A 41 -12.73 -9.90 5.31
N GLY A 42 -13.57 -9.05 5.86
CA GLY A 42 -13.44 -8.64 7.25
C GLY A 42 -13.00 -7.19 7.38
N GLN A 43 -13.03 -6.46 6.27
CA GLN A 43 -12.63 -5.06 6.27
C GLN A 43 -13.86 -4.15 6.36
N PRO A 44 -13.65 -2.93 6.87
CA PRO A 44 -14.72 -1.94 7.02
C PRO A 44 -15.20 -1.40 5.68
N PRO A 45 -16.35 -0.70 5.70
CA PRO A 45 -16.93 -0.12 4.48
C PRO A 45 -16.11 1.04 3.95
N LEU A 46 -16.57 1.62 2.84
CA LEU A 46 -15.88 2.74 2.21
C LEU A 46 -15.58 3.84 3.23
N ALA A 47 -14.32 4.23 3.33
CA ALA A 47 -13.90 5.27 4.26
C ALA A 47 -12.67 6.00 3.75
N ARG A 48 -12.89 7.03 2.92
CA ARG A 48 -11.79 7.81 2.37
C ARG A 48 -10.92 8.39 3.48
N GLY A 49 -11.51 8.58 4.65
CA GLY A 49 -10.77 9.13 5.78
C GLY A 49 -9.87 8.11 6.43
N GLU A 50 -9.89 6.88 5.92
CA GLU A 50 -9.06 5.81 6.45
C GLU A 50 -7.62 5.93 5.95
N LEU A 51 -7.46 6.54 4.79
CA LEU A 51 -6.13 6.72 4.20
C LEU A 51 -5.63 8.15 4.41
N GLU A 52 -6.38 9.11 3.88
CA GLU A 52 -6.01 10.51 4.01
C GLU A 52 -6.24 11.02 5.44
N GLY A 53 -7.25 10.45 6.10
CA GLY A 53 -7.57 10.85 7.46
C GLY A 53 -6.73 10.10 8.48
N LEU A 54 -6.82 8.78 8.47
CA LEU A 54 -6.07 7.95 9.40
C LEU A 54 -4.77 7.45 8.78
N ILE A 55 -3.68 8.15 9.06
CA ILE A 55 -2.36 7.78 8.53
C ILE A 55 -2.34 6.30 8.15
N PRO A 56 -1.39 5.93 7.27
CA PRO A 56 -1.22 4.55 6.81
C PRO A 56 -0.69 3.63 7.91
N VAL A 57 0.05 4.21 8.85
CA VAL A 57 0.62 3.45 9.95
C VAL A 57 -0.47 2.76 10.76
N ASP A 58 -1.70 3.27 10.64
CA ASP A 58 -2.83 2.70 11.36
C ASP A 58 -3.52 1.63 10.52
N LEU A 59 -4.02 2.04 9.36
CA LEU A 59 -4.71 1.12 8.45
C LEU A 59 -3.79 -0.04 8.04
N ALA A 60 -2.49 0.25 7.99
CA ALA A 60 -1.51 -0.76 7.61
C ALA A 60 -1.45 -1.88 8.65
N GLU A 61 -1.51 -1.51 9.92
CA GLU A 61 -1.45 -2.48 11.01
C GLU A 61 -2.56 -3.52 10.86
N LEU A 62 -3.74 -3.07 10.46
CA LEU A 62 -4.89 -3.95 10.28
C LEU A 62 -4.73 -4.80 9.03
N LEU A 63 -4.27 -4.17 7.95
CA LEU A 63 -4.07 -4.87 6.68
C LEU A 63 -3.05 -5.99 6.83
N ILE A 64 -1.89 -5.66 7.39
CA ILE A 64 -0.83 -6.63 7.60
C ILE A 64 -1.31 -7.79 8.46
N SER A 65 -2.26 -7.51 9.35
CA SER A 65 -2.80 -8.53 10.24
C SER A 65 -3.85 -9.37 9.52
N LYS A 66 -4.55 -8.76 8.58
CA LYS A 66 -5.58 -9.45 7.81
C LYS A 66 -5.03 -10.76 7.24
N TYR A 67 -4.06 -10.64 6.34
CA TYR A 67 -3.46 -11.82 5.71
C TYR A 67 -1.97 -11.90 6.02
N GLY A 68 -1.30 -10.74 6.02
CA GLY A 68 0.11 -10.70 6.31
C GLY A 68 0.78 -9.44 5.80
N GLU A 69 1.87 -9.04 6.43
CA GLU A 69 2.60 -7.85 6.03
C GLU A 69 3.24 -8.03 4.65
N LYS A 70 3.50 -9.29 4.30
CA LYS A 70 4.12 -9.60 3.01
C LYS A 70 3.18 -9.22 1.86
N GLU A 71 2.24 -10.10 1.55
CA GLU A 71 1.29 -9.85 0.48
C GLU A 71 0.66 -8.46 0.61
N ALA A 72 0.59 -7.97 1.84
CA ALA A 72 0.01 -6.65 2.10
C ALA A 72 0.61 -5.60 1.17
N VAL A 73 1.91 -5.36 1.31
CA VAL A 73 2.60 -4.38 0.48
C VAL A 73 2.44 -4.70 -1.00
N LYS A 74 2.68 -5.96 -1.36
CA LYS A 74 2.54 -6.40 -2.75
C LYS A 74 1.17 -6.06 -3.30
N VAL A 75 0.14 -6.21 -2.47
CA VAL A 75 -1.22 -5.92 -2.88
C VAL A 75 -1.40 -4.44 -3.19
N VAL A 76 -0.52 -3.61 -2.64
CA VAL A 76 -0.57 -2.18 -2.85
C VAL A 76 0.05 -1.80 -4.20
N LEU A 77 1.28 -2.25 -4.42
CA LEU A 77 1.99 -1.97 -5.66
C LEU A 77 1.33 -2.67 -6.83
N LYS A 78 1.10 -3.96 -6.70
CA LYS A 78 0.47 -4.75 -7.74
C LYS A 78 -0.80 -4.07 -8.25
N GLY A 79 -1.60 -3.55 -7.33
CA GLY A 79 -2.83 -2.87 -7.70
C GLY A 79 -2.60 -1.43 -8.06
N LEU A 80 -1.44 -0.90 -7.69
CA LEU A 80 -1.11 0.49 -7.99
C LEU A 80 -0.80 0.68 -9.47
N LYS A 81 -0.29 -0.37 -10.09
CA LYS A 81 0.04 -0.33 -11.51
C LYS A 81 -1.14 0.17 -12.34
N VAL A 82 -2.27 -0.53 -12.22
CA VAL A 82 -3.47 -0.16 -12.95
C VAL A 82 -3.91 1.26 -12.60
N MET A 83 -3.22 1.88 -11.65
CA MET A 83 -3.53 3.23 -11.22
C MET A 83 -2.51 4.22 -11.75
N ASN A 84 -1.50 3.71 -12.43
CA ASN A 84 -0.44 4.55 -12.99
C ASN A 84 0.32 5.27 -11.88
N LEU A 85 0.52 4.58 -10.76
CA LEU A 85 1.23 5.15 -9.63
C LEU A 85 2.71 4.77 -9.66
N LEU A 86 3.22 4.50 -10.86
CA LEU A 86 4.61 4.12 -11.03
C LEU A 86 5.55 5.25 -10.60
N GLU A 87 4.98 6.44 -10.41
CA GLU A 87 5.76 7.60 -9.99
C GLU A 87 6.55 7.29 -8.72
N LEU A 88 5.87 7.28 -7.59
CA LEU A 88 6.51 7.00 -6.31
C LEU A 88 6.84 5.52 -6.18
N VAL A 89 6.06 4.68 -6.86
CA VAL A 89 6.28 3.24 -6.82
C VAL A 89 7.70 2.87 -7.23
N ASP A 90 8.28 3.71 -8.10
CA ASP A 90 9.65 3.48 -8.57
C ASP A 90 10.54 3.01 -7.43
N GLN A 91 10.55 3.77 -6.33
CA GLN A 91 11.37 3.43 -5.18
C GLN A 91 10.73 2.31 -4.36
N LEU A 92 9.52 2.58 -3.86
CA LEU A 92 8.79 1.59 -3.06
C LEU A 92 9.09 0.18 -3.54
N SER A 93 8.98 -0.04 -4.85
CA SER A 93 9.22 -1.35 -5.43
C SER A 93 10.68 -1.76 -5.23
N HIS A 94 11.60 -0.85 -5.56
CA HIS A 94 13.03 -1.12 -5.42
C HIS A 94 13.43 -1.15 -3.94
N ILE A 95 12.46 -0.88 -3.07
CA ILE A 95 12.72 -0.89 -1.64
C ILE A 95 12.32 -2.21 -1.00
N CYS A 96 11.19 -2.76 -1.44
CA CYS A 96 10.71 -4.03 -0.91
C CYS A 96 11.41 -5.20 -1.58
N LEU A 97 12.33 -4.89 -2.49
CA LEU A 97 13.08 -5.92 -3.21
C LEU A 97 12.15 -6.75 -4.09
N HIS A 98 12.69 -7.82 -4.67
CA HIS A 98 11.92 -8.70 -5.53
C HIS A 98 10.66 -9.19 -4.82
N ASP A 99 10.70 -9.18 -3.49
CA ASP A 99 9.56 -9.62 -2.70
C ASP A 99 8.38 -8.67 -2.86
N TYR A 100 8.61 -7.57 -3.57
CA TYR A 100 7.57 -6.58 -3.80
C TYR A 100 6.49 -7.13 -4.74
N ARG A 101 6.88 -8.09 -5.58
CA ARG A 101 5.96 -8.70 -6.53
C ARG A 101 6.57 -9.96 -7.13
N GLU A 102 5.77 -11.02 -7.20
CA GLU A 102 6.22 -12.29 -7.75
C GLU A 102 7.50 -12.75 -7.07
N GLY A 1 0.76 17.45 1.69
CA GLY A 1 1.85 18.39 1.90
C GLY A 1 1.91 18.91 3.32
N ALA A 2 2.61 18.17 4.19
CA ALA A 2 2.75 18.57 5.58
C ALA A 2 4.12 18.19 6.13
N MET A 3 4.30 16.90 6.42
CA MET A 3 5.56 16.41 6.95
C MET A 3 6.32 15.60 5.89
N ALA A 4 6.47 16.18 4.71
CA ALA A 4 7.18 15.52 3.62
C ALA A 4 8.67 15.85 3.64
N MET A 5 9.36 15.52 2.56
CA MET A 5 10.79 15.78 2.45
C MET A 5 11.56 14.98 3.49
N ALA A 6 11.49 13.66 3.38
CA ALA A 6 12.19 12.78 4.31
C ALA A 6 12.63 11.49 3.62
N LYS A 7 13.88 11.45 3.17
CA LYS A 7 14.42 10.27 2.50
C LYS A 7 14.22 9.03 3.35
N ALA A 8 15.07 8.85 4.36
CA ALA A 8 14.98 7.69 5.25
C ALA A 8 14.61 6.44 4.46
N ARG A 9 15.60 5.87 3.78
CA ARG A 9 15.38 4.66 2.99
C ARG A 9 14.92 3.51 3.87
N LYS A 10 13.61 3.32 3.97
CA LYS A 10 13.04 2.26 4.79
C LYS A 10 11.91 1.55 4.04
N PRO A 11 11.85 0.22 4.19
CA PRO A 11 10.82 -0.60 3.55
C PRO A 11 9.43 -0.37 4.14
N ARG A 12 9.32 -0.57 5.44
CA ARG A 12 8.06 -0.38 6.14
C ARG A 12 7.48 1.01 5.86
N GLU A 13 8.32 2.02 5.96
CA GLU A 13 7.89 3.40 5.73
C GLU A 13 7.68 3.64 4.23
N ALA A 14 8.24 2.77 3.41
CA ALA A 14 8.11 2.89 1.96
C ALA A 14 6.70 2.54 1.50
N LEU A 15 6.09 1.58 2.19
CA LEU A 15 4.73 1.15 1.85
C LEU A 15 3.70 2.14 2.38
N LEU A 16 3.98 2.72 3.55
CA LEU A 16 3.07 3.69 4.16
C LEU A 16 3.04 4.98 3.35
N TRP A 17 4.20 5.40 2.87
CA TRP A 17 4.30 6.63 2.07
C TRP A 17 3.75 6.41 0.67
N ALA A 18 3.92 5.20 0.16
CA ALA A 18 3.44 4.87 -1.18
C ALA A 18 1.93 4.70 -1.19
N LEU A 19 1.43 3.72 -0.44
CA LEU A 19 0.01 3.45 -0.37
C LEU A 19 -0.77 4.72 0.00
N SER A 20 -0.09 5.64 0.68
CA SER A 20 -0.70 6.89 1.10
C SER A 20 -0.50 7.98 0.04
N ASP A 21 0.48 7.76 -0.83
CA ASP A 21 0.78 8.71 -1.89
C ASP A 21 -0.33 8.73 -2.94
N LEU A 22 -1.26 7.79 -2.82
CA LEU A 22 -2.36 7.70 -3.77
C LEU A 22 -3.68 8.09 -3.10
N GLU A 23 -4.66 8.47 -3.91
CA GLU A 23 -5.96 8.87 -3.40
C GLU A 23 -6.69 7.70 -2.77
N GLU A 24 -7.51 7.98 -1.77
CA GLU A 24 -8.27 6.93 -1.08
C GLU A 24 -9.13 6.15 -2.07
N ASN A 25 -9.66 6.85 -3.07
CA ASN A 25 -10.50 6.22 -4.08
C ASN A 25 -9.66 5.37 -5.04
N ASP A 26 -8.37 5.28 -4.76
CA ASP A 26 -7.46 4.51 -5.60
C ASP A 26 -6.98 3.26 -4.86
N PHE A 27 -6.41 3.46 -3.67
CA PHE A 27 -5.90 2.35 -2.87
C PHE A 27 -7.03 1.41 -2.47
N LYS A 28 -8.17 1.99 -2.12
CA LYS A 28 -9.33 1.19 -1.70
C LYS A 28 -9.78 0.27 -2.83
N LYS A 29 -9.84 0.80 -4.04
CA LYS A 29 -10.26 0.02 -5.20
C LYS A 29 -9.41 -1.24 -5.34
N LEU A 30 -8.13 -1.11 -5.01
CA LEU A 30 -7.21 -2.25 -5.10
C LEU A 30 -7.45 -3.24 -3.98
N LYS A 31 -7.42 -2.75 -2.74
CA LYS A 31 -7.64 -3.60 -1.57
C LYS A 31 -8.99 -4.28 -1.65
N PHE A 32 -9.93 -3.65 -2.36
CA PHE A 32 -11.28 -4.20 -2.50
C PHE A 32 -11.25 -5.46 -3.36
N TYR A 33 -10.50 -5.41 -4.47
CA TYR A 33 -10.40 -6.55 -5.38
C TYR A 33 -9.15 -7.37 -5.07
N LEU A 34 -7.99 -6.72 -5.09
CA LEU A 34 -6.73 -7.38 -4.82
C LEU A 34 -6.78 -8.12 -3.48
N ARG A 35 -7.03 -7.38 -2.41
CA ARG A 35 -7.11 -7.96 -1.08
C ARG A 35 -8.23 -9.02 -1.01
N ASP A 36 -9.35 -8.72 -1.66
CA ASP A 36 -10.48 -9.64 -1.67
C ASP A 36 -10.04 -11.04 -2.09
N MET A 37 -9.33 -11.13 -3.21
CA MET A 37 -8.86 -12.42 -3.71
C MET A 37 -7.49 -12.76 -3.11
N THR A 38 -6.48 -11.97 -3.46
CA THR A 38 -5.12 -12.20 -2.97
C THR A 38 -5.13 -12.46 -1.47
N LEU A 39 -5.89 -11.67 -0.73
CA LEU A 39 -5.99 -11.81 0.72
C LEU A 39 -7.37 -12.31 1.12
N SER A 40 -7.56 -12.49 2.42
CA SER A 40 -8.84 -12.98 2.94
C SER A 40 -9.65 -11.83 3.56
N GLU A 41 -10.91 -12.10 3.86
CA GLU A 41 -11.78 -11.10 4.45
C GLU A 41 -11.21 -10.58 5.77
N GLY A 42 -11.99 -9.74 6.46
CA GLY A 42 -11.55 -9.20 7.73
C GLY A 42 -11.07 -7.76 7.60
N GLN A 43 -11.71 -7.00 6.72
CA GLN A 43 -11.35 -5.61 6.50
C GLN A 43 -12.51 -4.68 6.86
N PRO A 44 -12.18 -3.44 7.21
CA PRO A 44 -13.19 -2.43 7.58
C PRO A 44 -14.01 -1.97 6.39
N PRO A 45 -15.10 -1.24 6.66
CA PRO A 45 -16.00 -0.73 5.63
C PRO A 45 -15.34 0.38 4.79
N LEU A 46 -15.76 0.48 3.53
CA LEU A 46 -15.22 1.49 2.63
C LEU A 46 -15.29 2.87 3.25
N ALA A 47 -14.14 3.54 3.35
CA ALA A 47 -14.08 4.88 3.92
C ALA A 47 -12.84 5.63 3.44
N ARG A 48 -13.05 6.86 2.99
CA ARG A 48 -11.96 7.69 2.49
C ARG A 48 -11.06 8.15 3.63
N GLY A 49 -11.64 8.24 4.83
CA GLY A 49 -10.88 8.67 5.98
C GLY A 49 -9.96 7.58 6.52
N GLU A 50 -10.01 6.41 5.89
CA GLU A 50 -9.18 5.28 6.31
C GLU A 50 -7.77 5.40 5.73
N LEU A 51 -7.61 6.30 4.77
CA LEU A 51 -6.30 6.51 4.14
C LEU A 51 -5.79 7.92 4.40
N GLU A 52 -6.54 8.91 3.91
CA GLU A 52 -6.17 10.31 4.09
C GLU A 52 -6.41 10.76 5.53
N GLY A 53 -7.53 10.32 6.10
CA GLY A 53 -7.85 10.69 7.46
C GLY A 53 -6.98 9.97 8.48
N LEU A 54 -6.93 8.65 8.38
CA LEU A 54 -6.13 7.84 9.30
C LEU A 54 -4.83 7.40 8.63
N ILE A 55 -3.76 8.15 8.87
CA ILE A 55 -2.46 7.83 8.30
C ILE A 55 -2.37 6.35 7.95
N PRO A 56 -1.43 6.01 7.04
CA PRO A 56 -1.22 4.63 6.61
C PRO A 56 -0.59 3.78 7.69
N VAL A 57 0.16 4.41 8.58
CA VAL A 57 0.82 3.70 9.68
C VAL A 57 -0.20 2.97 10.54
N ASP A 58 -1.45 3.41 10.48
CA ASP A 58 -2.52 2.80 11.25
C ASP A 58 -3.18 1.67 10.48
N LEU A 59 -3.74 1.99 9.32
CA LEU A 59 -4.40 0.99 8.48
C LEU A 59 -3.42 -0.09 8.05
N ALA A 60 -2.15 0.27 7.93
CA ALA A 60 -1.11 -0.67 7.53
C ALA A 60 -0.94 -1.77 8.57
N GLU A 61 -0.91 -1.38 9.83
CA GLU A 61 -0.76 -2.34 10.92
C GLU A 61 -1.85 -3.41 10.87
N LEU A 62 -3.05 -3.00 10.48
CA LEU A 62 -4.17 -3.92 10.39
C LEU A 62 -4.05 -4.82 9.16
N LEU A 63 -3.71 -4.22 8.02
CA LEU A 63 -3.55 -4.96 6.78
C LEU A 63 -2.43 -5.99 6.91
N ILE A 64 -1.26 -5.54 7.34
CA ILE A 64 -0.12 -6.42 7.51
C ILE A 64 -0.44 -7.58 8.45
N SER A 65 -1.32 -7.33 9.41
CA SER A 65 -1.72 -8.35 10.37
C SER A 65 -2.78 -9.28 9.77
N LYS A 66 -3.48 -8.78 8.77
CA LYS A 66 -4.53 -9.56 8.11
C LYS A 66 -4.00 -10.95 7.72
N TYR A 67 -3.03 -10.98 6.82
CA TYR A 67 -2.45 -12.24 6.37
C TYR A 67 -0.93 -12.20 6.46
N GLY A 68 -0.35 -11.05 6.10
CA GLY A 68 1.09 -10.90 6.16
C GLY A 68 1.54 -9.54 5.69
N GLU A 69 2.59 -9.01 6.32
CA GLU A 69 3.12 -7.70 5.96
C GLU A 69 3.77 -7.74 4.58
N LYS A 70 4.31 -8.90 4.21
CA LYS A 70 4.96 -9.06 2.92
C LYS A 70 3.97 -8.80 1.78
N GLU A 71 3.10 -9.77 1.53
CA GLU A 71 2.10 -9.64 0.47
C GLU A 71 1.36 -8.31 0.58
N ALA A 72 1.26 -7.79 1.79
CA ALA A 72 0.58 -6.53 2.02
C ALA A 72 1.06 -5.45 1.05
N VAL A 73 2.35 -5.12 1.14
CA VAL A 73 2.94 -4.10 0.27
C VAL A 73 2.75 -4.47 -1.20
N LYS A 74 3.02 -5.74 -1.53
CA LYS A 74 2.88 -6.22 -2.90
C LYS A 74 1.45 -6.03 -3.40
N VAL A 75 0.48 -6.17 -2.50
CA VAL A 75 -0.92 -6.03 -2.83
C VAL A 75 -1.25 -4.58 -3.20
N VAL A 76 -0.40 -3.66 -2.74
CA VAL A 76 -0.59 -2.23 -3.02
C VAL A 76 -0.13 -1.88 -4.42
N LEU A 77 1.08 -2.31 -4.76
CA LEU A 77 1.65 -2.04 -6.08
C LEU A 77 0.93 -2.85 -7.16
N LYS A 78 0.74 -4.14 -6.90
CA LYS A 78 0.07 -5.03 -7.84
C LYS A 78 -1.24 -4.41 -8.32
N GLY A 79 -2.09 -4.03 -7.37
CA GLY A 79 -3.37 -3.44 -7.71
C GLY A 79 -3.24 -1.99 -8.16
N LEU A 80 -2.10 -1.38 -7.85
CA LEU A 80 -1.87 0.01 -8.22
C LEU A 80 -1.57 0.12 -9.71
N LYS A 81 -0.98 -0.92 -10.28
CA LYS A 81 -0.64 -0.94 -11.70
C LYS A 81 -1.86 -0.60 -12.55
N VAL A 82 -2.92 -1.39 -12.41
CA VAL A 82 -4.14 -1.17 -13.17
C VAL A 82 -4.74 0.21 -12.86
N MET A 83 -4.14 0.89 -11.89
CA MET A 83 -4.61 2.22 -11.50
C MET A 83 -3.67 3.30 -12.03
N ASN A 84 -2.62 2.88 -12.71
CA ASN A 84 -1.64 3.82 -13.27
C ASN A 84 -1.00 4.66 -12.16
N LEU A 85 -0.28 4.00 -11.27
CA LEU A 85 0.38 4.68 -10.17
C LEU A 85 1.89 4.42 -10.19
N LEU A 86 2.43 4.17 -11.38
CA LEU A 86 3.85 3.90 -11.53
C LEU A 86 4.69 5.08 -11.05
N GLU A 87 4.03 6.22 -10.84
CA GLU A 87 4.71 7.43 -10.39
C GLU A 87 5.53 7.14 -9.13
N LEU A 88 4.85 7.10 -7.99
CA LEU A 88 5.52 6.84 -6.71
C LEU A 88 5.91 5.37 -6.59
N VAL A 89 5.18 4.51 -7.30
CA VAL A 89 5.46 3.08 -7.27
C VAL A 89 6.86 2.78 -7.79
N ASP A 90 7.33 3.61 -8.72
CA ASP A 90 8.67 3.43 -9.29
C ASP A 90 9.67 3.03 -8.21
N GLN A 91 9.70 3.79 -7.13
CA GLN A 91 10.62 3.51 -6.03
C GLN A 91 10.11 2.36 -5.17
N LEU A 92 8.92 2.54 -4.59
CA LEU A 92 8.32 1.52 -3.74
C LEU A 92 8.71 0.13 -4.21
N SER A 93 8.56 -0.12 -5.52
CA SER A 93 8.89 -1.41 -6.09
C SER A 93 10.40 -1.69 -5.99
N HIS A 94 11.20 -0.69 -6.38
CA HIS A 94 12.65 -0.81 -6.32
C HIS A 94 13.14 -0.88 -4.88
N ILE A 95 12.22 -0.75 -3.95
CA ILE A 95 12.57 -0.79 -2.52
C ILE A 95 11.97 -2.01 -1.85
N CYS A 96 10.95 -2.60 -2.49
CA CYS A 96 10.29 -3.78 -1.95
C CYS A 96 10.40 -4.95 -2.92
N LEU A 97 11.41 -4.91 -3.78
CA LEU A 97 11.62 -5.97 -4.76
C LEU A 97 10.46 -6.05 -5.74
N HIS A 98 10.69 -5.60 -6.97
CA HIS A 98 9.66 -5.62 -8.00
C HIS A 98 9.64 -6.97 -8.71
N ASP A 99 10.77 -7.65 -8.71
CA ASP A 99 10.88 -8.96 -9.36
C ASP A 99 9.93 -9.96 -8.73
N TYR A 100 9.47 -9.65 -7.52
CA TYR A 100 8.54 -10.52 -6.81
C TYR A 100 7.17 -10.52 -7.46
N ARG A 101 6.87 -9.45 -8.19
CA ARG A 101 5.59 -9.32 -8.87
C ARG A 101 5.79 -9.01 -10.36
N GLU A 102 4.70 -9.05 -11.12
CA GLU A 102 4.76 -8.78 -12.55
C GLU A 102 4.31 -7.35 -12.84
N GLY A 1 20.69 -4.91 -17.83
CA GLY A 1 19.72 -5.03 -16.76
C GLY A 1 20.15 -4.33 -15.50
N ALA A 2 19.39 -4.54 -14.41
CA ALA A 2 19.71 -3.92 -13.14
C ALA A 2 20.21 -4.95 -12.13
N MET A 3 21.53 -5.07 -12.02
CA MET A 3 22.12 -6.03 -11.09
C MET A 3 22.92 -5.31 -10.01
N ALA A 4 23.55 -6.08 -9.13
CA ALA A 4 24.35 -5.51 -8.06
C ALA A 4 23.49 -4.67 -7.12
N MET A 5 22.59 -5.33 -6.40
CA MET A 5 21.70 -4.64 -5.46
C MET A 5 20.91 -5.64 -4.63
N ALA A 6 20.97 -5.49 -3.31
CA ALA A 6 20.26 -6.37 -2.40
C ALA A 6 20.18 -5.77 -1.00
N LYS A 7 19.05 -5.15 -0.69
CA LYS A 7 18.85 -4.54 0.62
C LYS A 7 17.39 -4.14 0.82
N ALA A 8 16.99 -3.98 2.07
CA ALA A 8 15.62 -3.59 2.39
C ALA A 8 15.57 -2.67 3.61
N ARG A 9 14.43 -2.04 3.83
CA ARG A 9 14.26 -1.13 4.95
C ARG A 9 12.93 -1.40 5.67
N LYS A 10 12.61 -0.54 6.63
CA LYS A 10 11.37 -0.69 7.40
C LYS A 10 10.64 0.65 7.49
N PRO A 11 10.34 1.24 6.32
CA PRO A 11 9.64 2.52 6.24
C PRO A 11 8.17 2.41 6.67
N ARG A 12 7.95 2.00 7.92
CA ARG A 12 6.61 1.85 8.45
C ARG A 12 5.85 3.17 8.39
N GLU A 13 6.50 4.24 8.85
CA GLU A 13 5.88 5.56 8.85
C GLU A 13 5.63 6.06 7.43
N ALA A 14 6.40 5.51 6.49
CA ALA A 14 6.26 5.89 5.09
C ALA A 14 4.98 5.31 4.48
N LEU A 15 4.75 4.02 4.73
CA LEU A 15 3.56 3.35 4.21
C LEU A 15 2.30 4.11 4.58
N LEU A 16 2.28 4.64 5.80
CA LEU A 16 1.11 5.41 6.27
C LEU A 16 0.98 6.73 5.53
N TRP A 17 2.12 7.34 5.23
CA TRP A 17 2.13 8.61 4.51
C TRP A 17 1.82 8.41 3.03
N ALA A 18 2.25 7.27 2.49
CA ALA A 18 2.02 6.95 1.09
C ALA A 18 0.55 6.59 0.85
N LEU A 19 0.09 5.54 1.51
CA LEU A 19 -1.28 5.09 1.37
C LEU A 19 -2.26 6.23 1.64
N SER A 20 -1.82 7.21 2.40
CA SER A 20 -2.66 8.36 2.73
C SER A 20 -2.51 9.46 1.68
N ASP A 21 -1.44 9.38 0.89
CA ASP A 21 -1.20 10.36 -0.15
C ASP A 21 -2.15 10.16 -1.33
N LEU A 22 -2.89 9.06 -1.29
CA LEU A 22 -3.84 8.75 -2.36
C LEU A 22 -5.28 8.80 -1.84
N GLU A 23 -6.23 8.95 -2.75
CA GLU A 23 -7.64 9.01 -2.38
C GLU A 23 -8.17 7.62 -2.03
N GLU A 24 -9.15 7.58 -1.15
CA GLU A 24 -9.75 6.32 -0.72
C GLU A 24 -10.32 5.55 -1.92
N ASN A 25 -10.80 6.30 -2.91
CA ASN A 25 -11.36 5.69 -4.11
C ASN A 25 -10.27 5.13 -5.01
N ASP A 26 -9.03 5.22 -4.55
CA ASP A 26 -7.89 4.71 -5.31
C ASP A 26 -7.29 3.49 -4.64
N PHE A 27 -6.86 3.65 -3.38
CA PHE A 27 -6.27 2.56 -2.63
C PHE A 27 -7.26 1.42 -2.44
N LYS A 28 -8.52 1.77 -2.25
CA LYS A 28 -9.57 0.78 -2.06
C LYS A 28 -9.76 -0.07 -3.32
N LYS A 29 -9.81 0.60 -4.47
CA LYS A 29 -9.98 -0.08 -5.75
C LYS A 29 -8.91 -1.15 -5.94
N LEU A 30 -7.68 -0.82 -5.61
CA LEU A 30 -6.56 -1.76 -5.74
C LEU A 30 -6.68 -2.89 -4.71
N LYS A 31 -6.78 -2.51 -3.44
CA LYS A 31 -6.90 -3.49 -2.36
C LYS A 31 -8.10 -4.40 -2.59
N PHE A 32 -9.11 -3.89 -3.28
CA PHE A 32 -10.32 -4.67 -3.56
C PHE A 32 -9.99 -5.87 -4.45
N TYR A 33 -9.23 -5.62 -5.51
CA TYR A 33 -8.84 -6.67 -6.43
C TYR A 33 -7.49 -7.27 -6.08
N LEU A 34 -6.49 -6.39 -5.95
CA LEU A 34 -5.14 -6.83 -5.60
C LEU A 34 -5.15 -7.69 -4.35
N ARG A 35 -5.65 -7.13 -3.25
CA ARG A 35 -5.72 -7.85 -1.99
C ARG A 35 -6.58 -9.10 -2.12
N ASP A 36 -7.72 -8.96 -2.80
CA ASP A 36 -8.63 -10.08 -3.00
C ASP A 36 -7.88 -11.32 -3.48
N MET A 37 -7.04 -11.13 -4.49
CA MET A 37 -6.26 -12.23 -5.05
C MET A 37 -4.93 -12.37 -4.33
N THR A 38 -4.07 -11.36 -4.46
CA THR A 38 -2.77 -11.37 -3.82
C THR A 38 -2.86 -11.85 -2.39
N LEU A 39 -3.85 -11.35 -1.66
CA LEU A 39 -4.06 -11.73 -0.27
C LEU A 39 -5.29 -12.61 -0.11
N SER A 40 -6.41 -11.99 0.27
CA SER A 40 -7.66 -12.71 0.45
C SER A 40 -8.71 -11.83 1.12
N GLU A 41 -9.83 -12.42 1.49
CA GLU A 41 -10.92 -11.70 2.15
C GLU A 41 -10.58 -11.42 3.61
N GLY A 42 -11.37 -10.54 4.24
CA GLY A 42 -11.13 -10.21 5.63
C GLY A 42 -11.01 -8.71 5.85
N GLN A 43 -11.79 -7.94 5.10
CA GLN A 43 -11.76 -6.49 5.22
C GLN A 43 -13.16 -5.94 5.49
N PRO A 44 -13.22 -4.69 5.97
CA PRO A 44 -14.49 -4.03 6.29
C PRO A 44 -15.28 -3.67 5.03
N PRO A 45 -16.53 -3.24 5.22
CA PRO A 45 -17.41 -2.86 4.12
C PRO A 45 -16.98 -1.57 3.43
N LEU A 46 -17.37 -1.40 2.17
CA LEU A 46 -17.01 -0.22 1.41
C LEU A 46 -17.32 1.05 2.20
N ALA A 47 -16.31 1.89 2.37
CA ALA A 47 -16.47 3.15 3.10
C ALA A 47 -15.41 4.16 2.71
N ARG A 48 -15.82 5.21 2.01
CA ARG A 48 -14.89 6.25 1.57
C ARG A 48 -14.20 6.89 2.76
N GLY A 49 -14.80 6.75 3.94
CA GLY A 49 -14.22 7.32 5.14
C GLY A 49 -13.08 6.49 5.70
N GLU A 50 -12.83 5.34 5.08
CA GLU A 50 -11.77 4.44 5.52
C GLU A 50 -10.42 5.15 5.48
N LEU A 51 -10.28 6.11 4.57
CA LEU A 51 -9.04 6.85 4.43
C LEU A 51 -9.26 8.33 4.74
N GLU A 52 -10.42 8.85 4.34
CA GLU A 52 -10.76 10.25 4.58
C GLU A 52 -11.08 10.49 6.06
N GLY A 53 -12.03 9.72 6.58
CA GLY A 53 -12.41 9.87 7.98
C GLY A 53 -11.40 9.27 8.92
N LEU A 54 -11.12 7.98 8.75
CA LEU A 54 -10.16 7.29 9.61
C LEU A 54 -8.74 7.78 9.35
N ILE A 55 -7.75 7.09 9.91
CA ILE A 55 -6.36 7.47 9.74
C ILE A 55 -5.55 6.32 9.14
N PRO A 56 -4.40 6.66 8.56
CA PRO A 56 -3.50 5.67 7.93
C PRO A 56 -2.84 4.77 8.97
N VAL A 57 -2.44 5.36 10.10
CA VAL A 57 -1.80 4.61 11.17
C VAL A 57 -2.73 3.54 11.74
N ASP A 58 -4.02 3.70 11.51
CA ASP A 58 -5.02 2.76 11.99
C ASP A 58 -5.37 1.73 10.91
N LEU A 59 -5.88 2.21 9.79
CA LEU A 59 -6.25 1.34 8.68
C LEU A 59 -5.08 0.46 8.26
N ALA A 60 -3.87 1.04 8.29
CA ALA A 60 -2.68 0.30 7.92
C ALA A 60 -2.45 -0.90 8.84
N GLU A 61 -2.66 -0.68 10.13
CA GLU A 61 -2.46 -1.74 11.12
C GLU A 61 -3.31 -2.96 10.77
N LEU A 62 -4.48 -2.72 10.18
CA LEU A 62 -5.39 -3.79 9.79
C LEU A 62 -4.84 -4.56 8.59
N LEU A 63 -4.37 -3.82 7.60
CA LEU A 63 -3.82 -4.43 6.39
C LEU A 63 -2.65 -5.34 6.73
N ILE A 64 -1.69 -4.83 7.48
CA ILE A 64 -0.53 -5.59 7.89
C ILE A 64 -0.93 -6.83 8.67
N SER A 65 -2.06 -6.75 9.35
CA SER A 65 -2.56 -7.87 10.15
C SER A 65 -3.22 -8.92 9.26
N LYS A 66 -3.70 -8.48 8.10
CA LYS A 66 -4.35 -9.38 7.15
C LYS A 66 -3.49 -10.62 6.90
N TYR A 67 -2.32 -10.41 6.32
CA TYR A 67 -1.41 -11.51 6.03
C TYR A 67 0.00 -11.20 6.53
N GLY A 68 0.42 -9.95 6.36
CA GLY A 68 1.74 -9.54 6.79
C GLY A 68 2.08 -8.13 6.39
N GLU A 69 2.83 -7.43 7.24
CA GLU A 69 3.21 -6.06 6.96
C GLU A 69 4.07 -5.98 5.70
N LYS A 70 4.78 -7.06 5.41
CA LYS A 70 5.64 -7.12 4.23
C LYS A 70 4.82 -6.91 2.95
N GLU A 71 4.17 -7.97 2.50
CA GLU A 71 3.36 -7.91 1.29
C GLU A 71 2.40 -6.72 1.34
N ALA A 72 2.04 -6.30 2.54
CA ALA A 72 1.14 -5.18 2.73
C ALA A 72 1.57 -3.99 1.89
N VAL A 73 2.74 -3.45 2.17
CA VAL A 73 3.27 -2.30 1.44
C VAL A 73 3.40 -2.62 -0.05
N LYS A 74 3.83 -3.84 -0.36
CA LYS A 74 3.99 -4.27 -1.74
C LYS A 74 2.66 -4.25 -2.48
N VAL A 75 1.59 -4.57 -1.76
CA VAL A 75 0.25 -4.58 -2.35
C VAL A 75 -0.23 -3.17 -2.66
N VAL A 76 0.40 -2.19 -2.03
CA VAL A 76 0.04 -0.79 -2.24
C VAL A 76 0.67 -0.25 -3.51
N LEU A 77 1.98 -0.43 -3.65
CA LEU A 77 2.70 0.04 -4.82
C LEU A 77 2.27 -0.72 -6.07
N LYS A 78 2.22 -2.04 -5.96
CA LYS A 78 1.82 -2.89 -7.08
C LYS A 78 0.47 -2.43 -7.65
N GLY A 79 -0.49 -2.20 -6.78
CA GLY A 79 -1.81 -1.77 -7.21
C GLY A 79 -1.82 -0.31 -7.60
N LEU A 80 -0.88 0.46 -7.07
CA LEU A 80 -0.80 1.88 -7.36
C LEU A 80 -0.25 2.12 -8.76
N LYS A 81 0.59 1.20 -9.22
CA LYS A 81 1.18 1.30 -10.55
C LYS A 81 0.11 1.49 -11.61
N VAL A 82 -0.78 0.51 -11.73
CA VAL A 82 -1.86 0.57 -12.71
C VAL A 82 -2.74 1.79 -12.48
N MET A 83 -2.48 2.50 -11.39
CA MET A 83 -3.26 3.70 -11.06
C MET A 83 -2.49 4.96 -11.42
N ASN A 84 -1.19 4.81 -11.66
CA ASN A 84 -0.34 5.94 -12.03
C ASN A 84 -0.07 6.82 -10.81
N LEU A 85 0.10 6.19 -9.65
CA LEU A 85 0.37 6.93 -8.42
C LEU A 85 1.86 7.09 -8.21
N LEU A 86 2.61 7.15 -9.30
CA LEU A 86 4.07 7.31 -9.22
C LEU A 86 4.43 8.61 -8.52
N GLU A 87 3.42 9.45 -8.27
CA GLU A 87 3.65 10.72 -7.60
C GLU A 87 4.42 10.52 -6.30
N LEU A 88 3.70 10.14 -5.24
CA LEU A 88 4.31 9.92 -3.94
C LEU A 88 5.12 8.63 -3.94
N VAL A 89 4.78 7.71 -4.83
CA VAL A 89 5.49 6.44 -4.93
C VAL A 89 6.98 6.66 -5.17
N ASP A 90 7.31 7.79 -5.78
CA ASP A 90 8.70 8.12 -6.07
C ASP A 90 9.61 7.74 -4.91
N GLN A 91 9.30 8.26 -3.72
CA GLN A 91 10.09 7.97 -2.53
C GLN A 91 9.71 6.62 -1.94
N LEU A 92 8.44 6.50 -1.53
CA LEU A 92 7.95 5.26 -0.95
C LEU A 92 8.67 4.05 -1.52
N SER A 93 8.71 3.98 -2.85
CA SER A 93 9.37 2.87 -3.54
C SER A 93 10.88 2.92 -3.32
N HIS A 94 11.44 4.13 -3.37
CA HIS A 94 12.87 4.32 -3.17
C HIS A 94 13.30 3.91 -1.76
N ILE A 95 12.31 3.53 -0.95
CA ILE A 95 12.58 3.12 0.42
C ILE A 95 12.19 1.66 0.64
N CYS A 96 11.33 1.14 -0.23
CA CYS A 96 10.88 -0.24 -0.13
C CYS A 96 11.66 -1.13 -1.09
N LEU A 97 11.97 -0.61 -2.27
CA LEU A 97 12.72 -1.36 -3.27
C LEU A 97 11.87 -2.49 -3.85
N HIS A 98 10.59 -2.51 -3.48
CA HIS A 98 9.67 -3.53 -3.97
C HIS A 98 9.06 -3.13 -5.31
N ASP A 99 9.06 -1.84 -5.59
CA ASP A 99 8.51 -1.32 -6.84
C ASP A 99 9.09 -2.08 -8.03
N TYR A 100 10.24 -2.71 -7.83
CA TYR A 100 10.90 -3.46 -8.88
C TYR A 100 10.11 -4.72 -9.23
N ARG A 101 9.02 -4.95 -8.50
CA ARG A 101 8.17 -6.12 -8.73
C ARG A 101 7.82 -6.25 -10.21
N GLU A 102 7.43 -7.46 -10.61
CA GLU A 102 7.07 -7.72 -12.00
C GLU A 102 5.64 -7.27 -12.28
#